data_4K32
# 
_entry.id   4K32 
# 
_audit_conform.dict_name       mmcif_pdbx.dic 
_audit_conform.dict_version    5.387 
_audit_conform.dict_location   http://mmcif.pdb.org/dictionaries/ascii/mmcif_pdbx.dic 
# 
loop_
_database_2.database_id 
_database_2.database_code 
_database_2.pdbx_database_accession 
_database_2.pdbx_DOI 
PDB   4K32         pdb_00004k32 10.2210/pdb4k32/pdb 
NDB   NA2344       ?            ?                   
RCSB  RCSB078828   ?            ?                   
WWPDB D_1000078828 ?            ?                   
# 
loop_
_pdbx_audit_revision_history.ordinal 
_pdbx_audit_revision_history.data_content_type 
_pdbx_audit_revision_history.major_revision 
_pdbx_audit_revision_history.minor_revision 
_pdbx_audit_revision_history.revision_date 
1 'Structure model' 1 0 2013-07-31 
2 'Structure model' 1 1 2013-09-04 
3 'Structure model' 1 2 2024-02-28 
# 
_pdbx_audit_revision_details.ordinal             1 
_pdbx_audit_revision_details.revision_ordinal    1 
_pdbx_audit_revision_details.data_content_type   'Structure model' 
_pdbx_audit_revision_details.provider            repository 
_pdbx_audit_revision_details.type                'Initial release' 
_pdbx_audit_revision_details.description         ? 
_pdbx_audit_revision_details.details             ? 
# 
loop_
_pdbx_audit_revision_group.ordinal 
_pdbx_audit_revision_group.revision_ordinal 
_pdbx_audit_revision_group.data_content_type 
_pdbx_audit_revision_group.group 
1 2 'Structure model' 'Database references'  
2 3 'Structure model' 'Data collection'      
3 3 'Structure model' 'Database references'  
4 3 'Structure model' 'Derived calculations' 
# 
loop_
_pdbx_audit_revision_category.ordinal 
_pdbx_audit_revision_category.revision_ordinal 
_pdbx_audit_revision_category.data_content_type 
_pdbx_audit_revision_category.category 
1 3 'Structure model' chem_comp_atom 
2 3 'Structure model' chem_comp_bond 
3 3 'Structure model' database_2     
4 3 'Structure model' struct_site    
# 
loop_
_pdbx_audit_revision_item.ordinal 
_pdbx_audit_revision_item.revision_ordinal 
_pdbx_audit_revision_item.data_content_type 
_pdbx_audit_revision_item.item 
1 3 'Structure model' '_database_2.pdbx_DOI'                
2 3 'Structure model' '_database_2.pdbx_database_accession' 
3 3 'Structure model' '_struct_site.pdbx_auth_asym_id'      
4 3 'Structure model' '_struct_site.pdbx_auth_comp_id'      
5 3 'Structure model' '_struct_site.pdbx_auth_seq_id'       
# 
_pdbx_database_status.status_code                     REL 
_pdbx_database_status.entry_id                        4K32 
_pdbx_database_status.recvd_initial_deposition_date   2013-04-10 
_pdbx_database_status.deposit_site                    RCSB 
_pdbx_database_status.process_site                    RCSB 
_pdbx_database_status.status_code_sf                  REL 
_pdbx_database_status.status_code_mr                  ? 
_pdbx_database_status.SG_entry                        ? 
_pdbx_database_status.status_code_cs                  ? 
_pdbx_database_status.methods_development_category    ? 
_pdbx_database_status.pdb_format_compatible           Y 
_pdbx_database_status.status_code_nmr_data            ? 
# 
_pdbx_database_related.db_name        PDB 
_pdbx_database_related.db_id          4K31 
_pdbx_database_related.details        . 
_pdbx_database_related.content_type   unspecified 
# 
loop_
_audit_author.name 
_audit_author.pdbx_ordinal 
'Shalev, M.' 1 
'Kondo, J.'  2 
'Adir, N.'   3 
'Baasov, T.' 4 
# 
_citation.id                        primary 
_citation.title                     
'Identification of the molecular attributes required for aminoglycoside activity against Leishmania.' 
_citation.journal_abbrev            Proc.Natl.Acad.Sci.USA 
_citation.journal_volume            110 
_citation.page_first                13333 
_citation.page_last                 13338 
_citation.year                      2013 
_citation.journal_id_ASTM           PNASA6 
_citation.country                   US 
_citation.journal_id_ISSN           0027-8424 
_citation.journal_id_CSD            0040 
_citation.book_publisher            ? 
_citation.pdbx_database_id_PubMed   23898171 
_citation.pdbx_database_id_DOI      10.1073/pnas.1307365110 
# 
loop_
_citation_author.citation_id 
_citation_author.name 
_citation_author.ordinal 
_citation_author.identifier_ORCID 
primary 'Shalev, M.'       1 ? 
primary 'Kondo, J.'        2 ? 
primary 'Kopelyanskiy, D.' 3 ? 
primary 'Jaffe, C.L.'      4 ? 
primary 'Adir, N.'         5 ? 
primary 'Baasov, T.'       6 ? 
# 
loop_
_entity.id 
_entity.type 
_entity.src_method 
_entity.pdbx_description 
_entity.formula_weight 
_entity.pdbx_number_of_molecules 
_entity.pdbx_ec 
_entity.pdbx_mutation 
_entity.pdbx_fragment 
_entity.details 
1 polymer     syn 
;RNA (5'-R(*UP*UP*GP*CP*GP*UP*CP*GP*UP*UP*CP*CP*GP*GP*AP*AP*AP*AP*GP*UP*CP*GP*C)-3')
;
7356.393 2  ? ? ? ? 
2 non-polymer syn GENETICIN                                                                             496.552  2  ? ? ? ? 
3 water       nat water                                                                                 18.015   11 ? ? ? ? 
# 
_entity_poly.entity_id                      1 
_entity_poly.type                           polyribonucleotide 
_entity_poly.nstd_linkage                   no 
_entity_poly.nstd_monomer                   no 
_entity_poly.pdbx_seq_one_letter_code       UUGCGUCGUUCCGGAAAAGUCGC 
_entity_poly.pdbx_seq_one_letter_code_can   UUGCGUCGUUCCGGAAAAGUCGC 
_entity_poly.pdbx_strand_id                 A,B 
_entity_poly.pdbx_target_identifier         ? 
# 
loop_
_pdbx_entity_nonpoly.entity_id 
_pdbx_entity_nonpoly.name 
_pdbx_entity_nonpoly.comp_id 
2 GENETICIN GET 
3 water     HOH 
# 
loop_
_entity_poly_seq.entity_id 
_entity_poly_seq.num 
_entity_poly_seq.mon_id 
_entity_poly_seq.hetero 
1 1  U n 
1 2  U n 
1 3  G n 
1 4  C n 
1 5  G n 
1 6  U n 
1 7  C n 
1 8  G n 
1 9  U n 
1 10 U n 
1 11 C n 
1 12 C n 
1 13 G n 
1 14 G n 
1 15 A n 
1 16 A n 
1 17 A n 
1 18 A n 
1 19 G n 
1 20 U n 
1 21 C n 
1 22 G n 
1 23 C n 
# 
_pdbx_entity_src_syn.entity_id              1 
_pdbx_entity_src_syn.pdbx_src_id            1 
_pdbx_entity_src_syn.pdbx_alt_source_flag   sample 
_pdbx_entity_src_syn.pdbx_beg_seq_num       ? 
_pdbx_entity_src_syn.pdbx_end_seq_num       ? 
_pdbx_entity_src_syn.organism_scientific    Leishmania 
_pdbx_entity_src_syn.organism_common_name   ? 
_pdbx_entity_src_syn.ncbi_taxonomy_id       38568 
_pdbx_entity_src_syn.details                ? 
# 
loop_
_chem_comp.id 
_chem_comp.type 
_chem_comp.mon_nstd_flag 
_chem_comp.name 
_chem_comp.pdbx_synonyms 
_chem_comp.formula 
_chem_comp.formula_weight 
A   'RNA linking' y "ADENOSINE-5'-MONOPHOSPHATE" ?    'C10 H14 N5 O7 P' 347.221 
C   'RNA linking' y "CYTIDINE-5'-MONOPHOSPHATE"  ?    'C9 H14 N3 O8 P'  323.197 
G   'RNA linking' y "GUANOSINE-5'-MONOPHOSPHATE" ?    'C10 H14 N5 O8 P' 363.221 
GET non-polymer   . GENETICIN                    G418 'C20 H40 N4 O10'  496.552 
HOH non-polymer   . WATER                        ?    'H2 O'            18.015  
U   'RNA linking' y "URIDINE-5'-MONOPHOSPHATE"   ?    'C9 H13 N2 O9 P'  324.181 
# 
loop_
_pdbx_poly_seq_scheme.asym_id 
_pdbx_poly_seq_scheme.entity_id 
_pdbx_poly_seq_scheme.seq_id 
_pdbx_poly_seq_scheme.mon_id 
_pdbx_poly_seq_scheme.ndb_seq_num 
_pdbx_poly_seq_scheme.pdb_seq_num 
_pdbx_poly_seq_scheme.auth_seq_num 
_pdbx_poly_seq_scheme.pdb_mon_id 
_pdbx_poly_seq_scheme.auth_mon_id 
_pdbx_poly_seq_scheme.pdb_strand_id 
_pdbx_poly_seq_scheme.pdb_ins_code 
_pdbx_poly_seq_scheme.hetero 
A 1 1  U 1  1  ?  ? ? A . n 
A 1 2  U 2  2  ?  ? ? A . n 
A 1 3  G 3  3  3  G G A . n 
A 1 4  C 4  4  4  C C A . n 
A 1 5  G 5  5  5  G G A . n 
A 1 6  U 6  6  6  U U A . n 
A 1 7  C 7  7  7  C C A . n 
A 1 8  G 8  8  8  G G A . n 
A 1 9  U 9  9  9  U U A . n 
A 1 10 U 10 10 10 U U A . n 
A 1 11 C 11 11 11 C C A . n 
A 1 12 C 12 12 12 C C A . n 
A 1 13 G 13 13 13 G G A . n 
A 1 14 G 14 14 14 G G A . n 
A 1 15 A 15 15 15 A A A . n 
A 1 16 A 16 16 16 A A A . n 
A 1 17 A 17 17 17 A A A . n 
A 1 18 A 18 18 18 A A A . n 
A 1 19 G 19 19 19 G G A . n 
A 1 20 U 20 20 20 U U A . n 
A 1 21 C 21 21 21 C C A . n 
A 1 22 G 22 22 22 G G A . n 
A 1 23 C 23 23 23 C C A . n 
B 1 1  U 1  24 ?  ? ? B . n 
B 1 2  U 2  25 ?  ? ? B . n 
B 1 3  G 3  26 26 G G B . n 
B 1 4  C 4  27 27 C C B . n 
B 1 5  G 5  28 28 G G B . n 
B 1 6  U 6  29 29 U U B . n 
B 1 7  C 7  30 30 C C B . n 
B 1 8  G 8  31 31 G G B . n 
B 1 9  U 9  32 32 U U B . n 
B 1 10 U 10 33 33 U U B . n 
B 1 11 C 11 34 34 C C B . n 
B 1 12 C 12 35 35 C C B . n 
B 1 13 G 13 36 36 G G B . n 
B 1 14 G 14 37 37 G G B . n 
B 1 15 A 15 38 38 A A B . n 
B 1 16 A 16 39 39 A A B . n 
B 1 17 A 17 40 40 A A B . n 
B 1 18 A 18 41 41 A A B . n 
B 1 19 G 19 42 42 G G B . n 
B 1 20 U 20 43 43 U U B . n 
B 1 21 C 21 44 44 C C B . n 
B 1 22 G 22 45 45 G G B . n 
B 1 23 C 23 46 46 C C B . n 
# 
loop_
_pdbx_nonpoly_scheme.asym_id 
_pdbx_nonpoly_scheme.entity_id 
_pdbx_nonpoly_scheme.mon_id 
_pdbx_nonpoly_scheme.ndb_seq_num 
_pdbx_nonpoly_scheme.pdb_seq_num 
_pdbx_nonpoly_scheme.auth_seq_num 
_pdbx_nonpoly_scheme.pdb_mon_id 
_pdbx_nonpoly_scheme.auth_mon_id 
_pdbx_nonpoly_scheme.pdb_strand_id 
_pdbx_nonpoly_scheme.pdb_ins_code 
C 2 GET 1 101 51 GET GET A . 
D 2 GET 1 101 50 GET GET B . 
E 3 HOH 1 201 2  HOH HOH A . 
E 3 HOH 2 202 3  HOH HOH A . 
E 3 HOH 3 203 7  HOH HOH A . 
E 3 HOH 4 204 8  HOH HOH A . 
E 3 HOH 5 205 10 HOH HOH A . 
E 3 HOH 6 206 11 HOH HOH A . 
F 3 HOH 1 201 1  HOH HOH B . 
F 3 HOH 2 202 4  HOH HOH B . 
F 3 HOH 3 203 5  HOH HOH B . 
F 3 HOH 4 204 6  HOH HOH B . 
F 3 HOH 5 205 9  HOH HOH B . 
# 
loop_
_software.name 
_software.classification 
_software.version 
_software.citation_id 
_software.pdbx_ordinal 
DNA    'data collection' .                            ? 1 
PHASER phasing           .                            ? 2 
PHENIX refinement        '(phenix.refine: 1.6.1_357)' ? 3 
XDS    'data reduction'  .                            ? 4 
XDS    'data scaling'    .                            ? 5 
# 
_cell.entry_id           4K32 
_cell.length_a           33.080 
_cell.length_b           90.760 
_cell.length_c           47.010 
_cell.angle_alpha        90.00 
_cell.angle_beta         90.00 
_cell.angle_gamma        90.00 
_cell.Z_PDB              8 
_cell.pdbx_unique_axis   ? 
_cell.length_a_esd       ? 
_cell.length_b_esd       ? 
_cell.length_c_esd       ? 
_cell.angle_alpha_esd    ? 
_cell.angle_beta_esd     ? 
_cell.angle_gamma_esd    ? 
# 
_symmetry.entry_id                         4K32 
_symmetry.space_group_name_H-M             'P 21 21 2' 
_symmetry.pdbx_full_space_group_name_H-M   ? 
_symmetry.cell_setting                     ? 
_symmetry.Int_Tables_number                18 
_symmetry.space_group_name_Hall            ? 
# 
_exptl.entry_id          4K32 
_exptl.method            'X-RAY DIFFRACTION' 
_exptl.crystals_number   2 
# 
_exptl_crystal.id                    1 
_exptl_crystal.density_meas          ? 
_exptl_crystal.density_Matthews      2.40 
_exptl_crystal.density_percent_sol   48.71 
_exptl_crystal.description           ? 
_exptl_crystal.F_000                 ? 
_exptl_crystal.preparation           ? 
# 
_exptl_crystal_grow.crystal_id      1 
_exptl_crystal_grow.method          'VAPOR DIFFUSION, HANGING DROP' 
_exptl_crystal_grow.temp            293.15 
_exptl_crystal_grow.temp_details    ? 
_exptl_crystal_grow.pH              7.0 
_exptl_crystal_grow.pdbx_pH_range   ? 
_exptl_crystal_grow.pdbx_details    
;50 mM Na cacodylate, 1 mM spermine tetrahydrochloride, 1-20% 2-methyl-2,4-pentadiol (vs. 40% reservoir), 100-200 mM KCl, pH 7.0, VAPOR DIFFUSION, HANGING DROP, temperature 293.15K
;
# 
_diffrn.id                     1 
_diffrn.ambient_temp           100 
_diffrn.ambient_temp_details   ? 
_diffrn.crystal_id             1 
# 
_diffrn_detector.diffrn_id              1 
_diffrn_detector.detector               CCD 
_diffrn_detector.type                   'ADSC QUANTUM 315r' 
_diffrn_detector.pdbx_collection_date   ? 
_diffrn_detector.details                ? 
# 
_diffrn_radiation.diffrn_id                        1 
_diffrn_radiation.wavelength_id                    1 
_diffrn_radiation.pdbx_monochromatic_or_laue_m_l   M 
_diffrn_radiation.monochromator                    ? 
_diffrn_radiation.pdbx_diffrn_protocol             'SINGLE WAVELENGTH' 
_diffrn_radiation.pdbx_scattering_type             x-ray 
# 
_diffrn_radiation_wavelength.id           1 
_diffrn_radiation_wavelength.wavelength   0.9394 
_diffrn_radiation_wavelength.wt           1.0 
# 
_diffrn_source.diffrn_id                   1 
_diffrn_source.source                      SYNCHROTRON 
_diffrn_source.type                        'ESRF BEAMLINE ID14-4' 
_diffrn_source.pdbx_synchrotron_site       ESRF 
_diffrn_source.pdbx_synchrotron_beamline   ID14-4 
_diffrn_source.pdbx_wavelength             ? 
_diffrn_source.pdbx_wavelength_list        0.9394 
# 
_reflns.pdbx_diffrn_id               1 
_reflns.pdbx_ordinal                 1 
_reflns.entry_id                     4K32 
_reflns.observed_criterion_sigma_I   21.5 
_reflns.observed_criterion_sigma_F   21.5 
_reflns.d_resolution_low             50 
_reflns.d_resolution_high            2.5 
_reflns.number_obs                   4294 
_reflns.number_all                   21134 
_reflns.percent_possible_obs         81.6 
_reflns.pdbx_Rmerge_I_obs            0.046 
_reflns.pdbx_Rsym_value              ? 
_reflns.pdbx_netI_over_sigmaI        ? 
_reflns.B_iso_Wilson_estimate        ? 
_reflns.pdbx_redundancy              ? 
_reflns.R_free_details               ? 
_reflns.pdbx_chi_squared             ? 
_reflns.pdbx_scaling_rejects         ? 
# 
_reflns_shell.pdbx_diffrn_id         1 
_reflns_shell.pdbx_ordinal           1 
_reflns_shell.d_res_high             2.5 
_reflns_shell.d_res_low              2.57 
_reflns_shell.percent_possible_all   84.7 
_reflns_shell.Rmerge_I_obs           0.64 
_reflns_shell.pdbx_Rsym_value        ? 
_reflns_shell.meanI_over_sigI_obs    2.0 
_reflns_shell.pdbx_redundancy        ? 
_reflns_shell.percent_possible_obs   ? 
_reflns_shell.number_unique_all      ? 
_reflns_shell.number_measured_all    ? 
_reflns_shell.number_measured_obs    ? 
_reflns_shell.number_unique_obs      ? 
_reflns_shell.pdbx_chi_squared       ? 
# 
_refine.pdbx_refine_id                           'X-RAY DIFFRACTION' 
_refine.entry_id                                 4K32 
_refine.pdbx_diffrn_id                           1 
_refine.pdbx_TLS_residual_ADP_flag               ? 
_refine.ls_number_reflns_obs                     4290 
_refine.ls_number_reflns_all                     4290 
_refine.pdbx_ls_sigma_I                          ? 
_refine.pdbx_ls_sigma_F                          2.04 
_refine.pdbx_data_cutoff_high_absF               ? 
_refine.pdbx_data_cutoff_low_absF                ? 
_refine.pdbx_data_cutoff_high_rms_absF           ? 
_refine.ls_d_res_low                             23.505 
_refine.ls_d_res_high                            2.500 
_refine.ls_percent_reflns_obs                    81.64 
_refine.ls_R_factor_obs                          0.2096 
_refine.ls_R_factor_all                          ? 
_refine.ls_R_factor_R_work                       0.2058 
_refine.ls_R_factor_R_free                       0.2445 
_refine.ls_R_factor_R_free_error                 ? 
_refine.ls_R_factor_R_free_error_details         ? 
_refine.ls_percent_reflns_R_free                 10.00 
_refine.ls_number_reflns_R_free                  429 
_refine.ls_number_parameters                     ? 
_refine.ls_number_restraints                     ? 
_refine.occupancy_min                            ? 
_refine.occupancy_max                            ? 
_refine.correlation_coeff_Fo_to_Fc               ? 
_refine.correlation_coeff_Fo_to_Fc_free          ? 
_refine.B_iso_mean                               ? 
_refine.aniso_B[1][1]                            1.5826 
_refine.aniso_B[2][2]                            -7.1484 
_refine.aniso_B[3][3]                            5.5658 
_refine.aniso_B[1][2]                            -0.0000 
_refine.aniso_B[1][3]                            0.0000 
_refine.aniso_B[2][3]                            0.0000 
_refine.solvent_model_details                    'FLAT BULK SOLVENT MODEL' 
_refine.solvent_model_param_ksol                 0.403 
_refine.solvent_model_param_bsol                 66.954 
_refine.pdbx_solvent_vdw_probe_radii             1.11 
_refine.pdbx_solvent_ion_probe_radii             ? 
_refine.pdbx_solvent_shrinkage_radii             0.90 
_refine.pdbx_ls_cross_valid_method               ? 
_refine.details                                  ? 
_refine.pdbx_starting_model                      ? 
_refine.pdbx_method_to_determine_struct          'MOLECULAR REPLACEMENT' 
_refine.pdbx_isotropic_thermal_model             ? 
_refine.pdbx_stereochemistry_target_values       MLHL 
_refine.pdbx_stereochem_target_val_spec_case     ? 
_refine.pdbx_R_Free_selection_details            ? 
_refine.pdbx_overall_ESU_R                       ? 
_refine.pdbx_overall_ESU_R_Free                  ? 
_refine.overall_SU_ML                            0.41 
_refine.pdbx_overall_phase_error                 25.06 
_refine.overall_SU_B                             ? 
_refine.overall_SU_R_Cruickshank_DPI             ? 
_refine.pdbx_overall_SU_R_free_Cruickshank_DPI   ? 
_refine.pdbx_overall_SU_R_Blow_DPI               ? 
_refine.pdbx_overall_SU_R_free_Blow_DPI          ? 
_refine.ls_redundancy_reflns_obs                 ? 
_refine.overall_SU_R_free                        ? 
_refine.ls_wR_factor_R_free                      ? 
_refine.ls_wR_factor_R_work                      ? 
_refine.overall_FOM_free_R_set                   ? 
_refine.overall_FOM_work_R_set                   ? 
# 
_refine_hist.pdbx_refine_id                   'X-RAY DIFFRACTION' 
_refine_hist.cycle_id                         LAST 
_refine_hist.pdbx_number_atoms_protein        0 
_refine_hist.pdbx_number_atoms_nucleic_acid   898 
_refine_hist.pdbx_number_atoms_ligand         68 
_refine_hist.number_atoms_solvent             11 
_refine_hist.number_atoms_total               977 
_refine_hist.d_res_high                       2.500 
_refine_hist.d_res_low                        23.505 
# 
loop_
_refine_ls_restr.type 
_refine_ls_restr.dev_ideal 
_refine_ls_restr.dev_ideal_target 
_refine_ls_restr.weight 
_refine_ls_restr.number 
_refine_ls_restr.pdbx_refine_id 
_refine_ls_restr.pdbx_restraint_function 
f_bond_d           0.006  ? ? 1137 'X-RAY DIFFRACTION' ? 
f_angle_d          0.954  ? ? 1766 'X-RAY DIFFRACTION' ? 
f_dihedral_angle_d 16.821 ? ? 581  'X-RAY DIFFRACTION' ? 
f_chiral_restr     0.057  ? ? 254  'X-RAY DIFFRACTION' ? 
f_plane_restr      0.008  ? ? 45   'X-RAY DIFFRACTION' ? 
# 
loop_
_refine_ls_shell.pdbx_refine_id 
_refine_ls_shell.pdbx_total_number_of_bins_used 
_refine_ls_shell.d_res_high 
_refine_ls_shell.d_res_low 
_refine_ls_shell.number_reflns_R_work 
_refine_ls_shell.R_factor_R_work 
_refine_ls_shell.percent_reflns_obs 
_refine_ls_shell.R_factor_R_free 
_refine_ls_shell.R_factor_R_free_error 
_refine_ls_shell.percent_reflns_R_free 
_refine_ls_shell.number_reflns_R_free 
_refine_ls_shell.number_reflns_all 
_refine_ls_shell.R_factor_all 
_refine_ls_shell.redundancy_reflns_obs 
_refine_ls_shell.number_reflns_obs 
'X-RAY DIFFRACTION' . 2.5004 2.8616  1295 0.3186 85.00 0.3486 . . 143 . . . . 
'X-RAY DIFFRACTION' . 2.8616 3.6033  1300 0.2102 83.00 0.2987 . . 144 . . . . 
'X-RAY DIFFRACTION' . 3.6033 23.5060 1266 0.1768 77.00 0.1956 . . 142 . . . . 
# 
_struct.entry_id                  4K32 
_struct.title                     'Crystal structure of geneticin bound to the leishmanial rRNA A-site' 
_struct.pdbx_model_details        ? 
_struct.pdbx_CASP_flag            ? 
_struct.pdbx_model_type_details   ? 
# 
_struct_keywords.entry_id        4K32 
_struct_keywords.pdbx_keywords   RNA/antibiotic 
_struct_keywords.text            'rRNA duplex, Ribosomal A-site, Aminoglycoside, Leishmanial ribosome, RNA, RNA-antibiotic complex' 
# 
loop_
_struct_asym.id 
_struct_asym.pdbx_blank_PDB_chainid_flag 
_struct_asym.pdbx_modified 
_struct_asym.entity_id 
_struct_asym.details 
A N N 1 ? 
B N N 1 ? 
C N N 2 ? 
D N N 2 ? 
E N N 3 ? 
F N N 3 ? 
# 
_struct_ref.id                         1 
_struct_ref.db_name                    PDB 
_struct_ref.db_code                    4K32 
_struct_ref.pdbx_db_accession          4K32 
_struct_ref.entity_id                  1 
_struct_ref.pdbx_align_begin           ? 
_struct_ref.pdbx_seq_one_letter_code   ? 
_struct_ref.pdbx_db_isoform            ? 
# 
loop_
_struct_ref_seq.align_id 
_struct_ref_seq.ref_id 
_struct_ref_seq.pdbx_PDB_id_code 
_struct_ref_seq.pdbx_strand_id 
_struct_ref_seq.seq_align_beg 
_struct_ref_seq.pdbx_seq_align_beg_ins_code 
_struct_ref_seq.seq_align_end 
_struct_ref_seq.pdbx_seq_align_end_ins_code 
_struct_ref_seq.pdbx_db_accession 
_struct_ref_seq.db_align_beg 
_struct_ref_seq.pdbx_db_align_beg_ins_code 
_struct_ref_seq.db_align_end 
_struct_ref_seq.pdbx_db_align_end_ins_code 
_struct_ref_seq.pdbx_auth_seq_align_beg 
_struct_ref_seq.pdbx_auth_seq_align_end 
1 1 4K32 A 1 ? 23 ? 4K32 1  ? 23 ? 1  23 
2 1 4K32 B 1 ? 23 ? 4K32 24 ? 46 ? 24 46 
# 
_pdbx_struct_assembly.id                   1 
_pdbx_struct_assembly.details              author_and_software_defined_assembly 
_pdbx_struct_assembly.method_details       PISA 
_pdbx_struct_assembly.oligomeric_details   dimeric 
_pdbx_struct_assembly.oligomeric_count     2 
# 
loop_
_pdbx_struct_assembly_prop.biol_id 
_pdbx_struct_assembly_prop.type 
_pdbx_struct_assembly_prop.value 
_pdbx_struct_assembly_prop.details 
1 'ABSA (A^2)' 4070 ? 
1 MORE         -49  ? 
1 'SSA (A^2)'  8280 ? 
# 
_pdbx_struct_assembly_gen.assembly_id       1 
_pdbx_struct_assembly_gen.oper_expression   1 
_pdbx_struct_assembly_gen.asym_id_list      A,B,C,D,E,F 
# 
_pdbx_struct_oper_list.id                   1 
_pdbx_struct_oper_list.type                 'identity operation' 
_pdbx_struct_oper_list.name                 1_555 
_pdbx_struct_oper_list.symmetry_operation   x,y,z 
_pdbx_struct_oper_list.matrix[1][1]         1.0000000000 
_pdbx_struct_oper_list.matrix[1][2]         0.0000000000 
_pdbx_struct_oper_list.matrix[1][3]         0.0000000000 
_pdbx_struct_oper_list.vector[1]            0.0000000000 
_pdbx_struct_oper_list.matrix[2][1]         0.0000000000 
_pdbx_struct_oper_list.matrix[2][2]         1.0000000000 
_pdbx_struct_oper_list.matrix[2][3]         0.0000000000 
_pdbx_struct_oper_list.vector[2]            0.0000000000 
_pdbx_struct_oper_list.matrix[3][1]         0.0000000000 
_pdbx_struct_oper_list.matrix[3][2]         0.0000000000 
_pdbx_struct_oper_list.matrix[3][3]         1.0000000000 
_pdbx_struct_oper_list.vector[3]            0.0000000000 
# 
_struct_biol.id        1 
_struct_biol.details   ? 
# 
loop_
_struct_conn.id 
_struct_conn.conn_type_id 
_struct_conn.pdbx_leaving_atom_flag 
_struct_conn.pdbx_PDB_id 
_struct_conn.ptnr1_label_asym_id 
_struct_conn.ptnr1_label_comp_id 
_struct_conn.ptnr1_label_seq_id 
_struct_conn.ptnr1_label_atom_id 
_struct_conn.pdbx_ptnr1_label_alt_id 
_struct_conn.pdbx_ptnr1_PDB_ins_code 
_struct_conn.pdbx_ptnr1_standard_comp_id 
_struct_conn.ptnr1_symmetry 
_struct_conn.ptnr2_label_asym_id 
_struct_conn.ptnr2_label_comp_id 
_struct_conn.ptnr2_label_seq_id 
_struct_conn.ptnr2_label_atom_id 
_struct_conn.pdbx_ptnr2_label_alt_id 
_struct_conn.pdbx_ptnr2_PDB_ins_code 
_struct_conn.ptnr1_auth_asym_id 
_struct_conn.ptnr1_auth_comp_id 
_struct_conn.ptnr1_auth_seq_id 
_struct_conn.ptnr2_auth_asym_id 
_struct_conn.ptnr2_auth_comp_id 
_struct_conn.ptnr2_auth_seq_id 
_struct_conn.ptnr2_symmetry 
_struct_conn.pdbx_ptnr3_label_atom_id 
_struct_conn.pdbx_ptnr3_label_seq_id 
_struct_conn.pdbx_ptnr3_label_comp_id 
_struct_conn.pdbx_ptnr3_label_asym_id 
_struct_conn.pdbx_ptnr3_label_alt_id 
_struct_conn.pdbx_ptnr3_PDB_ins_code 
_struct_conn.details 
_struct_conn.pdbx_dist_value 
_struct_conn.pdbx_value_order 
_struct_conn.pdbx_role 
hydrog1  hydrog ? ? A G 3  N1 ? ? ? 1_555 B C 23 N3 ? ? A G 3  B C 46 1_555 ? ? ? ? ? ? WATSON-CRICK  ? ? ? 
hydrog2  hydrog ? ? A G 3  N2 ? ? ? 1_555 B C 23 O2 ? ? A G 3  B C 46 1_555 ? ? ? ? ? ? WATSON-CRICK  ? ? ? 
hydrog3  hydrog ? ? A G 3  O6 ? ? ? 1_555 B C 23 N4 ? ? A G 3  B C 46 1_555 ? ? ? ? ? ? WATSON-CRICK  ? ? ? 
hydrog4  hydrog ? ? A C 4  N3 ? ? ? 1_555 B G 22 N1 ? ? A C 4  B G 45 1_555 ? ? ? ? ? ? WATSON-CRICK  ? ? ? 
hydrog5  hydrog ? ? A C 4  N4 ? ? ? 1_555 B G 22 O6 ? ? A C 4  B G 45 1_555 ? ? ? ? ? ? WATSON-CRICK  ? ? ? 
hydrog6  hydrog ? ? A C 4  O2 ? ? ? 1_555 B G 22 N2 ? ? A C 4  B G 45 1_555 ? ? ? ? ? ? WATSON-CRICK  ? ? ? 
hydrog7  hydrog ? ? A G 5  N1 ? ? ? 1_555 B C 21 N3 ? ? A G 5  B C 44 1_555 ? ? ? ? ? ? WATSON-CRICK  ? ? ? 
hydrog8  hydrog ? ? A G 5  N2 ? ? ? 1_555 B C 21 O2 ? ? A G 5  B C 44 1_555 ? ? ? ? ? ? WATSON-CRICK  ? ? ? 
hydrog9  hydrog ? ? A G 5  O6 ? ? ? 1_555 B C 21 N4 ? ? A G 5  B C 44 1_555 ? ? ? ? ? ? WATSON-CRICK  ? ? ? 
hydrog10 hydrog ? ? A U 6  O4 ? ? ? 1_555 B U 20 N3 ? ? A U 6  B U 43 1_555 ? ? ? ? ? ? 'U-U MISPAIR' ? ? ? 
hydrog11 hydrog ? ? A C 7  N3 ? ? ? 1_555 B G 19 N1 ? ? A C 7  B G 42 1_555 ? ? ? ? ? ? WATSON-CRICK  ? ? ? 
hydrog12 hydrog ? ? A C 7  N4 ? ? ? 1_555 B G 19 O6 ? ? A C 7  B G 42 1_555 ? ? ? ? ? ? WATSON-CRICK  ? ? ? 
hydrog13 hydrog ? ? A C 7  O2 ? ? ? 1_555 B G 19 N2 ? ? A C 7  B G 42 1_555 ? ? ? ? ? ? WATSON-CRICK  ? ? ? 
hydrog14 hydrog ? ? A U 9  N3 ? ? ? 1_555 B A 16 N1 ? ? A U 9  B A 39 1_555 ? ? ? ? ? ? WATSON-CRICK  ? ? ? 
hydrog15 hydrog ? ? A U 9  O4 ? ? ? 1_555 B A 16 N6 ? ? A U 9  B A 39 1_555 ? ? ? ? ? ? WATSON-CRICK  ? ? ? 
hydrog16 hydrog ? ? A U 10 N3 ? ? ? 1_555 B A 15 N1 ? ? A U 10 B A 38 1_555 ? ? ? ? ? ? WATSON-CRICK  ? ? ? 
hydrog17 hydrog ? ? A U 10 O4 ? ? ? 1_555 B A 15 N6 ? ? A U 10 B A 38 1_555 ? ? ? ? ? ? WATSON-CRICK  ? ? ? 
hydrog18 hydrog ? ? A C 11 N3 ? ? ? 1_555 B G 14 N1 ? ? A C 11 B G 37 1_555 ? ? ? ? ? ? WATSON-CRICK  ? ? ? 
hydrog19 hydrog ? ? A C 11 N4 ? ? ? 1_555 B G 14 O6 ? ? A C 11 B G 37 1_555 ? ? ? ? ? ? WATSON-CRICK  ? ? ? 
hydrog20 hydrog ? ? A C 11 O2 ? ? ? 1_555 B G 14 N2 ? ? A C 11 B G 37 1_555 ? ? ? ? ? ? WATSON-CRICK  ? ? ? 
hydrog21 hydrog ? ? A C 12 N3 ? ? ? 1_555 B G 13 N1 ? ? A C 12 B G 36 1_555 ? ? ? ? ? ? WATSON-CRICK  ? ? ? 
hydrog22 hydrog ? ? A C 12 N4 ? ? ? 1_555 B G 13 O6 ? ? A C 12 B G 36 1_555 ? ? ? ? ? ? WATSON-CRICK  ? ? ? 
hydrog23 hydrog ? ? A C 12 O2 ? ? ? 1_555 B G 13 N2 ? ? A C 12 B G 36 1_555 ? ? ? ? ? ? WATSON-CRICK  ? ? ? 
hydrog24 hydrog ? ? A G 13 N1 ? ? ? 1_555 B C 12 N3 ? ? A G 13 B C 35 1_555 ? ? ? ? ? ? WATSON-CRICK  ? ? ? 
hydrog25 hydrog ? ? A G 13 N2 ? ? ? 1_555 B C 12 O2 ? ? A G 13 B C 35 1_555 ? ? ? ? ? ? WATSON-CRICK  ? ? ? 
hydrog26 hydrog ? ? A G 13 O6 ? ? ? 1_555 B C 12 N4 ? ? A G 13 B C 35 1_555 ? ? ? ? ? ? WATSON-CRICK  ? ? ? 
hydrog27 hydrog ? ? A G 14 N1 ? ? ? 1_555 B C 11 N3 ? ? A G 14 B C 34 1_555 ? ? ? ? ? ? WATSON-CRICK  ? ? ? 
hydrog28 hydrog ? ? A G 14 N2 ? ? ? 1_555 B C 11 O2 ? ? A G 14 B C 34 1_555 ? ? ? ? ? ? WATSON-CRICK  ? ? ? 
hydrog29 hydrog ? ? A G 14 O6 ? ? ? 1_555 B C 11 N4 ? ? A G 14 B C 34 1_555 ? ? ? ? ? ? WATSON-CRICK  ? ? ? 
hydrog30 hydrog ? ? A A 15 N1 ? ? ? 1_555 B U 10 N3 ? ? A A 15 B U 33 1_555 ? ? ? ? ? ? WATSON-CRICK  ? ? ? 
hydrog31 hydrog ? ? A A 15 N6 ? ? ? 1_555 B U 10 O4 ? ? A A 15 B U 33 1_555 ? ? ? ? ? ? WATSON-CRICK  ? ? ? 
hydrog32 hydrog ? ? A A 16 N1 ? ? ? 1_555 B U 9  N3 ? ? A A 16 B U 32 1_555 ? ? ? ? ? ? WATSON-CRICK  ? ? ? 
hydrog33 hydrog ? ? A A 16 N6 ? ? ? 1_555 B U 9  O4 ? ? A A 16 B U 32 1_555 ? ? ? ? ? ? WATSON-CRICK  ? ? ? 
hydrog34 hydrog ? ? A G 19 N1 ? ? ? 1_555 B C 7  N3 ? ? A G 19 B C 30 1_555 ? ? ? ? ? ? WATSON-CRICK  ? ? ? 
hydrog35 hydrog ? ? A G 19 N2 ? ? ? 1_555 B C 7  O2 ? ? A G 19 B C 30 1_555 ? ? ? ? ? ? WATSON-CRICK  ? ? ? 
hydrog36 hydrog ? ? A G 19 O6 ? ? ? 1_555 B C 7  N4 ? ? A G 19 B C 30 1_555 ? ? ? ? ? ? WATSON-CRICK  ? ? ? 
hydrog37 hydrog ? ? A U 20 N3 ? ? ? 1_555 B U 6  O4 ? ? A U 20 B U 29 1_555 ? ? ? ? ? ? 'U-U MISPAIR' ? ? ? 
hydrog38 hydrog ? ? A C 21 N3 ? ? ? 1_555 B G 5  N1 ? ? A C 21 B G 28 1_555 ? ? ? ? ? ? WATSON-CRICK  ? ? ? 
hydrog39 hydrog ? ? A C 21 N4 ? ? ? 1_555 B G 5  O6 ? ? A C 21 B G 28 1_555 ? ? ? ? ? ? WATSON-CRICK  ? ? ? 
hydrog40 hydrog ? ? A C 21 O2 ? ? ? 1_555 B G 5  N2 ? ? A C 21 B G 28 1_555 ? ? ? ? ? ? WATSON-CRICK  ? ? ? 
hydrog41 hydrog ? ? A G 22 N1 ? ? ? 1_555 B C 4  N3 ? ? A G 22 B C 27 1_555 ? ? ? ? ? ? WATSON-CRICK  ? ? ? 
hydrog42 hydrog ? ? A G 22 N2 ? ? ? 1_555 B C 4  O2 ? ? A G 22 B C 27 1_555 ? ? ? ? ? ? WATSON-CRICK  ? ? ? 
hydrog43 hydrog ? ? A G 22 O6 ? ? ? 1_555 B C 4  N4 ? ? A G 22 B C 27 1_555 ? ? ? ? ? ? WATSON-CRICK  ? ? ? 
hydrog44 hydrog ? ? A C 23 N3 ? ? ? 1_555 B G 3  N1 ? ? A C 23 B G 26 1_555 ? ? ? ? ? ? WATSON-CRICK  ? ? ? 
hydrog45 hydrog ? ? A C 23 N4 ? ? ? 1_555 B G 3  O6 ? ? A C 23 B G 26 1_555 ? ? ? ? ? ? WATSON-CRICK  ? ? ? 
hydrog46 hydrog ? ? A C 23 O2 ? ? ? 1_555 B G 3  N2 ? ? A C 23 B G 26 1_555 ? ? ? ? ? ? WATSON-CRICK  ? ? ? 
# 
_struct_conn_type.id          hydrog 
_struct_conn_type.criteria    ? 
_struct_conn_type.reference   ? 
# 
loop_
_struct_site.id 
_struct_site.pdbx_evidence_code 
_struct_site.pdbx_auth_asym_id 
_struct_site.pdbx_auth_comp_id 
_struct_site.pdbx_auth_seq_id 
_struct_site.pdbx_auth_ins_code 
_struct_site.pdbx_num_residues 
_struct_site.details 
AC1 Software A GET 101 ? 11 'BINDING SITE FOR RESIDUE GET A 101' 
AC2 Software B GET 101 ? 11 'BINDING SITE FOR RESIDUE GET B 101' 
# 
loop_
_struct_site_gen.id 
_struct_site_gen.site_id 
_struct_site_gen.pdbx_num_res 
_struct_site_gen.label_comp_id 
_struct_site_gen.label_asym_id 
_struct_site_gen.label_seq_id 
_struct_site_gen.pdbx_auth_ins_code 
_struct_site_gen.auth_comp_id 
_struct_site_gen.auth_asym_id 
_struct_site_gen.auth_seq_id 
_struct_site_gen.label_atom_id 
_struct_site_gen.label_alt_id 
_struct_site_gen.symmetry 
_struct_site_gen.details 
1  AC1 11 C A 4  ? C A 4  . ? 1_555 ? 
2  AC1 11 G A 5  ? G A 5  . ? 1_555 ? 
3  AC1 11 U A 6  ? U A 6  . ? 1_555 ? 
4  AC1 11 C A 7  ? C A 7  . ? 1_555 ? 
5  AC1 11 G A 8  ? G A 8  . ? 1_555 ? 
6  AC1 11 U A 9  ? U A 9  . ? 1_555 ? 
7  AC1 11 A B 16 ? A B 39 . ? 1_555 ? 
8  AC1 11 A B 17 ? A B 40 . ? 1_555 ? 
9  AC1 11 A B 18 ? A B 41 . ? 1_555 ? 
10 AC1 11 G B 19 ? G B 42 . ? 1_555 ? 
11 AC1 11 U B 20 ? U B 43 . ? 1_555 ? 
12 AC2 11 A A 16 ? A A 16 . ? 1_555 ? 
13 AC2 11 A A 17 ? A A 17 . ? 1_555 ? 
14 AC2 11 A A 18 ? A A 18 . ? 1_555 ? 
15 AC2 11 G A 19 ? G A 19 . ? 1_555 ? 
16 AC2 11 U A 20 ? U A 20 . ? 1_555 ? 
17 AC2 11 C B 4  ? C B 27 . ? 1_555 ? 
18 AC2 11 G B 5  ? G B 28 . ? 1_555 ? 
19 AC2 11 U B 6  ? U B 29 . ? 1_555 ? 
20 AC2 11 C B 7  ? C B 30 . ? 1_555 ? 
21 AC2 11 G B 8  ? G B 31 . ? 1_555 ? 
22 AC2 11 U B 9  ? U B 32 . ? 1_555 ? 
# 
_pdbx_validate_planes.id              1 
_pdbx_validate_planes.PDB_model_num   1 
_pdbx_validate_planes.auth_comp_id    A 
_pdbx_validate_planes.auth_asym_id    B 
_pdbx_validate_planes.auth_seq_id     40 
_pdbx_validate_planes.PDB_ins_code    ? 
_pdbx_validate_planes.label_alt_id    ? 
_pdbx_validate_planes.rmsd            0.056 
_pdbx_validate_planes.type            'SIDE CHAIN' 
# 
loop_
_pdbx_unobs_or_zero_occ_residues.id 
_pdbx_unobs_or_zero_occ_residues.PDB_model_num 
_pdbx_unobs_or_zero_occ_residues.polymer_flag 
_pdbx_unobs_or_zero_occ_residues.occupancy_flag 
_pdbx_unobs_or_zero_occ_residues.auth_asym_id 
_pdbx_unobs_or_zero_occ_residues.auth_comp_id 
_pdbx_unobs_or_zero_occ_residues.auth_seq_id 
_pdbx_unobs_or_zero_occ_residues.PDB_ins_code 
_pdbx_unobs_or_zero_occ_residues.label_asym_id 
_pdbx_unobs_or_zero_occ_residues.label_comp_id 
_pdbx_unobs_or_zero_occ_residues.label_seq_id 
1 1 Y 1 A U 1  ? A U 1 
2 1 Y 1 A U 2  ? A U 2 
3 1 Y 1 B U 24 ? B U 1 
4 1 Y 1 B U 25 ? B U 2 
# 
loop_
_chem_comp_atom.comp_id 
_chem_comp_atom.atom_id 
_chem_comp_atom.type_symbol 
_chem_comp_atom.pdbx_aromatic_flag 
_chem_comp_atom.pdbx_stereo_config 
_chem_comp_atom.pdbx_ordinal 
A   OP3    O N N 1   
A   P      P N N 2   
A   OP1    O N N 3   
A   OP2    O N N 4   
A   "O5'"  O N N 5   
A   "C5'"  C N N 6   
A   "C4'"  C N R 7   
A   "O4'"  O N N 8   
A   "C3'"  C N S 9   
A   "O3'"  O N N 10  
A   "C2'"  C N R 11  
A   "O2'"  O N N 12  
A   "C1'"  C N R 13  
A   N9     N Y N 14  
A   C8     C Y N 15  
A   N7     N Y N 16  
A   C5     C Y N 17  
A   C6     C Y N 18  
A   N6     N N N 19  
A   N1     N Y N 20  
A   C2     C Y N 21  
A   N3     N Y N 22  
A   C4     C Y N 23  
A   HOP3   H N N 24  
A   HOP2   H N N 25  
A   "H5'"  H N N 26  
A   "H5''" H N N 27  
A   "H4'"  H N N 28  
A   "H3'"  H N N 29  
A   "HO3'" H N N 30  
A   "H2'"  H N N 31  
A   "HO2'" H N N 32  
A   "H1'"  H N N 33  
A   H8     H N N 34  
A   H61    H N N 35  
A   H62    H N N 36  
A   H2     H N N 37  
C   OP3    O N N 38  
C   P      P N N 39  
C   OP1    O N N 40  
C   OP2    O N N 41  
C   "O5'"  O N N 42  
C   "C5'"  C N N 43  
C   "C4'"  C N R 44  
C   "O4'"  O N N 45  
C   "C3'"  C N S 46  
C   "O3'"  O N N 47  
C   "C2'"  C N R 48  
C   "O2'"  O N N 49  
C   "C1'"  C N R 50  
C   N1     N N N 51  
C   C2     C N N 52  
C   O2     O N N 53  
C   N3     N N N 54  
C   C4     C N N 55  
C   N4     N N N 56  
C   C5     C N N 57  
C   C6     C N N 58  
C   HOP3   H N N 59  
C   HOP2   H N N 60  
C   "H5'"  H N N 61  
C   "H5''" H N N 62  
C   "H4'"  H N N 63  
C   "H3'"  H N N 64  
C   "HO3'" H N N 65  
C   "H2'"  H N N 66  
C   "HO2'" H N N 67  
C   "H1'"  H N N 68  
C   H41    H N N 69  
C   H42    H N N 70  
C   H5     H N N 71  
C   H6     H N N 72  
G   OP3    O N N 73  
G   P      P N N 74  
G   OP1    O N N 75  
G   OP2    O N N 76  
G   "O5'"  O N N 77  
G   "C5'"  C N N 78  
G   "C4'"  C N R 79  
G   "O4'"  O N N 80  
G   "C3'"  C N S 81  
G   "O3'"  O N N 82  
G   "C2'"  C N R 83  
G   "O2'"  O N N 84  
G   "C1'"  C N R 85  
G   N9     N Y N 86  
G   C8     C Y N 87  
G   N7     N Y N 88  
G   C5     C Y N 89  
G   C6     C N N 90  
G   O6     O N N 91  
G   N1     N N N 92  
G   C2     C N N 93  
G   N2     N N N 94  
G   N3     N N N 95  
G   C4     C Y N 96  
G   HOP3   H N N 97  
G   HOP2   H N N 98  
G   "H5'"  H N N 99  
G   "H5''" H N N 100 
G   "H4'"  H N N 101 
G   "H3'"  H N N 102 
G   "HO3'" H N N 103 
G   "H2'"  H N N 104 
G   "HO2'" H N N 105 
G   "H1'"  H N N 106 
G   H8     H N N 107 
G   H1     H N N 108 
G   H21    H N N 109 
G   H22    H N N 110 
GET C11    C N S 111 
GET O11    O N N 112 
GET C21    C N R 113 
GET N21    N N N 114 
GET C31    C N R 115 
GET O31    O N N 116 
GET C41    C N S 117 
GET O41    O N N 118 
GET C51    C N R 119 
GET O51    O N N 120 
GET C61    C N R 121 
GET O61    O N N 122 
GET C71    C N N 123 
GET C12    C N R 124 
GET N12    N N N 125 
GET C22    C N N 126 
GET C32    C N S 127 
GET N32    N N N 128 
GET C42    C N R 129 
GET C52    C N S 130 
GET O52    O N N 131 
GET C62    C N S 132 
GET O62    O N N 133 
GET C13    C N R 134 
GET C23    C N R 135 
GET O23    O N N 136 
GET C33    C N R 137 
GET N33    N N N 138 
GET C93    C N N 139 
GET C43    C N R 140 
GET O43    O N N 141 
GET C83    C N N 142 
GET C53    C N N 143 
GET O53    O N N 144 
GET H111   H N N 145 
GET H21    H N N 146 
GET H211   H N N 147 
GET H212   H N N 148 
GET H311   H N N 149 
GET H31    H N N 150 
GET H411   H N N 151 
GET H41    H N N 152 
GET H511   H N N 153 
GET H611   H N N 154 
GET H61    H N N 155 
GET H711   H N N 156 
GET H712   H N N 157 
GET H713   H N N 158 
GET H12    H N N 159 
GET H121   H N N 160 
GET H122   H N N 161 
GET H221   H N N 162 
GET H222   H N N 163 
GET H32    H N N 164 
GET H321   H N N 165 
GET H322   H N N 166 
GET H421   H N N 167 
GET H521   H N N 168 
GET H52    H N N 169 
GET H621   H N N 170 
GET H131   H N N 171 
GET H231   H N N 172 
GET H23    H N N 173 
GET H331   H N N 174 
GET H33    H N N 175 
GET H931   H N N 176 
GET H932   H N N 177 
GET H933   H N N 178 
GET H43    H N N 179 
GET H831   H N N 180 
GET H832   H N N 181 
GET H833   H N N 182 
GET H531   H N N 183 
GET H532   H N N 184 
HOH O      O N N 185 
HOH H1     H N N 186 
HOH H2     H N N 187 
U   OP3    O N N 188 
U   P      P N N 189 
U   OP1    O N N 190 
U   OP2    O N N 191 
U   "O5'"  O N N 192 
U   "C5'"  C N N 193 
U   "C4'"  C N R 194 
U   "O4'"  O N N 195 
U   "C3'"  C N S 196 
U   "O3'"  O N N 197 
U   "C2'"  C N R 198 
U   "O2'"  O N N 199 
U   "C1'"  C N R 200 
U   N1     N N N 201 
U   C2     C N N 202 
U   O2     O N N 203 
U   N3     N N N 204 
U   C4     C N N 205 
U   O4     O N N 206 
U   C5     C N N 207 
U   C6     C N N 208 
U   HOP3   H N N 209 
U   HOP2   H N N 210 
U   "H5'"  H N N 211 
U   "H5''" H N N 212 
U   "H4'"  H N N 213 
U   "H3'"  H N N 214 
U   "HO3'" H N N 215 
U   "H2'"  H N N 216 
U   "HO2'" H N N 217 
U   "H1'"  H N N 218 
U   H3     H N N 219 
U   H5     H N N 220 
U   H6     H N N 221 
# 
loop_
_chem_comp_bond.comp_id 
_chem_comp_bond.atom_id_1 
_chem_comp_bond.atom_id_2 
_chem_comp_bond.value_order 
_chem_comp_bond.pdbx_aromatic_flag 
_chem_comp_bond.pdbx_stereo_config 
_chem_comp_bond.pdbx_ordinal 
A   OP3   P      sing N N 1   
A   OP3   HOP3   sing N N 2   
A   P     OP1    doub N N 3   
A   P     OP2    sing N N 4   
A   P     "O5'"  sing N N 5   
A   OP2   HOP2   sing N N 6   
A   "O5'" "C5'"  sing N N 7   
A   "C5'" "C4'"  sing N N 8   
A   "C5'" "H5'"  sing N N 9   
A   "C5'" "H5''" sing N N 10  
A   "C4'" "O4'"  sing N N 11  
A   "C4'" "C3'"  sing N N 12  
A   "C4'" "H4'"  sing N N 13  
A   "O4'" "C1'"  sing N N 14  
A   "C3'" "O3'"  sing N N 15  
A   "C3'" "C2'"  sing N N 16  
A   "C3'" "H3'"  sing N N 17  
A   "O3'" "HO3'" sing N N 18  
A   "C2'" "O2'"  sing N N 19  
A   "C2'" "C1'"  sing N N 20  
A   "C2'" "H2'"  sing N N 21  
A   "O2'" "HO2'" sing N N 22  
A   "C1'" N9     sing N N 23  
A   "C1'" "H1'"  sing N N 24  
A   N9    C8     sing Y N 25  
A   N9    C4     sing Y N 26  
A   C8    N7     doub Y N 27  
A   C8    H8     sing N N 28  
A   N7    C5     sing Y N 29  
A   C5    C6     sing Y N 30  
A   C5    C4     doub Y N 31  
A   C6    N6     sing N N 32  
A   C6    N1     doub Y N 33  
A   N6    H61    sing N N 34  
A   N6    H62    sing N N 35  
A   N1    C2     sing Y N 36  
A   C2    N3     doub Y N 37  
A   C2    H2     sing N N 38  
A   N3    C4     sing Y N 39  
C   OP3   P      sing N N 40  
C   OP3   HOP3   sing N N 41  
C   P     OP1    doub N N 42  
C   P     OP2    sing N N 43  
C   P     "O5'"  sing N N 44  
C   OP2   HOP2   sing N N 45  
C   "O5'" "C5'"  sing N N 46  
C   "C5'" "C4'"  sing N N 47  
C   "C5'" "H5'"  sing N N 48  
C   "C5'" "H5''" sing N N 49  
C   "C4'" "O4'"  sing N N 50  
C   "C4'" "C3'"  sing N N 51  
C   "C4'" "H4'"  sing N N 52  
C   "O4'" "C1'"  sing N N 53  
C   "C3'" "O3'"  sing N N 54  
C   "C3'" "C2'"  sing N N 55  
C   "C3'" "H3'"  sing N N 56  
C   "O3'" "HO3'" sing N N 57  
C   "C2'" "O2'"  sing N N 58  
C   "C2'" "C1'"  sing N N 59  
C   "C2'" "H2'"  sing N N 60  
C   "O2'" "HO2'" sing N N 61  
C   "C1'" N1     sing N N 62  
C   "C1'" "H1'"  sing N N 63  
C   N1    C2     sing N N 64  
C   N1    C6     sing N N 65  
C   C2    O2     doub N N 66  
C   C2    N3     sing N N 67  
C   N3    C4     doub N N 68  
C   C4    N4     sing N N 69  
C   C4    C5     sing N N 70  
C   N4    H41    sing N N 71  
C   N4    H42    sing N N 72  
C   C5    C6     doub N N 73  
C   C5    H5     sing N N 74  
C   C6    H6     sing N N 75  
G   OP3   P      sing N N 76  
G   OP3   HOP3   sing N N 77  
G   P     OP1    doub N N 78  
G   P     OP2    sing N N 79  
G   P     "O5'"  sing N N 80  
G   OP2   HOP2   sing N N 81  
G   "O5'" "C5'"  sing N N 82  
G   "C5'" "C4'"  sing N N 83  
G   "C5'" "H5'"  sing N N 84  
G   "C5'" "H5''" sing N N 85  
G   "C4'" "O4'"  sing N N 86  
G   "C4'" "C3'"  sing N N 87  
G   "C4'" "H4'"  sing N N 88  
G   "O4'" "C1'"  sing N N 89  
G   "C3'" "O3'"  sing N N 90  
G   "C3'" "C2'"  sing N N 91  
G   "C3'" "H3'"  sing N N 92  
G   "O3'" "HO3'" sing N N 93  
G   "C2'" "O2'"  sing N N 94  
G   "C2'" "C1'"  sing N N 95  
G   "C2'" "H2'"  sing N N 96  
G   "O2'" "HO2'" sing N N 97  
G   "C1'" N9     sing N N 98  
G   "C1'" "H1'"  sing N N 99  
G   N9    C8     sing Y N 100 
G   N9    C4     sing Y N 101 
G   C8    N7     doub Y N 102 
G   C8    H8     sing N N 103 
G   N7    C5     sing Y N 104 
G   C5    C6     sing N N 105 
G   C5    C4     doub Y N 106 
G   C6    O6     doub N N 107 
G   C6    N1     sing N N 108 
G   N1    C2     sing N N 109 
G   N1    H1     sing N N 110 
G   C2    N2     sing N N 111 
G   C2    N3     doub N N 112 
G   N2    H21    sing N N 113 
G   N2    H22    sing N N 114 
G   N3    C4     sing N N 115 
GET C11   O11    sing N N 116 
GET C11   C21    sing N N 117 
GET C11   O51    sing N N 118 
GET C11   H111   sing N N 119 
GET O11   C42    sing N N 120 
GET C21   N21    sing N N 121 
GET C21   C31    sing N N 122 
GET C21   H21    sing N N 123 
GET N21   H211   sing N N 124 
GET N21   H212   sing N N 125 
GET C31   O31    sing N N 126 
GET C31   C41    sing N N 127 
GET C31   H311   sing N N 128 
GET O31   H31    sing N N 129 
GET C41   O41    sing N N 130 
GET C41   C51    sing N N 131 
GET C41   H411   sing N N 132 
GET O41   H41    sing N N 133 
GET C51   O51    sing N N 134 
GET C51   C61    sing N N 135 
GET C51   H511   sing N N 136 
GET C61   O61    sing N N 137 
GET C61   C71    sing N N 138 
GET C61   H611   sing N N 139 
GET O61   H61    sing N N 140 
GET C71   H711   sing N N 141 
GET C71   H712   sing N N 142 
GET C71   H713   sing N N 143 
GET C12   N12    sing N N 144 
GET C12   C22    sing N N 145 
GET C12   C62    sing N N 146 
GET C12   H12    sing N N 147 
GET N12   H121   sing N N 148 
GET N12   H122   sing N N 149 
GET C22   C32    sing N N 150 
GET C22   H221   sing N N 151 
GET C22   H222   sing N N 152 
GET C32   N32    sing N N 153 
GET C32   C42    sing N N 154 
GET C32   H32    sing N N 155 
GET N32   H321   sing N N 156 
GET N32   H322   sing N N 157 
GET C42   C52    sing N N 158 
GET C42   H421   sing N N 159 
GET C52   O52    sing N N 160 
GET C52   C62    sing N N 161 
GET C52   H521   sing N N 162 
GET O52   H52    sing N N 163 
GET C62   O62    sing N N 164 
GET C62   H621   sing N N 165 
GET O62   C13    sing N N 166 
GET C13   C23    sing N N 167 
GET C13   O53    sing N N 168 
GET C13   H131   sing N N 169 
GET C23   O23    sing N N 170 
GET C23   C33    sing N N 171 
GET C23   H231   sing N N 172 
GET O23   H23    sing N N 173 
GET C33   N33    sing N N 174 
GET C33   C43    sing N N 175 
GET C33   H331   sing N N 176 
GET N33   C93    sing N N 177 
GET N33   H33    sing N N 178 
GET C93   H931   sing N N 179 
GET C93   H932   sing N N 180 
GET C93   H933   sing N N 181 
GET C43   O43    sing N N 182 
GET C43   C83    sing N N 183 
GET C43   C53    sing N N 184 
GET O43   H43    sing N N 185 
GET C83   H831   sing N N 186 
GET C83   H832   sing N N 187 
GET C83   H833   sing N N 188 
GET C53   O53    sing N N 189 
GET C53   H531   sing N N 190 
GET C53   H532   sing N N 191 
HOH O     H1     sing N N 192 
HOH O     H2     sing N N 193 
U   OP3   P      sing N N 194 
U   OP3   HOP3   sing N N 195 
U   P     OP1    doub N N 196 
U   P     OP2    sing N N 197 
U   P     "O5'"  sing N N 198 
U   OP2   HOP2   sing N N 199 
U   "O5'" "C5'"  sing N N 200 
U   "C5'" "C4'"  sing N N 201 
U   "C5'" "H5'"  sing N N 202 
U   "C5'" "H5''" sing N N 203 
U   "C4'" "O4'"  sing N N 204 
U   "C4'" "C3'"  sing N N 205 
U   "C4'" "H4'"  sing N N 206 
U   "O4'" "C1'"  sing N N 207 
U   "C3'" "O3'"  sing N N 208 
U   "C3'" "C2'"  sing N N 209 
U   "C3'" "H3'"  sing N N 210 
U   "O3'" "HO3'" sing N N 211 
U   "C2'" "O2'"  sing N N 212 
U   "C2'" "C1'"  sing N N 213 
U   "C2'" "H2'"  sing N N 214 
U   "O2'" "HO2'" sing N N 215 
U   "C1'" N1     sing N N 216 
U   "C1'" "H1'"  sing N N 217 
U   N1    C2     sing N N 218 
U   N1    C6     sing N N 219 
U   C2    O2     doub N N 220 
U   C2    N3     sing N N 221 
U   N3    C4     sing N N 222 
U   N3    H3     sing N N 223 
U   C4    O4     doub N N 224 
U   C4    C5     sing N N 225 
U   C5    C6     doub N N 226 
U   C5    H5     sing N N 227 
U   C6    H6     sing N N 228 
# 
loop_
_ndb_struct_conf_na.entry_id 
_ndb_struct_conf_na.feature 
4K32 'double helix'         
4K32 'a-form double helix'  
4K32 'mismatched base pair' 
4K32 'internal loop'        
# 
loop_
_ndb_struct_na_base_pair.model_number 
_ndb_struct_na_base_pair.i_label_asym_id 
_ndb_struct_na_base_pair.i_label_comp_id 
_ndb_struct_na_base_pair.i_label_seq_id 
_ndb_struct_na_base_pair.i_symmetry 
_ndb_struct_na_base_pair.j_label_asym_id 
_ndb_struct_na_base_pair.j_label_comp_id 
_ndb_struct_na_base_pair.j_label_seq_id 
_ndb_struct_na_base_pair.j_symmetry 
_ndb_struct_na_base_pair.shear 
_ndb_struct_na_base_pair.stretch 
_ndb_struct_na_base_pair.stagger 
_ndb_struct_na_base_pair.buckle 
_ndb_struct_na_base_pair.propeller 
_ndb_struct_na_base_pair.opening 
_ndb_struct_na_base_pair.pair_number 
_ndb_struct_na_base_pair.pair_name 
_ndb_struct_na_base_pair.i_auth_asym_id 
_ndb_struct_na_base_pair.i_auth_seq_id 
_ndb_struct_na_base_pair.i_PDB_ins_code 
_ndb_struct_na_base_pair.j_auth_asym_id 
_ndb_struct_na_base_pair.j_auth_seq_id 
_ndb_struct_na_base_pair.j_PDB_ins_code 
_ndb_struct_na_base_pair.hbond_type_28 
_ndb_struct_na_base_pair.hbond_type_12 
1 A G 3  1_555 B C 23 1_555 -0.219 -0.146 0.145  0.852   -3.202  4.523  1  A_G3:C46_B  A 3  ? B 46 ? 19 1 
1 A C 4  1_555 B G 22 1_555 -0.659 -0.213 -0.316 12.348  -9.098  -3.791 2  A_C4:G45_B  A 4  ? B 45 ? 19 1 
1 A G 5  1_555 B C 21 1_555 -0.033 -0.371 -0.403 -0.452  -6.232  -0.211 3  A_G5:C44_B  A 5  ? B 44 ? 19 1 
1 A U 6  1_555 B U 20 1_555 -1.485 -1.541 -0.257 6.874   -6.427  -8.612 4  A_U6:U43_B  A 6  ? B 43 ? ?  ? 
1 A C 7  1_555 B G 19 1_555 0.332  -0.313 -0.066 -10.177 8.941   -0.898 5  A_C7:G42_B  A 7  ? B 42 ? 19 1 
1 A U 9  1_555 B A 16 1_555 -0.154 -0.051 0.087  -0.189  -15.775 4.296  6  A_U9:A39_B  A 9  ? B 39 ? 20 1 
1 A U 10 1_555 B A 15 1_555 0.228  -0.262 -0.079 6.771   -15.019 4.776  7  A_U10:A38_B A 10 ? B 38 ? 20 1 
1 A C 11 1_555 B G 14 1_555 0.494  -0.150 -0.084 4.358   -10.341 2.318  8  A_C11:G37_B A 11 ? B 37 ? 19 1 
1 A C 12 1_555 B G 13 1_555 -0.122 -0.170 0.039  0.064   -10.957 -1.455 9  A_C12:G36_B A 12 ? B 36 ? 19 1 
1 A G 13 1_555 B C 12 1_555 -0.006 -0.318 0.325  -3.802  -15.273 -0.410 10 A_G13:C35_B A 13 ? B 35 ? 19 1 
1 A G 14 1_555 B C 11 1_555 -0.144 -0.258 0.044  -7.002  -11.766 -0.778 11 A_G14:C34_B A 14 ? B 34 ? 19 1 
1 A A 15 1_555 B U 10 1_555 -0.164 -0.266 0.235  -5.084  -11.542 0.145  12 A_A15:U33_B A 15 ? B 33 ? 20 1 
1 A A 16 1_555 B U 9  1_555 0.348  -0.180 -0.027 1.385   -20.868 -4.975 13 A_A16:U32_B A 16 ? B 32 ? 20 1 
1 A G 19 1_555 B C 7  1_555 0.287  -0.153 -0.560 -4.069  -8.913  2.746  14 A_G19:C30_B A 19 ? B 30 ? 19 1 
1 A U 20 1_555 B U 6  1_555 2.012  -1.482 -0.393 -9.046  -12.565 -4.761 15 A_U20:U29_B A 20 ? B 29 ? ?  ? 
1 A C 21 1_555 B G 5  1_555 0.295  -0.240 -0.441 4.381   -7.667  3.727  16 A_C21:G28_B A 21 ? B 28 ? 19 1 
1 A G 22 1_555 B C 4  1_555 0.049  -0.253 0.223  -7.443  -7.561  -3.340 17 A_G22:C27_B A 22 ? B 27 ? 19 1 
1 A C 23 1_555 B G 3  1_555 1.160  -0.098 -0.018 1.935   2.996   -5.067 18 A_C23:G26_B A 23 ? B 26 ? 19 1 
# 
loop_
_ndb_struct_na_base_pair_step.model_number 
_ndb_struct_na_base_pair_step.i_label_asym_id_1 
_ndb_struct_na_base_pair_step.i_label_comp_id_1 
_ndb_struct_na_base_pair_step.i_label_seq_id_1 
_ndb_struct_na_base_pair_step.i_symmetry_1 
_ndb_struct_na_base_pair_step.j_label_asym_id_1 
_ndb_struct_na_base_pair_step.j_label_comp_id_1 
_ndb_struct_na_base_pair_step.j_label_seq_id_1 
_ndb_struct_na_base_pair_step.j_symmetry_1 
_ndb_struct_na_base_pair_step.i_label_asym_id_2 
_ndb_struct_na_base_pair_step.i_label_comp_id_2 
_ndb_struct_na_base_pair_step.i_label_seq_id_2 
_ndb_struct_na_base_pair_step.i_symmetry_2 
_ndb_struct_na_base_pair_step.j_label_asym_id_2 
_ndb_struct_na_base_pair_step.j_label_comp_id_2 
_ndb_struct_na_base_pair_step.j_label_seq_id_2 
_ndb_struct_na_base_pair_step.j_symmetry_2 
_ndb_struct_na_base_pair_step.shift 
_ndb_struct_na_base_pair_step.slide 
_ndb_struct_na_base_pair_step.rise 
_ndb_struct_na_base_pair_step.tilt 
_ndb_struct_na_base_pair_step.roll 
_ndb_struct_na_base_pair_step.twist 
_ndb_struct_na_base_pair_step.x_displacement 
_ndb_struct_na_base_pair_step.y_displacement 
_ndb_struct_na_base_pair_step.helical_rise 
_ndb_struct_na_base_pair_step.inclination 
_ndb_struct_na_base_pair_step.tip 
_ndb_struct_na_base_pair_step.helical_twist 
_ndb_struct_na_base_pair_step.step_number 
_ndb_struct_na_base_pair_step.step_name 
_ndb_struct_na_base_pair_step.i_auth_asym_id_1 
_ndb_struct_na_base_pair_step.i_auth_seq_id_1 
_ndb_struct_na_base_pair_step.i_PDB_ins_code_1 
_ndb_struct_na_base_pair_step.j_auth_asym_id_1 
_ndb_struct_na_base_pair_step.j_auth_seq_id_1 
_ndb_struct_na_base_pair_step.j_PDB_ins_code_1 
_ndb_struct_na_base_pair_step.i_auth_asym_id_2 
_ndb_struct_na_base_pair_step.i_auth_seq_id_2 
_ndb_struct_na_base_pair_step.i_PDB_ins_code_2 
_ndb_struct_na_base_pair_step.j_auth_asym_id_2 
_ndb_struct_na_base_pair_step.j_auth_seq_id_2 
_ndb_struct_na_base_pair_step.j_PDB_ins_code_2 
1 A G 3  1_555 B C 23 1_555 A C 4  1_555 B G 22 1_555 -0.604 -2.122 3.123 2.547  -3.048 29.633 -3.496 1.688  3.258 -5.925 -4.951 
29.892 1  AA_G3C4:G45C46_BB   A 3  ? B 46 ? A 4  ? B 45 ? 
1 A C 4  1_555 B G 22 1_555 A G 5  1_555 B C 21 1_555 0.227  -1.452 3.685 1.469  14.770 34.864 -4.230 -0.153 2.867 23.384 -2.326 
37.802 2  AA_C4G5:C44G45_BB   A 4  ? B 45 ? A 5  ? B 44 ? 
1 A G 5  1_555 B C 21 1_555 A U 6  1_555 B U 20 1_555 -0.354 -1.875 2.952 -3.368 -0.359 27.664 -3.814 0.000  2.996 -0.747 7.009  
27.867 3  AA_G5U6:U43C44_BB   A 5  ? B 44 ? A 6  ? B 43 ? 
1 A U 6  1_555 B U 20 1_555 A C 7  1_555 B G 19 1_555 0.865  -2.538 3.874 -0.699 5.948  41.885 -4.206 -1.280 3.484 8.269  0.972  
42.292 4  AA_U6C7:G42U43_BB   A 6  ? B 43 ? A 7  ? B 42 ? 
1 A U 9  1_555 B A 16 1_555 A U 10 1_555 B A 15 1_555 -0.013 -1.210 3.109 -1.078 5.093  33.999 -2.782 -0.133 2.901 8.647  1.830  
34.384 5  AA_U9U10:A38A39_BB  A 9  ? B 39 ? A 10 ? B 38 ? 
1 A U 10 1_555 B A 15 1_555 A C 11 1_555 B G 14 1_555 -0.239 -1.446 3.308 -1.018 6.533  33.678 -3.447 0.250  2.989 11.142 1.736  
34.303 6  AA_U10C11:G37A38_BB A 10 ? B 38 ? A 11 ? B 37 ? 
1 A C 11 1_555 B G 14 1_555 A C 12 1_555 B G 13 1_555 -0.604 -1.780 3.393 -2.695 5.922  26.824 -5.160 0.617  2.983 12.532 5.704  
27.588 7  AA_C11C12:G36G37_BB A 11 ? B 37 ? A 12 ? B 36 ? 
1 A C 12 1_555 B G 13 1_555 A G 13 1_555 B C 12 1_555 0.441  -2.026 3.293 0.324  7.408  32.087 -4.764 -0.727 2.773 13.183 -0.576 
32.910 8  AA_C12G13:C35G36_BB A 12 ? B 36 ? A 13 ? B 35 ? 
1 A G 13 1_555 B C 12 1_555 A G 14 1_555 B C 11 1_555 -0.188 -1.850 3.284 1.186  6.027  29.760 -4.678 0.585  2.853 11.579 -2.278 
30.373 9  AA_G13G14:C34C35_BB A 13 ? B 35 ? A 14 ? B 34 ? 
1 A G 14 1_555 B C 11 1_555 A A 15 1_555 B U 10 1_555 -0.073 -1.135 3.155 0.797  9.338  32.234 -3.376 0.246  2.727 16.391 -1.398 
33.534 10 AA_G14A15:U33C34_BB A 14 ? B 34 ? A 15 ? B 33 ? 
1 A A 15 1_555 B U 10 1_555 A A 16 1_555 B U 9  1_555 0.161  -1.161 3.103 3.578  8.732  33.871 -3.111 0.220  2.732 14.638 -5.998 
35.124 11 AA_A15A16:U32U33_BB A 15 ? B 33 ? A 16 ? B 32 ? 
1 A G 19 1_555 B C 7  1_555 A U 20 1_555 B U 6  1_555 -1.172 -2.147 3.631 -1.518 6.075  39.653 -3.870 1.523  3.321 8.889  2.222  
40.125 12 AA_G19U20:U29C30_BB A 19 ? B 30 ? A 20 ? B 29 ? 
1 A U 20 1_555 B U 6  1_555 A C 21 1_555 B G 5  1_555 0.422  -1.507 2.872 0.916  -1.051 24.258 -3.286 -0.745 2.948 -2.498 -2.177 
24.298 13 AA_U20C21:G28U29_BB A 20 ? B 29 ? A 21 ? B 28 ? 
1 A C 21 1_555 B G 5  1_555 A G 22 1_555 B C 4  1_555 -0.896 -1.453 3.553 -1.636 6.893  31.668 -3.871 1.302  3.214 12.436 2.951  
32.431 14 AA_C21G22:C27G28_BB A 21 ? B 28 ? A 22 ? B 27 ? 
1 A G 22 1_555 B C 4  1_555 A C 23 1_555 B G 3  1_555 0.650  -1.646 3.124 3.637  2.538  37.610 -2.845 -0.558 3.058 3.920  -5.618 
37.861 15 AA_G22C23:G26C27_BB A 22 ? B 27 ? A 23 ? B 26 ? 
# 
_atom_sites.entry_id                    4K32 
_atom_sites.fract_transf_matrix[1][1]   -0.00020444 
_atom_sites.fract_transf_matrix[1][2]   -0.02126695 
_atom_sites.fract_transf_matrix[1][3]   0.02148320 
_atom_sites.fract_transf_matrix[2][1]   0.01082586 
_atom_sites.fract_transf_matrix[2][2]   -0.00150653 
_atom_sites.fract_transf_matrix[2][3]   -0.00138834 
_atom_sites.fract_transf_matrix[3][1]   0.00395271 
_atom_sites.fract_transf_matrix[3][2]   0.01483537 
_atom_sites.fract_transf_matrix[3][3]   0.01472365 
_atom_sites.fract_transf_vector[1]      0.057765 
_atom_sites.fract_transf_vector[2]      0.129737 
_atom_sites.fract_transf_vector[3]      0.469039 
# 
loop_
_atom_type.symbol 
C 
N 
O 
P 
# 
loop_
_atom_site.group_PDB 
_atom_site.id 
_atom_site.type_symbol 
_atom_site.label_atom_id 
_atom_site.label_alt_id 
_atom_site.label_comp_id 
_atom_site.label_asym_id 
_atom_site.label_entity_id 
_atom_site.label_seq_id 
_atom_site.pdbx_PDB_ins_code 
_atom_site.Cartn_x 
_atom_site.Cartn_y 
_atom_site.Cartn_z 
_atom_site.occupancy 
_atom_site.B_iso_or_equiv 
_atom_site.pdbx_formal_charge 
_atom_site.auth_seq_id 
_atom_site.auth_comp_id 
_atom_site.auth_asym_id 
_atom_site.auth_atom_id 
_atom_site.pdbx_PDB_model_num 
ATOM   1   P P     . G   A 1 3  ? 7.597   22.852  12.876  1.00 79.26 ? 3   G   A P     1 
ATOM   2   O OP1   . G   A 1 3  ? 7.605   22.030  14.159  1.00 78.21 ? 3   G   A OP1   1 
ATOM   3   O OP2   . G   A 1 3  ? 8.226   22.105  11.700  1.00 76.20 ? 3   G   A OP2   1 
ATOM   4   O "O5'" . G   A 1 3  ? 6.013   23.022  12.516  1.00 76.11 ? 3   G   A "O5'" 1 
ATOM   5   C "C5'" . G   A 1 3  ? 5.020   23.098  13.559  1.00 72.76 ? 3   G   A "C5'" 1 
ATOM   6   C "C4'" . G   A 1 3  ? 3.711   23.600  12.998  1.00 70.98 ? 3   G   A "C4'" 1 
ATOM   7   O "O4'" . G   A 1 3  ? 3.903   24.937  12.459  1.00 68.79 ? 3   G   A "O4'" 1 
ATOM   8   C "C3'" . G   A 1 3  ? 3.134   22.772  11.858  1.00 71.39 ? 3   G   A "C3'" 1 
ATOM   9   O "O3'" . G   A 1 3  ? 2.273   21.757  12.357  1.00 72.63 ? 3   G   A "O3'" 1 
ATOM   10  C "C2'" . G   A 1 3  ? 2.369   23.804  11.033  1.00 70.15 ? 3   G   A "C2'" 1 
ATOM   11  O "O2'" . G   A 1 3  ? 1.035   24.022  11.437  1.00 69.49 ? 3   G   A "O2'" 1 
ATOM   12  C "C1'" . G   A 1 3  ? 3.231   25.058  11.216  1.00 68.43 ? 3   G   A "C1'" 1 
ATOM   13  N N9    . G   A 1 3  ? 4.231   25.187  10.158  1.00 64.60 ? 3   G   A N9    1 
ATOM   14  C C8    . G   A 1 3  ? 5.584   24.988  10.266  1.00 63.30 ? 3   G   A C8    1 
ATOM   15  N N7    . G   A 1 3  ? 6.214   25.130  9.132   1.00 63.38 ? 3   G   A N7    1 
ATOM   16  C C5    . G   A 1 3  ? 5.219   25.456  8.223   1.00 62.73 ? 3   G   A C5    1 
ATOM   17  C C6    . G   A 1 3  ? 5.297   25.726  6.830   1.00 62.43 ? 3   G   A C6    1 
ATOM   18  O O6    . G   A 1 3  ? 6.295   25.739  6.102   1.00 62.26 ? 3   G   A O6    1 
ATOM   19  N N1    . G   A 1 3  ? 4.044   26.006  6.293   1.00 62.30 ? 3   G   A N1    1 
ATOM   20  C C2    . G   A 1 3  ? 2.868   26.029  7.002   1.00 62.69 ? 3   G   A C2    1 
ATOM   21  N N2    . G   A 1 3  ? 1.764   26.318  6.304   1.00 62.39 ? 3   G   A N2    1 
ATOM   22  N N3    . G   A 1 3  ? 2.783   25.784  8.301   1.00 62.83 ? 3   G   A N3    1 
ATOM   23  C C4    . G   A 1 3  ? 3.988   25.505  8.843   1.00 63.48 ? 3   G   A C4    1 
ATOM   24  P P     . C   A 1 4  ? 1.858   20.529  11.408  1.00 74.58 ? 4   C   A P     1 
ATOM   25  O OP1   . C   A 1 4  ? 0.952   19.665  12.205  1.00 75.59 ? 4   C   A OP1   1 
ATOM   26  O OP2   . C   A 1 4  ? 3.077   19.955  10.795  1.00 75.52 ? 4   C   A OP2   1 
ATOM   27  O "O5'" . C   A 1 4  ? 0.990   21.184  10.247  1.00 75.07 ? 4   C   A "O5'" 1 
ATOM   28  C "C5'" . C   A 1 4  ? -0.350  21.593  10.482  1.00 74.47 ? 4   C   A "C5'" 1 
ATOM   29  C "C4'" . C   A 1 4  ? -0.989  22.020  9.190   1.00 74.25 ? 4   C   A "C4'" 1 
ATOM   30  O "O4'" . C   A 1 4  ? -0.261  23.154  8.644   1.00 73.59 ? 4   C   A "O4'" 1 
ATOM   31  C "C3'" . C   A 1 4  ? -0.911  20.991  8.080   1.00 75.41 ? 4   C   A "C3'" 1 
ATOM   32  O "O3'" . C   A 1 4  ? -1.896  19.979  8.218   1.00 76.80 ? 4   C   A "O3'" 1 
ATOM   33  C "C2'" . C   A 1 4  ? -1.088  21.852  6.837   1.00 73.72 ? 4   C   A "C2'" 1 
ATOM   34  O "O2'" . C   A 1 4  ? -2.429  22.182  6.542   1.00 72.79 ? 4   C   A "O2'" 1 
ATOM   35  C "C1'" . C   A 1 4  ? -0.277  23.090  7.223   1.00 72.65 ? 4   C   A "C1'" 1 
ATOM   36  N N1    . C   A 1 4  ? 1.111   23.000  6.746   1.00 70.98 ? 4   C   A N1    1 
ATOM   37  C C2    . C   A 1 4  ? 1.399   23.399  5.437   1.00 70.00 ? 4   C   A C2    1 
ATOM   38  O O2    . C   A 1 4  ? 0.486   23.856  4.737   1.00 69.25 ? 4   C   A O2    1 
ATOM   39  N N3    . C   A 1 4  ? 2.661   23.280  4.973   1.00 69.12 ? 4   C   A N3    1 
ATOM   40  C C4    . C   A 1 4  ? 3.618   22.797  5.766   1.00 69.13 ? 4   C   A C4    1 
ATOM   41  N N4    . C   A 1 4  ? 4.847   22.686  5.262   1.00 68.64 ? 4   C   A N4    1 
ATOM   42  C C5    . C   A 1 4  ? 3.357   22.403  7.111   1.00 69.13 ? 4   C   A C5    1 
ATOM   43  C C6    . C   A 1 4  ? 2.102   22.521  7.555   1.00 69.45 ? 4   C   A C6    1 
ATOM   44  P P     . G   A 1 5  ? -1.557  18.485  7.739   1.00 78.50 ? 5   G   A P     1 
ATOM   45  O OP1   . G   A 1 5  ? -2.595  17.608  8.340   1.00 79.11 ? 5   G   A OP1   1 
ATOM   46  O OP2   . G   A 1 5  ? -0.122  18.230  8.033   1.00 77.32 ? 5   G   A OP2   1 
ATOM   47  O "O5'" . G   A 1 5  ? -1.757  18.539  6.156   1.00 77.64 ? 5   G   A "O5'" 1 
ATOM   48  C "C5'" . G   A 1 5  ? -3.043  18.810  5.588   1.00 78.42 ? 5   G   A "C5'" 1 
ATOM   49  C "C4'" . G   A 1 5  ? -2.930  19.085  4.100   1.00 78.75 ? 5   G   A "C4'" 1 
ATOM   50  O "O4'" . G   A 1 5  ? -2.210  20.329  3.874   1.00 77.92 ? 5   G   A "O4'" 1 
ATOM   51  C "C3'" . G   A 1 5  ? -2.186  18.061  3.258   1.00 79.09 ? 5   G   A "C3'" 1 
ATOM   52  O "O3'" . G   A 1 5  ? -3.018  16.981  2.862   1.00 80.50 ? 5   G   A "O3'" 1 
ATOM   53  C "C2'" . G   A 1 5  ? -1.782  18.886  2.045   1.00 78.29 ? 5   G   A "C2'" 1 
ATOM   54  O "O2'" . G   A 1 5  ? -2.817  19.028  1.096   1.00 77.51 ? 5   G   A "O2'" 1 
ATOM   55  C "C1'" . G   A 1 5  ? -1.419  20.220  2.699   1.00 77.40 ? 5   G   A "C1'" 1 
ATOM   56  N N9    . G   A 1 5  ? -0.013  20.253  3.093   1.00 76.26 ? 5   G   A N9    1 
ATOM   57  C C8    . G   A 1 5  ? 0.490   20.154  4.370   1.00 76.28 ? 5   G   A C8    1 
ATOM   58  N N7    . G   A 1 5  ? 1.796   20.155  4.407   1.00 75.69 ? 5   G   A N7    1 
ATOM   59  C C5    . G   A 1 5  ? 2.180   20.273  3.077   1.00 74.19 ? 5   G   A C5    1 
ATOM   60  C C6    . G   A 1 5  ? 3.476   20.309  2.492   1.00 73.23 ? 5   G   A C6    1 
ATOM   61  O O6    . G   A 1 5  ? 4.576   20.212  3.046   1.00 71.87 ? 5   G   A O6    1 
ATOM   62  N N1    . G   A 1 5  ? 3.409   20.456  1.112   1.00 71.89 ? 5   G   A N1    1 
ATOM   63  C C2    . G   A 1 5  ? 2.252   20.535  0.384   1.00 72.02 ? 5   G   A C2    1 
ATOM   64  N N2    . G   A 1 5  ? 2.409   20.677  -0.937  1.00 72.34 ? 5   G   A N2    1 
ATOM   65  N N3    . G   A 1 5  ? 1.038   20.478  0.910   1.00 72.08 ? 5   G   A N3    1 
ATOM   66  C C4    . G   A 1 5  ? 1.077   20.352  2.253   1.00 74.26 ? 5   G   A C4    1 
ATOM   67  P P     . U   A 1 6  ? -2.351  15.647  2.260   1.00 83.57 ? 6   U   A P     1 
ATOM   68  O OP1   . U   A 1 6  ? -3.458  14.699  1.968   1.00 83.23 ? 6   U   A OP1   1 
ATOM   69  O OP2   . U   A 1 6  ? -1.245  15.238  3.165   1.00 81.95 ? 6   U   A OP2   1 
ATOM   70  O "O5'" . U   A 1 6  ? -1.711  16.084  0.864   1.00 81.27 ? 6   U   A "O5'" 1 
ATOM   71  C "C5'" . U   A 1 6  ? -2.522  16.226  -0.294  1.00 80.08 ? 6   U   A "C5'" 1 
ATOM   72  C "C4'" . U   A 1 6  ? -1.668  16.430  -1.525  1.00 79.97 ? 6   U   A "C4'" 1 
ATOM   73  O "O4'" . U   A 1 6  ? -0.865  17.642  -1.407  1.00 79.83 ? 6   U   A "O4'" 1 
ATOM   74  C "C3'" . U   A 1 6  ? -0.632  15.367  -1.844  1.00 79.85 ? 6   U   A "C3'" 1 
ATOM   75  O "O3'" . U   A 1 6  ? -1.199  14.208  -2.437  1.00 78.60 ? 6   U   A "O3'" 1 
ATOM   76  C "C2'" . U   A 1 6  ? 0.249   16.115  -2.834  1.00 80.39 ? 6   U   A "C2'" 1 
ATOM   77  O "O2'" . U   A 1 6  ? -0.309  16.205  -4.132  1.00 80.84 ? 6   U   A "O2'" 1 
ATOM   78  C "C1'" . U   A 1 6  ? 0.339   17.488  -2.158  1.00 79.66 ? 6   U   A "C1'" 1 
ATOM   79  N N1    . U   A 1 6  ? 1.476   17.517  -1.228  1.00 78.74 ? 6   U   A N1    1 
ATOM   80  C C2    . U   A 1 6  ? 2.754   17.620  -1.758  1.00 78.02 ? 6   U   A C2    1 
ATOM   81  O O2    . U   A 1 6  ? 2.974   17.758  -2.947  1.00 77.26 ? 6   U   A O2    1 
ATOM   82  N N3    . U   A 1 6  ? 3.765   17.552  -0.837  1.00 78.82 ? 6   U   A N3    1 
ATOM   83  C C4    . U   A 1 6  ? 3.637   17.408  0.531   1.00 79.56 ? 6   U   A C4    1 
ATOM   84  O O4    . U   A 1 6  ? 4.646   17.314  1.227   1.00 80.57 ? 6   U   A O4    1 
ATOM   85  C C5    . U   A 1 6  ? 2.288   17.349  1.003   1.00 79.47 ? 6   U   A C5    1 
ATOM   86  C C6    . U   A 1 6  ? 1.280   17.409  0.129   1.00 79.57 ? 6   U   A C6    1 
ATOM   87  P P     . C   A 1 7  ? -0.396  12.820  -2.379  1.00 77.79 ? 7   C   A P     1 
ATOM   88  O OP1   . C   A 1 7  ? -1.088  11.827  -3.227  1.00 81.15 ? 7   C   A OP1   1 
ATOM   89  O OP2   . C   A 1 7  ? -0.134  12.504  -0.954  1.00 77.56 ? 7   C   A OP2   1 
ATOM   90  O "O5'" . C   A 1 7  ? 0.974   13.133  -3.123  1.00 77.41 ? 7   C   A "O5'" 1 
ATOM   91  C "C5'" . C   A 1 7  ? 1.016   13.268  -4.536  1.00 75.21 ? 7   C   A "C5'" 1 
ATOM   92  C "C4'" . C   A 1 7  ? 2.447   13.257  -5.016  1.00 75.61 ? 7   C   A "C4'" 1 
ATOM   93  O "O4'" . C   A 1 7  ? 3.178   14.362  -4.403  1.00 75.49 ? 7   C   A "O4'" 1 
ATOM   94  C "C3'" . C   A 1 7  ? 3.264   12.036  -4.630  1.00 75.12 ? 7   C   A "C3'" 1 
ATOM   95  O "O3'" . C   A 1 7  ? 3.010   10.930  -5.487  1.00 75.40 ? 7   C   A "O3'" 1 
ATOM   96  C "C2'" . C   A 1 7  ? 4.687   12.573  -4.746  1.00 74.64 ? 7   C   A "C2'" 1 
ATOM   97  O "O2'" . C   A 1 7  ? 5.163   12.684  -6.077  1.00 71.22 ? 7   C   A "O2'" 1 
ATOM   98  C "C1'" . C   A 1 7  ? 4.516   13.958  -4.122  1.00 73.64 ? 7   C   A "C1'" 1 
ATOM   99  N N1    . C   A 1 7  ? 4.711   13.954  -2.659  1.00 71.17 ? 7   C   A N1    1 
ATOM   100 C C2    . C   A 1 7  ? 6.006   13.819  -2.151  1.00 69.78 ? 7   C   A C2    1 
ATOM   101 O O2    . C   A 1 7  ? 6.952   13.730  -2.940  1.00 68.83 ? 7   C   A O2    1 
ATOM   102 N N3    . C   A 1 7  ? 6.192   13.786  -0.813  1.00 69.37 ? 7   C   A N3    1 
ATOM   103 C C4    . C   A 1 7  ? 5.144   13.879  0.008   1.00 68.40 ? 7   C   A C4    1 
ATOM   104 N N4    . C   A 1 7  ? 5.371   13.811  1.319   1.00 68.54 ? 7   C   A N4    1 
ATOM   105 C C5    . C   A 1 7  ? 3.817   14.036  -0.482  1.00 68.41 ? 7   C   A C5    1 
ATOM   106 C C6    . C   A 1 7  ? 3.646   14.068  -1.808  1.00 69.64 ? 7   C   A C6    1 
ATOM   107 P P     . G   A 1 8  ? 3.025   9.444   -4.876  1.00 75.00 ? 8   G   A P     1 
ATOM   108 O OP1   . G   A 1 8  ? 2.501   8.525   -5.910  1.00 75.95 ? 8   G   A OP1   1 
ATOM   109 O OP2   . G   A 1 8  ? 2.366   9.505   -3.544  1.00 75.43 ? 8   G   A OP2   1 
ATOM   110 O "O5'" . G   A 1 8  ? 4.571   9.123   -4.662  1.00 73.87 ? 8   G   A "O5'" 1 
ATOM   111 C "C5'" . G   A 1 8  ? 5.540   9.441   -5.663  1.00 70.92 ? 8   G   A "C5'" 1 
ATOM   112 C "C4'" . G   A 1 8  ? 6.933   9.441   -5.064  1.00 68.94 ? 8   G   A "C4'" 1 
ATOM   113 O "O4'" . G   A 1 8  ? 7.103   10.543  -4.127  1.00 67.48 ? 8   G   A "O4'" 1 
ATOM   114 C "C3'" . G   A 1 8  ? 7.266   8.230   -4.218  1.00 67.48 ? 8   G   A "C3'" 1 
ATOM   115 O "O3'" . G   A 1 8  ? 7.594   7.115   -5.019  1.00 68.77 ? 8   G   A "O3'" 1 
ATOM   116 C "C2'" . G   A 1 8  ? 8.458   8.727   -3.421  1.00 65.98 ? 8   G   A "C2'" 1 
ATOM   117 O "O2'" . G   A 1 8  ? 9.650   8.702   -4.169  1.00 67.17 ? 8   G   A "O2'" 1 
ATOM   118 C "C1'" . G   A 1 8  ? 8.029   10.161  -3.115  1.00 65.00 ? 8   G   A "C1'" 1 
ATOM   119 N N9    . G   A 1 8  ? 7.367   10.257  -1.818  1.00 63.34 ? 8   G   A N9    1 
ATOM   120 C C8    . G   A 1 8  ? 6.020   10.384  -1.576  1.00 62.01 ? 8   G   A C8    1 
ATOM   121 N N7    . G   A 1 8  ? 5.731   10.440  -0.302  1.00 60.15 ? 8   G   A N7    1 
ATOM   122 C C5    . G   A 1 8  ? 6.961   10.346  0.336   1.00 58.24 ? 8   G   A C5    1 
ATOM   123 C C6    . G   A 1 8  ? 7.284   10.360  1.716   1.00 55.55 ? 8   G   A C6    1 
ATOM   124 O O6    . G   A 1 8  ? 6.526   10.451  2.686   1.00 53.46 ? 8   G   A O6    1 
ATOM   125 N N1    . G   A 1 8  ? 8.652   10.257  1.919   1.00 55.07 ? 8   G   A N1    1 
ATOM   126 C C2    . G   A 1 8  ? 9.593   10.153  0.929   1.00 56.04 ? 8   G   A C2    1 
ATOM   127 N N2    . G   A 1 8  ? 10.867  10.080  1.328   1.00 54.75 ? 8   G   A N2    1 
ATOM   128 N N3    . G   A 1 8  ? 9.307   10.130  -0.359  1.00 58.25 ? 8   G   A N3    1 
ATOM   129 C C4    . G   A 1 8  ? 7.981   10.234  -0.583  1.00 60.45 ? 8   G   A C4    1 
ATOM   130 P P     . U   A 1 9  ? 7.036   5.669   -4.607  1.00 71.18 ? 9   U   A P     1 
ATOM   131 O OP1   . U   A 1 9  ? 7.164   4.777   -5.791  1.00 70.70 ? 9   U   A OP1   1 
ATOM   132 O OP2   . U   A 1 9  ? 5.698   5.866   -3.972  1.00 70.05 ? 9   U   A OP2   1 
ATOM   133 O "O5'" . U   A 1 9  ? 8.061   5.176   -3.487  1.00 69.81 ? 9   U   A "O5'" 1 
ATOM   134 C "C5'" . U   A 1 9  ? 9.449   5.031   -3.780  1.00 67.43 ? 9   U   A "C5'" 1 
ATOM   135 C "C4'" . U   A 1 9  ? 10.216  4.673   -2.529  1.00 65.65 ? 9   U   A "C4'" 1 
ATOM   136 O "O4'" . U   A 1 9  ? 10.253  5.807   -1.622  1.00 63.93 ? 9   U   A "O4'" 1 
ATOM   137 C "C3'" . U   A 1 9  ? 9.635   3.549   -1.690  1.00 65.69 ? 9   U   A "C3'" 1 
ATOM   138 O "O3'" . U   A 1 9  ? 10.005  2.273   -2.197  1.00 66.70 ? 9   U   A "O3'" 1 
ATOM   139 C "C2'" . U   A 1 9  ? 10.258  3.828   -0.330  1.00 63.10 ? 9   U   A "C2'" 1 
ATOM   140 O "O2'" . U   A 1 9  ? 11.616  3.449   -0.280  1.00 63.71 ? 9   U   A "O2'" 1 
ATOM   141 C "C1'" . U   A 1 9  ? 10.169  5.350   -0.281  1.00 60.88 ? 9   U   A "C1'" 1 
ATOM   142 N N1    . U   A 1 9  ? 8.918   5.863   0.294   1.00 58.63 ? 9   U   A N1    1 
ATOM   143 C C2    . U   A 1 9  ? 8.757   5.800   1.673   1.00 56.60 ? 9   U   A C2    1 
ATOM   144 O O2    . U   A 1 9  ? 9.603   5.340   2.416   1.00 57.68 ? 9   U   A O2    1 
ATOM   145 N N3    . U   A 1 9  ? 7.569   6.305   2.145   1.00 52.41 ? 9   U   A N3    1 
ATOM   146 C C4    . U   A 1 9  ? 6.554   6.861   1.396   1.00 52.61 ? 9   U   A C4    1 
ATOM   147 O O4    . U   A 1 9  ? 5.560   7.309   1.964   1.00 50.01 ? 9   U   A O4    1 
ATOM   148 C C5    . U   A 1 9  ? 6.796   6.891   -0.017  1.00 54.42 ? 9   U   A C5    1 
ATOM   149 C C6    . U   A 1 9  ? 7.939   6.399   -0.508  1.00 56.06 ? 9   U   A C6    1 
ATOM   150 P P     . U   A 1 10 ? 9.035   1.018   -1.950  1.00 68.70 ? 10  U   A P     1 
ATOM   151 O OP1   . U   A 1 10 ? 9.605   -0.154  -2.660  1.00 68.55 ? 10  U   A OP1   1 
ATOM   152 O OP2   . U   A 1 10 ? 7.642   1.454   -2.242  1.00 67.48 ? 10  U   A OP2   1 
ATOM   153 O "O5'" . U   A 1 10 ? 9.151   0.745   -0.388  1.00 65.07 ? 10  U   A "O5'" 1 
ATOM   154 C "C5'" . U   A 1 10 ? 10.326  0.178   0.162   1.00 62.30 ? 10  U   A "C5'" 1 
ATOM   155 C "C4'" . U   A 1 10 ? 10.181  0.068   1.652   1.00 61.72 ? 10  U   A "C4'" 1 
ATOM   156 O "O4'" . U   A 1 10 ? 9.975   1.400   2.188   1.00 62.03 ? 10  U   A "O4'" 1 
ATOM   157 C "C3'" . U   A 1 10 ? 8.952   -0.688  2.122   1.00 61.73 ? 10  U   A "C3'" 1 
ATOM   158 O "O3'" . U   A 1 10 ? 9.154   -2.090  2.109   1.00 61.95 ? 10  U   A "O3'" 1 
ATOM   159 C "C2'" . U   A 1 10 ? 8.769   -0.137  3.526   1.00 61.87 ? 10  U   A "C2'" 1 
ATOM   160 O "O2'" . U   A 1 10 ? 9.671   -0.683  4.467   1.00 62.33 ? 10  U   A "O2'" 1 
ATOM   161 C "C1'" . U   A 1 10 ? 9.084   1.339   3.293   1.00 61.78 ? 10  U   A "C1'" 1 
ATOM   162 N N1    . U   A 1 10 ? 7.887   2.127   2.972   1.00 61.73 ? 10  U   A N1    1 
ATOM   163 C C2    . U   A 1 10 ? 7.108   2.544   4.027   1.00 61.84 ? 10  U   A C2    1 
ATOM   164 O O2    . U   A 1 10 ? 7.386   2.290   5.184   1.00 63.69 ? 10  U   A O2    1 
ATOM   165 N N3    . U   A 1 10 ? 5.996   3.275   3.683   1.00 61.23 ? 10  U   A N3    1 
ATOM   166 C C4    . U   A 1 10 ? 5.596   3.627   2.414   1.00 62.05 ? 10  U   A C4    1 
ATOM   167 O O4    . U   A 1 10 ? 4.556   4.280   2.264   1.00 62.09 ? 10  U   A O4    1 
ATOM   168 C C5    . U   A 1 10 ? 6.463   3.164   1.367   1.00 62.08 ? 10  U   A C5    1 
ATOM   169 C C6    . U   A 1 10 ? 7.552   2.444   1.675   1.00 61.58 ? 10  U   A C6    1 
ATOM   170 P P     . C   A 1 11 ? 7.899   -3.068  1.865   1.00 64.10 ? 11  C   A P     1 
ATOM   171 O OP1   . C   A 1 11 ? 8.454   -4.400  1.521   1.00 64.99 ? 11  C   A OP1   1 
ATOM   172 O OP2   . C   A 1 11 ? 6.949   -2.403  0.933   1.00 62.15 ? 11  C   A OP2   1 
ATOM   173 O "O5'" . C   A 1 11 ? 7.208   -3.182  3.296   1.00 61.96 ? 11  C   A "O5'" 1 
ATOM   174 C "C5'" . C   A 1 11 ? 7.946   -3.652  4.417   1.00 61.35 ? 11  C   A "C5'" 1 
ATOM   175 C "C4'" . C   A 1 11 ? 7.237   -3.294  5.693   1.00 60.12 ? 11  C   A "C4'" 1 
ATOM   176 O "O4'" . C   A 1 11 ? 7.175   -1.851  5.819   1.00 59.78 ? 11  C   A "O4'" 1 
ATOM   177 C "C3'" . C   A 1 11 ? 5.786   -3.730  5.783   1.00 60.75 ? 11  C   A "C3'" 1 
ATOM   178 O "O3'" . C   A 1 11 ? 5.696   -5.095  6.177   1.00 62.13 ? 11  C   A "O3'" 1 
ATOM   179 C "C2'" . C   A 1 11 ? 5.250   -2.783  6.849   1.00 60.03 ? 11  C   A "C2'" 1 
ATOM   180 O "O2'" . C   A 1 11 ? 5.586   -3.169  8.165   1.00 60.60 ? 11  C   A "O2'" 1 
ATOM   181 C "C1'" . C   A 1 11 ? 5.976   -1.483  6.489   1.00 58.34 ? 11  C   A "C1'" 1 
ATOM   182 N N1    . C   A 1 11 ? 5.185   -0.617  5.595   1.00 54.00 ? 11  C   A N1    1 
ATOM   183 C C2    . C   A 1 11 ? 4.176   0.177   6.149   1.00 51.75 ? 11  C   A C2    1 
ATOM   184 O O2    . C   A 1 11 ? 3.995   0.147   7.375   1.00 51.77 ? 11  C   A O2    1 
ATOM   185 N N3    . C   A 1 11 ? 3.423   0.953   5.340   1.00 49.89 ? 11  C   A N3    1 
ATOM   186 C C4    . C   A 1 11 ? 3.646   0.956   4.026   1.00 50.72 ? 11  C   A C4    1 
ATOM   187 N N4    . C   A 1 11 ? 2.861   1.719   3.260   1.00 49.13 ? 11  C   A N4    1 
ATOM   188 C C5    . C   A 1 11 ? 4.679   0.168   3.435   1.00 51.57 ? 11  C   A C5    1 
ATOM   189 C C6    . C   A 1 11 ? 5.419   -0.594  4.250   1.00 52.50 ? 11  C   A C6    1 
ATOM   190 P P     . C   A 1 12 ? 4.389   -5.954  5.792   1.00 64.50 ? 12  C   A P     1 
ATOM   191 O OP1   . C   A 1 12 ? 4.684   -7.368  6.132   1.00 66.19 ? 12  C   A OP1   1 
ATOM   192 O OP2   . C   A 1 12 ? 3.931   -5.616  4.417   1.00 65.02 ? 12  C   A OP2   1 
ATOM   193 O "O5'" . C   A 1 12 ? 3.284   -5.429  6.811   1.00 63.07 ? 12  C   A "O5'" 1 
ATOM   194 C "C5'" . C   A 1 12 ? 3.367   -5.742  8.193   1.00 60.59 ? 12  C   A "C5'" 1 
ATOM   195 C "C4'" . C   A 1 12 ? 2.291   -5.013  8.954   1.00 60.52 ? 12  C   A "C4'" 1 
ATOM   196 O "O4'" . C   A 1 12 ? 2.459   -3.578  8.780   1.00 59.29 ? 12  C   A "O4'" 1 
ATOM   197 C "C3'" . C   A 1 12 ? 0.860   -5.233  8.491   1.00 60.12 ? 12  C   A "C3'" 1 
ATOM   198 O "O3'" . C   A 1 12 ? 0.312   -6.460  8.947   1.00 61.26 ? 12  C   A "O3'" 1 
ATOM   199 C "C2'" . C   A 1 12 ? 0.174   -4.046  9.135   1.00 59.06 ? 12  C   A "C2'" 1 
ATOM   200 O "O2'" . C   A 1 12 ? 0.056   -4.193  10.534  1.00 57.21 ? 12  C   A "O2'" 1 
ATOM   201 C "C1'" . C   A 1 12 ? 1.185   -2.947  8.817   1.00 58.00 ? 12  C   A "C1'" 1 
ATOM   202 N N1    . C   A 1 12 ? 0.929   -2.311  7.512   1.00 54.65 ? 12  C   A N1    1 
ATOM   203 C C2    . C   A 1 12 ? -0.111  -1.377  7.421   1.00 53.33 ? 12  C   A C2    1 
ATOM   204 O O2    . C   A 1 12 ? -0.792  -1.144  8.428   1.00 55.76 ? 12  C   A O2    1 
ATOM   205 N N3    . C   A 1 12 ? -0.348  -0.758  6.245   1.00 49.52 ? 12  C   A N3    1 
ATOM   206 C C4    . C   A 1 12 ? 0.407   -1.037  5.182   1.00 50.29 ? 12  C   A C4    1 
ATOM   207 N N4    . C   A 1 12 ? 0.155   -0.375  4.042   1.00 47.83 ? 12  C   A N4    1 
ATOM   208 C C5    . C   A 1 12 ? 1.465   -2.001  5.238   1.00 50.53 ? 12  C   A C5    1 
ATOM   209 C C6    . C   A 1 12 ? 1.686   -2.610  6.415   1.00 52.88 ? 12  C   A C6    1 
ATOM   210 P P     . G   A 1 13 ? -0.608  -7.331  7.955   1.00 63.91 ? 13  G   A P     1 
ATOM   211 O OP1   . G   A 1 13 ? -0.737  -8.667  8.597   1.00 63.51 ? 13  G   A OP1   1 
ATOM   212 O OP2   . G   A 1 13 ? -0.072  -7.231  6.571   1.00 60.78 ? 13  G   A OP2   1 
ATOM   213 O "O5'" . G   A 1 13 ? -2.022  -6.590  7.976   1.00 61.24 ? 13  G   A "O5'" 1 
ATOM   214 C "C5'" . G   A 1 13 ? -2.626  -6.221  9.208   1.00 60.44 ? 13  G   A "C5'" 1 
ATOM   215 C "C4'" . G   A 1 13 ? -3.705  -5.187  8.983   1.00 61.03 ? 13  G   A "C4'" 1 
ATOM   216 O "O4'" . G   A 1 13 ? -3.144  -3.948  8.479   1.00 60.62 ? 13  G   A "O4'" 1 
ATOM   217 C "C3'" . G   A 1 13 ? -4.775  -5.509  7.957   1.00 61.44 ? 13  G   A "C3'" 1 
ATOM   218 O "O3'" . G   A 1 13 ? -5.726  -6.424  8.477   1.00 62.43 ? 13  G   A "O3'" 1 
ATOM   219 C "C2'" . G   A 1 13 ? -5.392  -4.133  7.731   1.00 60.59 ? 13  G   A "C2'" 1 
ATOM   220 O "O2'" . G   A 1 13 ? -6.317  -3.754  8.732   1.00 58.23 ? 13  G   A "O2'" 1 
ATOM   221 C "C1'" . G   A 1 13 ? -4.151  -3.235  7.775   1.00 59.60 ? 13  G   A "C1'" 1 
ATOM   222 N N9    . G   A 1 13 ? -3.653  -2.935  6.438   1.00 58.03 ? 13  G   A N9    1 
ATOM   223 C C8    . G   A 1 13 ? -2.532  -3.447  5.832   1.00 57.11 ? 13  G   A C8    1 
ATOM   224 N N7    . G   A 1 13 ? -2.366  -3.012  4.611   1.00 55.51 ? 13  G   A N7    1 
ATOM   225 C C5    . G   A 1 13 ? -3.439  -2.159  4.403   1.00 54.60 ? 13  G   A C5    1 
ATOM   226 C C6    . G   A 1 13 ? -3.803  -1.417  3.264   1.00 54.31 ? 13  G   A C6    1 
ATOM   227 O O6    . G   A 1 13 ? -3.220  -1.341  2.180   1.00 57.34 ? 13  G   A O6    1 
ATOM   228 N N1    . G   A 1 13 ? -4.976  -0.707  3.467   1.00 54.38 ? 13  G   A N1    1 
ATOM   229 C C2    . G   A 1 13 ? -5.699  -0.701  4.626   1.00 56.26 ? 13  G   A C2    1 
ATOM   230 N N2    . G   A 1 13 ? -6.804  0.049   4.615   1.00 57.22 ? 13  G   A N2    1 
ATOM   231 N N3    . G   A 1 13 ? -5.366  -1.381  5.712   1.00 55.81 ? 13  G   A N3    1 
ATOM   232 C C4    . G   A 1 13 ? -4.235  -2.090  5.525   1.00 55.96 ? 13  G   A C4    1 
ATOM   233 P P     . G   A 1 14 ? -6.572  -7.347  7.473   1.00 64.40 ? 14  G   A P     1 
ATOM   234 O OP1   . G   A 1 14 ? -7.348  -8.263  8.351   1.00 65.33 ? 14  G   A OP1   1 
ATOM   235 O OP2   . G   A 1 14 ? -5.681  -7.906  6.415   1.00 61.99 ? 14  G   A OP2   1 
ATOM   236 O "O5'" . G   A 1 14 ? -7.593  -6.347  6.782   1.00 60.45 ? 14  G   A "O5'" 1 
ATOM   237 C "C5'" . G   A 1 14 ? -8.616  -5.738  7.543   1.00 59.90 ? 14  G   A "C5'" 1 
ATOM   238 C "C4'" . G   A 1 14 ? -9.384  -4.791  6.681   1.00 57.92 ? 14  G   A "C4'" 1 
ATOM   239 O "O4'" . G   A 1 14 ? -8.452  -3.824  6.150   1.00 58.64 ? 14  G   A "O4'" 1 
ATOM   240 C "C3'" . G   A 1 14 ? -9.934  -5.408  5.413   1.00 57.34 ? 14  G   A "C3'" 1 
ATOM   241 O "O3'" . G   A 1 14 ? -11.121 -6.143  5.658   1.00 56.20 ? 14  G   A "O3'" 1 
ATOM   242 C "C2'" . G   A 1 14 ? -10.169 -4.172  4.555   1.00 56.80 ? 14  G   A "C2'" 1 
ATOM   243 O "O2'" . G   A 1 14 ? -11.346 -3.457  4.878   1.00 54.29 ? 14  G   A "O2'" 1 
ATOM   244 C "C1'" . G   A 1 14 ? -8.948  -3.330  4.925   1.00 56.69 ? 14  G   A "C1'" 1 
ATOM   245 N N9    . G   A 1 14 ? -7.891  -3.405  3.925   1.00 55.50 ? 14  G   A N9    1 
ATOM   246 C C8    . G   A 1 14 ? -6.720  -4.127  3.970   1.00 54.43 ? 14  G   A C8    1 
ATOM   247 N N7    . G   A 1 14 ? -5.980  -3.961  2.904   1.00 54.30 ? 14  G   A N7    1 
ATOM   248 C C5    . G   A 1 14 ? -6.707  -3.072  2.117   1.00 53.92 ? 14  G   A C5    1 
ATOM   249 C C6    . G   A 1 14 ? -6.410  -2.492  0.848   1.00 54.52 ? 14  G   A C6    1 
ATOM   250 O O6    . G   A 1 14 ? -5.390  -2.629  0.151   1.00 52.71 ? 14  G   A O6    1 
ATOM   251 N N1    . G   A 1 14 ? -7.444  -1.659  0.414   1.00 53.34 ? 14  G   A N1    1 
ATOM   252 C C2    . G   A 1 14 ? -8.601  -1.398  1.116   1.00 50.90 ? 14  G   A C2    1 
ATOM   253 N N2    . G   A 1 14 ? -9.484  -0.561  0.542   1.00 48.22 ? 14  G   A N2    1 
ATOM   254 N N3    . G   A 1 14 ? -8.872  -1.914  2.296   1.00 50.14 ? 14  G   A N3    1 
ATOM   255 C C4    . G   A 1 14 ? -7.893  -2.734  2.732   1.00 53.58 ? 14  G   A C4    1 
ATOM   256 P P     . A   A 1 15 ? -11.574 -7.276  4.616   1.00 56.11 ? 15  A   A P     1 
ATOM   257 O OP1   . A   A 1 15 ? -12.746 -7.962  5.210   1.00 58.59 ? 15  A   A OP1   1 
ATOM   258 O OP2   . A   A 1 15 ? -10.394 -8.063  4.188   1.00 55.74 ? 15  A   A OP2   1 
ATOM   259 O "O5'" . A   A 1 15 ? -12.094 -6.475  3.344   1.00 55.04 ? 15  A   A "O5'" 1 
ATOM   260 C "C5'" . A   A 1 15 ? -13.311 -5.751  3.400   1.00 52.29 ? 15  A   A "C5'" 1 
ATOM   261 C "C4'" . A   A 1 15 ? -13.518 -4.998  2.119   1.00 51.26 ? 15  A   A "C4'" 1 
ATOM   262 O "O4'" . A   A 1 15 ? -12.466 -4.014  1.936   1.00 51.92 ? 15  A   A "O4'" 1 
ATOM   263 C "C3'" . A   A 1 15 ? -13.407 -5.832  0.865   1.00 50.60 ? 15  A   A "C3'" 1 
ATOM   264 O "O3'" . A   A 1 15 ? -14.604 -6.543  0.648   1.00 51.68 ? 15  A   A "O3'" 1 
ATOM   265 C "C2'" . A   A 1 15 ? -13.205 -4.754  -0.182  1.00 50.16 ? 15  A   A "C2'" 1 
ATOM   266 O "O2'" . A   A 1 15 ? -14.414 -4.085  -0.486  1.00 50.37 ? 15  A   A "O2'" 1 
ATOM   267 C "C1'" . A   A 1 15 ? -12.224 -3.835  0.548   1.00 49.65 ? 15  A   A "C1'" 1 
ATOM   268 N N9    . A   A 1 15 ? -10.840 -4.208  0.284   1.00 47.11 ? 15  A   A N9    1 
ATOM   269 C C8    . A   A 1 15 ? -10.026 -5.008  1.039   1.00 47.50 ? 15  A   A C8    1 
ATOM   270 N N7    . A   A 1 15 ? -8.837  -5.197  0.517   1.00 48.63 ? 15  A   A N7    1 
ATOM   271 C C5    . A   A 1 15 ? -8.870  -4.463  -0.660  1.00 46.89 ? 15  A   A C5    1 
ATOM   272 C C6    . A   A 1 15 ? -7.919  -4.249  -1.673  1.00 45.22 ? 15  A   A C6    1 
ATOM   273 N N6    . A   A 1 15 ? -6.706  -4.793  -1.683  1.00 39.61 ? 15  A   A N6    1 
ATOM   274 N N1    . A   A 1 15 ? -8.267  -3.443  -2.696  1.00 48.37 ? 15  A   A N1    1 
ATOM   275 C C2    . A   A 1 15 ? -9.493  -2.901  -2.701  1.00 48.68 ? 15  A   A C2    1 
ATOM   276 N N3    . A   A 1 15 ? -10.475 -3.032  -1.814  1.00 47.52 ? 15  A   A N3    1 
ATOM   277 C C4    . A   A 1 15 ? -10.095 -3.835  -0.806  1.00 47.09 ? 15  A   A C4    1 
ATOM   278 P P     . A   A 1 16 ? -14.537 -8.001  -0.005  1.00 45.67 ? 16  A   A P     1 
ATOM   279 O OP1   . A   A 1 16 ? -15.817 -8.668  0.323   1.00 46.90 ? 16  A   A OP1   1 
ATOM   280 O OP2   . A   A 1 16 ? -13.257 -8.619  0.405   1.00 46.80 ? 16  A   A OP2   1 
ATOM   281 O "O5'" . A   A 1 16 ? -14.469 -7.714  -1.568  1.00 42.68 ? 16  A   A "O5'" 1 
ATOM   282 C "C5'" . A   A 1 16 ? -15.320 -6.752  -2.158  1.00 42.12 ? 16  A   A "C5'" 1 
ATOM   283 C "C4'" . A   A 1 16 ? -14.686 -6.211  -3.407  1.00 43.99 ? 16  A   A "C4'" 1 
ATOM   284 O "O4'" . A   A 1 16 ? -13.490 -5.447  -3.108  1.00 44.96 ? 16  A   A "O4'" 1 
ATOM   285 C "C3'" . A   A 1 16 ? -14.182 -7.275  -4.347  1.00 43.66 ? 16  A   A "C3'" 1 
ATOM   286 O "O3'" . A   A 1 16 ? -15.284 -7.754  -5.066  1.00 47.58 ? 16  A   A "O3'" 1 
ATOM   287 C "C2'" . A   A 1 16 ? -13.230 -6.481  -5.222  1.00 42.32 ? 16  A   A "C2'" 1 
ATOM   288 O "O2'" . A   A 1 16 ? -13.909 -5.726  -6.192  1.00 42.10 ? 16  A   A "O2'" 1 
ATOM   289 C "C1'" . A   A 1 16 ? -12.575 -5.567  -4.186  1.00 43.18 ? 16  A   A "C1'" 1 
ATOM   290 N N9    . A   A 1 16 ? -11.332 -6.131  -3.665  1.00 45.01 ? 16  A   A N9    1 
ATOM   291 C C8    . A   A 1 16 ? -11.174 -6.970  -2.590  1.00 45.95 ? 16  A   A C8    1 
ATOM   292 N N7    . A   A 1 16 ? -9.937  -7.360  -2.403  1.00 46.78 ? 16  A   A N7    1 
ATOM   293 C C5    . A   A 1 16 ? -9.230  -6.724  -3.412  1.00 46.22 ? 16  A   A C5    1 
ATOM   294 C C6    . A   A 1 16 ? -7.870  -6.738  -3.768  1.00 46.40 ? 16  A   A C6    1 
ATOM   295 N N6    . A   A 1 16 ? -6.943  -7.463  -3.142  1.00 45.14 ? 16  A   A N6    1 
ATOM   296 N N1    . A   A 1 16 ? -7.491  -5.976  -4.816  1.00 46.94 ? 16  A   A N1    1 
ATOM   297 C C2    . A   A 1 16 ? -8.424  -5.266  -5.465  1.00 47.81 ? 16  A   A C2    1 
ATOM   298 N N3    . A   A 1 16 ? -9.732  -5.186  -5.238  1.00 47.32 ? 16  A   A N3    1 
ATOM   299 C C4    . A   A 1 16 ? -10.075 -5.948  -4.186  1.00 46.40 ? 16  A   A C4    1 
ATOM   300 P P     . A   A 1 17 ? -15.579 -9.330  -5.110  1.00 48.88 ? 17  A   A P     1 
ATOM   301 O OP1   . A   A 1 17 ? -17.068 -9.466  -5.079  1.00 49.04 ? 17  A   A OP1   1 
ATOM   302 O OP2   . A   A 1 17 ? -14.745 -10.084 -4.134  1.00 48.31 ? 17  A   A OP2   1 
ATOM   303 O "O5'" . A   A 1 17 ? -15.075 -9.733  -6.560  1.00 50.48 ? 17  A   A "O5'" 1 
ATOM   304 C "C5'" . A   A 1 17 ? -15.945 -10.350 -7.467  1.00 50.05 ? 17  A   A "C5'" 1 
ATOM   305 C "C4'" . A   A 1 17 ? -15.264 -11.531 -8.065  1.00 49.29 ? 17  A   A "C4'" 1 
ATOM   306 O "O4'" . A   A 1 17 ? -16.282 -12.408 -8.588  1.00 50.64 ? 17  A   A "O4'" 1 
ATOM   307 C "C3'" . A   A 1 17 ? -14.282 -11.264 -9.202  1.00 48.85 ? 17  A   A "C3'" 1 
ATOM   308 O "O3'" . A   A 1 17 ? -13.290 -12.303 -9.191  1.00 50.58 ? 17  A   A "O3'" 1 
ATOM   309 C "C2'" . A   A 1 17 ? -15.190 -11.391 -10.423 1.00 49.41 ? 17  A   A "C2'" 1 
ATOM   310 O "O2'" . A   A 1 17 ? -14.533 -11.843 -11.594 1.00 50.32 ? 17  A   A "O2'" 1 
ATOM   311 C "C1'" . A   A 1 17 ? -16.139 -12.504 -9.981  1.00 50.67 ? 17  A   A "C1'" 1 
ATOM   312 N N9    . A   A 1 17 ? -17.466 -12.414 -10.569 1.00 50.07 ? 17  A   A N9    1 
ATOM   313 C C8    . A   A 1 17 ? -18.360 -11.371 -10.538 1.00 50.80 ? 17  A   A C8    1 
ATOM   314 N N7    . A   A 1 17 ? -19.460 -11.602 -11.220 1.00 51.50 ? 17  A   A N7    1 
ATOM   315 C C5    . A   A 1 17 ? -19.277 -12.892 -11.711 1.00 51.56 ? 17  A   A C5    1 
ATOM   316 C C6    . A   A 1 17 ? -20.072 -13.717 -12.512 1.00 51.21 ? 17  A   A C6    1 
ATOM   317 N N6    . A   A 1 17 ? -21.262 -13.349 -12.994 1.00 51.40 ? 17  A   A N6    1 
ATOM   318 N N1    . A   A 1 17 ? -19.599 -14.951 -12.814 1.00 51.55 ? 17  A   A N1    1 
ATOM   319 C C2    . A   A 1 17 ? -18.399 -15.310 -12.345 1.00 50.60 ? 17  A   A C2    1 
ATOM   320 N N3    . A   A 1 17 ? -17.553 -14.615 -11.588 1.00 51.55 ? 17  A   A N3    1 
ATOM   321 C C4    . A   A 1 17 ? -18.059 -13.402 -11.305 1.00 50.68 ? 17  A   A C4    1 
ATOM   322 P P     . A   A 1 18 ? -11.782 -12.010 -9.696  1.00 50.78 ? 18  A   A P     1 
ATOM   323 O OP1   . A   A 1 18 ? -10.874 -12.723 -8.759  1.00 50.63 ? 18  A   A OP1   1 
ATOM   324 O OP2   . A   A 1 18 ? -11.625 -10.552 -9.920  1.00 52.00 ? 18  A   A OP2   1 
ATOM   325 O "O5'" . A   A 1 18 ? -11.673 -12.762 -11.094 1.00 52.11 ? 18  A   A "O5'" 1 
ATOM   326 C "C5'" . A   A 1 18 ? -11.704 -14.190 -11.151 1.00 51.33 ? 18  A   A "C5'" 1 
ATOM   327 C "C4'" . A   A 1 18 ? -11.138 -14.677 -12.462 1.00 50.02 ? 18  A   A "C4'" 1 
ATOM   328 O "O4'" . A   A 1 18 ? -12.102 -14.499 -13.526 1.00 49.29 ? 18  A   A "O4'" 1 
ATOM   329 C "C3'" . A   A 1 18 ? -9.864  -13.995 -12.934 1.00 51.00 ? 18  A   A "C3'" 1 
ATOM   330 O "O3'" . A   A 1 18 ? -9.080  -14.926 -13.656 1.00 52.54 ? 18  A   A "O3'" 1 
ATOM   331 C "C2'" . A   A 1 18 ? -10.393 -12.903 -13.854 1.00 51.47 ? 18  A   A "C2'" 1 
ATOM   332 O "O2'" . A   A 1 18 ? -9.481  -12.527 -14.862 1.00 53.47 ? 18  A   A "O2'" 1 
ATOM   333 C "C1'" . A   A 1 18 ? -11.599 -13.590 -14.484 1.00 50.21 ? 18  A   A "C1'" 1 
ATOM   334 N N9    . A   A 1 18 ? -12.677 -12.668 -14.826 1.00 51.12 ? 18  A   A N9    1 
ATOM   335 C C8    . A   A 1 18 ? -13.124 -11.569 -14.129 1.00 49.49 ? 18  A   A C8    1 
ATOM   336 N N7    . A   A 1 18 ? -14.155 -10.975 -14.683 1.00 49.69 ? 18  A   A N7    1 
ATOM   337 C C5    . A   A 1 18 ? -14.398 -11.727 -15.825 1.00 51.76 ? 18  A   A C5    1 
ATOM   338 C C6    . A   A 1 18 ? -15.371 -11.632 -16.833 1.00 52.00 ? 18  A   A C6    1 
ATOM   339 N N6    . A   A 1 18 ? -16.322 -10.698 -16.859 1.00 51.80 ? 18  A   A N6    1 
ATOM   340 N N1    . A   A 1 18 ? -15.334 -12.548 -17.827 1.00 53.25 ? 18  A   A N1    1 
ATOM   341 C C2    . A   A 1 18 ? -14.381 -13.489 -17.802 1.00 51.98 ? 18  A   A C2    1 
ATOM   342 N N3    . A   A 1 18 ? -13.417 -13.682 -16.914 1.00 51.67 ? 18  A   A N3    1 
ATOM   343 C C4    . A   A 1 18 ? -13.483 -12.761 -15.935 1.00 51.82 ? 18  A   A C4    1 
ATOM   344 P P     . G   A 1 19 ? -7.918  -15.737 -12.900 1.00 57.40 ? 19  G   A P     1 
ATOM   345 O OP1   . G   A 1 19 ? -7.666  -16.934 -13.750 1.00 57.09 ? 19  G   A OP1   1 
ATOM   346 O OP2   . G   A 1 19 ? -8.298  -15.907 -11.468 1.00 55.80 ? 19  G   A OP2   1 
ATOM   347 O "O5'" . G   A 1 19 ? -6.660  -14.766 -12.979 1.00 55.23 ? 19  G   A "O5'" 1 
ATOM   348 C "C5'" . G   A 1 19 ? -6.178  -14.291 -14.232 1.00 50.49 ? 19  G   A "C5'" 1 
ATOM   349 C "C4'" . G   A 1 19 ? -4.864  -13.582 -14.041 1.00 48.34 ? 19  G   A "C4'" 1 
ATOM   350 O "O4'" . G   A 1 19 ? -5.065  -12.423 -13.181 1.00 45.72 ? 19  G   A "O4'" 1 
ATOM   351 C "C3'" . G   A 1 19 ? -3.801  -14.397 -13.326 1.00 48.64 ? 19  G   A "C3'" 1 
ATOM   352 O "O3'" . G   A 1 19 ? -3.114  -15.273 -14.217 1.00 49.76 ? 19  G   A "O3'" 1 
ATOM   353 C "C2'" . G   A 1 19 ? -2.915  -13.305 -12.734 1.00 47.37 ? 19  G   A "C2'" 1 
ATOM   354 O "O2'" . G   A 1 19 ? -2.025  -12.738 -13.668 1.00 48.25 ? 19  G   A "O2'" 1 
ATOM   355 C "C1'" . G   A 1 19 ? -3.959  -12.272 -12.303 1.00 46.09 ? 19  G   A "C1'" 1 
ATOM   356 N N9    . G   A 1 19 ? -4.439  -12.496 -10.944 1.00 45.51 ? 19  G   A N9    1 
ATOM   357 C C8    . G   A 1 19 ? -5.742  -12.692 -10.558 1.00 45.93 ? 19  G   A C8    1 
ATOM   358 N N7    . G   A 1 19 ? -5.869  -12.940 -9.284  1.00 45.56 ? 19  G   A N7    1 
ATOM   359 C C5    . G   A 1 19 ? -4.572  -12.892 -8.795  1.00 46.17 ? 19  G   A C5    1 
ATOM   360 C C6    . G   A 1 19 ? -4.074  -13.122 -7.484  1.00 46.39 ? 19  G   A C6    1 
ATOM   361 O O6    . G   A 1 19 ? -4.705  -13.439 -6.460  1.00 48.87 ? 19  G   A O6    1 
ATOM   362 N N1    . G   A 1 19 ? -2.695  -12.977 -7.432  1.00 43.57 ? 19  G   A N1    1 
ATOM   363 C C2    . G   A 1 19 ? -1.895  -12.678 -8.497  1.00 44.33 ? 19  G   A C2    1 
ATOM   364 N N2    . G   A 1 19 ? -0.592  -12.610 -8.240  1.00 45.48 ? 19  G   A N2    1 
ATOM   365 N N3    . G   A 1 19 ? -2.340  -12.470 -9.726  1.00 45.03 ? 19  G   A N3    1 
ATOM   366 C C4    . G   A 1 19 ? -3.679  -12.594 -9.802  1.00 45.71 ? 19  G   A C4    1 
ATOM   367 P P     . U   A 1 20 ? -2.749  -16.769 -13.740 1.00 50.84 ? 20  U   A P     1 
ATOM   368 O OP1   . U   A 1 20 ? -2.169  -17.521 -14.874 1.00 47.08 ? 20  U   A OP1   1 
ATOM   369 O OP2   . U   A 1 20 ? -3.939  -17.301 -13.038 1.00 51.02 ? 20  U   A OP2   1 
ATOM   370 O "O5'" . U   A 1 20 ? -1.599  -16.556 -12.658 1.00 51.27 ? 20  U   A "O5'" 1 
ATOM   371 C "C5'" . U   A 1 20 ? -0.381  -15.912 -13.011 1.00 51.43 ? 20  U   A "C5'" 1 
ATOM   372 C "C4'" . U   A 1 20 ? 0.607   -15.999 -11.874 1.00 50.39 ? 20  U   A "C4'" 1 
ATOM   373 O "O4'" . U   A 1 20 ? 0.166   -15.178 -10.768 1.00 50.05 ? 20  U   A "O4'" 1 
ATOM   374 C "C3'" . U   A 1 20 ? 0.805   -17.375 -11.271 1.00 50.47 ? 20  U   A "C3'" 1 
ATOM   375 O "O3'" . U   A 1 20 ? 1.761   -18.106 -12.034 1.00 50.68 ? 20  U   A "O3'" 1 
ATOM   376 C "C2'" . U   A 1 20 ? 1.346   -17.024 -9.897  1.00 48.67 ? 20  U   A "C2'" 1 
ATOM   377 O "O2'" . U   A 1 20 ? 2.691   -16.627 -9.985  1.00 47.98 ? 20  U   A "O2'" 1 
ATOM   378 C "C1'" . U   A 1 20 ? 0.499   -15.803 -9.546  1.00 49.64 ? 20  U   A "C1'" 1 
ATOM   379 N N1    . U   A 1 20 ? -0.751  -16.077 -8.819  1.00 51.71 ? 20  U   A N1    1 
ATOM   380 C C2    . U   A 1 20 ? -0.667  -16.372 -7.469  1.00 50.16 ? 20  U   A C2    1 
ATOM   381 O O2    . U   A 1 20 ? 0.388   -16.493 -6.886  1.00 49.34 ? 20  U   A O2    1 
ATOM   382 N N3    . U   A 1 20 ? -1.872  -16.539 -6.834  1.00 51.44 ? 20  U   A N3    1 
ATOM   383 C C4    . U   A 1 20 ? -3.132  -16.477 -7.406  1.00 52.94 ? 20  U   A C4    1 
ATOM   384 O O4    . U   A 1 20 ? -4.127  -16.648 -6.696  1.00 53.35 ? 20  U   A O4    1 
ATOM   385 C C5    . U   A 1 20 ? -3.136  -16.209 -8.816  1.00 51.25 ? 20  U   A C5    1 
ATOM   386 C C6    . U   A 1 20 ? -1.977  -16.020 -9.457  1.00 52.10 ? 20  U   A C6    1 
ATOM   387 P P     . C   A 1 21 ? 1.550   -19.685 -12.287 1.00 52.53 ? 21  C   A P     1 
ATOM   388 O OP1   . C   A 1 21 ? 2.279   -19.999 -13.544 1.00 53.83 ? 21  C   A OP1   1 
ATOM   389 O OP2   . C   A 1 21 ? 0.122   -20.078 -12.152 1.00 51.75 ? 21  C   A OP2   1 
ATOM   390 O "O5'" . C   A 1 21 ? 2.331   -20.352 -11.075 1.00 51.39 ? 21  C   A "O5'" 1 
ATOM   391 C "C5'" . C   A 1 21 ? 3.654   -19.942 -10.757 1.00 50.67 ? 21  C   A "C5'" 1 
ATOM   392 C "C4'" . C   A 1 21 ? 3.880   -20.041 -9.272  1.00 50.36 ? 21  C   A "C4'" 1 
ATOM   393 O "O4'" . C   A 1 21 ? 2.961   -19.145 -8.606  1.00 48.80 ? 21  C   A "O4'" 1 
ATOM   394 C "C3'" . C   A 1 21 ? 3.534   -21.371 -8.622  1.00 50.07 ? 21  C   A "C3'" 1 
ATOM   395 O "O3'" . C   A 1 21 ? 4.554   -22.335 -8.779  1.00 50.08 ? 21  C   A "O3'" 1 
ATOM   396 C "C2'" . C   A 1 21 ? 3.422   -20.965 -7.165  1.00 48.98 ? 21  C   A "C2'" 1 
ATOM   397 O "O2'" . C   A 1 21 ? 4.702   -20.728 -6.620  1.00 49.42 ? 21  C   A "O2'" 1 
ATOM   398 C "C1'" . C   A 1 21 ? 2.703   -19.630 -7.299  1.00 47.34 ? 21  C   A "C1'" 1 
ATOM   399 N N1    . C   A 1 21 ? 1.252   -19.705 -7.108  1.00 44.83 ? 21  C   A N1    1 
ATOM   400 C C2    . C   A 1 21 ? 0.768   -19.745 -5.815  1.00 43.49 ? 21  C   A C2    1 
ATOM   401 O O2    . C   A 1 21 ? 1.576   -19.797 -4.887  1.00 45.03 ? 21  C   A O2    1 
ATOM   402 N N3    . C   A 1 21 ? -0.563  -19.731 -5.600  1.00 43.51 ? 21  C   A N3    1 
ATOM   403 C C4    . C   A 1 21 ? -1.402  -19.695 -6.633  1.00 44.60 ? 21  C   A C4    1 
ATOM   404 N N4    . C   A 1 21 ? -2.705  -19.650 -6.371  1.00 44.52 ? 21  C   A N4    1 
ATOM   405 C C5    . C   A 1 21 ? -0.937  -19.694 -7.982  1.00 44.87 ? 21  C   A C5    1 
ATOM   406 C C6    . C   A 1 21 ? 0.391   -19.702 -8.171  1.00 45.66 ? 21  C   A C6    1 
ATOM   407 P P     . G   A 1 22 ? 4.216   -23.881 -8.526  1.00 51.95 ? 22  G   A P     1 
ATOM   408 O OP1   . G   A 1 22 ? 5.391   -24.642 -9.022  1.00 52.43 ? 22  G   A OP1   1 
ATOM   409 O OP2   . G   A 1 22 ? 2.871   -24.154 -9.089  1.00 50.41 ? 22  G   A OP2   1 
ATOM   410 O "O5'" . G   A 1 22 ? 4.128   -24.031 -6.937  1.00 49.95 ? 22  G   A "O5'" 1 
ATOM   411 C "C5'" . G   A 1 22 ? 5.280   -23.860 -6.126  1.00 50.67 ? 22  G   A "C5'" 1 
ATOM   412 C "C4'" . G   A 1 22 ? 4.934   -24.068 -4.672  1.00 52.93 ? 22  G   A "C4'" 1 
ATOM   413 O "O4'" . G   A 1 22 ? 4.031   -23.026 -4.207  1.00 53.02 ? 22  G   A "O4'" 1 
ATOM   414 C "C3'" . G   A 1 22 ? 4.204   -25.354 -4.327  1.00 52.86 ? 22  G   A "C3'" 1 
ATOM   415 O "O3'" . G   A 1 22 ? 5.089   -26.449 -4.201  1.00 52.81 ? 22  G   A "O3'" 1 
ATOM   416 C "C2'" . G   A 1 22 ? 3.594   -25.002 -2.983  1.00 52.46 ? 22  G   A "C2'" 1 
ATOM   417 O "O2'" . G   A 1 22 ? 4.549   -25.016 -1.947  1.00 52.27 ? 22  G   A "O2'" 1 
ATOM   418 C "C1'" . G   A 1 22 ? 3.122   -23.577 -3.253  1.00 53.26 ? 22  G   A "C1'" 1 
ATOM   419 N N9    . G   A 1 22 ? 1.786   -23.552 -3.838  1.00 53.00 ? 22  G   A N9    1 
ATOM   420 C C8    . G   A 1 22 ? 1.480   -23.393 -5.167  1.00 53.47 ? 22  G   A C8    1 
ATOM   421 N N7    . G   A 1 22 ? 0.197   -23.382 -5.399  1.00 53.78 ? 22  G   A N7    1 
ATOM   422 C C5    . G   A 1 22 ? -0.379  -23.541 -4.149  1.00 52.34 ? 22  G   A C5    1 
ATOM   423 C C6    . G   A 1 22 ? -1.734  -23.587 -3.774  1.00 53.31 ? 22  G   A C6    1 
ATOM   424 O O6    . G   A 1 22 ? -2.736  -23.458 -4.493  1.00 56.09 ? 22  G   A O6    1 
ATOM   425 N N1    . G   A 1 22 ? -1.880  -23.796 -2.409  1.00 51.73 ? 22  G   A N1    1 
ATOM   426 C C2    . G   A 1 22 ? -0.854  -23.927 -1.519  1.00 51.74 ? 22  G   A C2    1 
ATOM   427 N N2    . G   A 1 22 ? -1.210  -24.142 -0.245  1.00 52.18 ? 22  G   A N2    1 
ATOM   428 N N3    . G   A 1 22 ? 0.425   -23.858 -1.850  1.00 52.22 ? 22  G   A N3    1 
ATOM   429 C C4    . G   A 1 22 ? 0.587   -23.667 -3.176  1.00 52.02 ? 22  G   A C4    1 
ATOM   430 P P     . C   A 1 23 ? 4.577   -27.919 -4.599  1.00 53.23 ? 23  C   A P     1 
ATOM   431 O OP1   . C   A 1 23 ? 5.715   -28.836 -4.370  1.00 55.56 ? 23  C   A OP1   1 
ATOM   432 O OP2   . C   A 1 23 ? 3.935   -27.869 -5.940  1.00 52.21 ? 23  C   A OP2   1 
ATOM   433 O "O5'" . C   A 1 23 ? 3.465   -28.231 -3.510  1.00 52.17 ? 23  C   A "O5'" 1 
ATOM   434 C "C5'" . C   A 1 23 ? 3.796   -28.293 -2.131  1.00 53.59 ? 23  C   A "C5'" 1 
ATOM   435 C "C4'" . C   A 1 23 ? 2.551   -28.523 -1.327  1.00 56.91 ? 23  C   A "C4'" 1 
ATOM   436 O "O4'" . C   A 1 23 ? 1.671   -27.376 -1.469  1.00 58.95 ? 23  C   A "O4'" 1 
ATOM   437 C "C3'" . C   A 1 23 ? 1.699   -29.681 -1.821  1.00 59.86 ? 23  C   A "C3'" 1 
ATOM   438 O "O3'" . C   A 1 23 ? 2.219   -31.003 -1.609  1.00 60.45 ? 23  C   A "O3'" 1 
ATOM   439 C "C2'" . C   A 1 23 ? 0.329   -29.334 -1.248  1.00 60.77 ? 23  C   A "C2'" 1 
ATOM   440 O "O2'" . C   A 1 23 ? 0.195   -29.688 0.118   1.00 61.71 ? 23  C   A "O2'" 1 
ATOM   441 C "C1'" . C   A 1 23 ? 0.318   -27.807 -1.411  1.00 59.94 ? 23  C   A "C1'" 1 
ATOM   442 N N1    . C   A 1 23 ? -0.374  -27.374 -2.634  1.00 58.31 ? 23  C   A N1    1 
ATOM   443 C C2    . C   A 1 23 ? -1.743  -27.146 -2.567  1.00 59.08 ? 23  C   A C2    1 
ATOM   444 O O2    . C   A 1 23 ? -2.309  -27.262 -1.468  1.00 61.61 ? 23  C   A O2    1 
ATOM   445 N N3    . C   A 1 23 ? -2.416  -26.799 -3.688  1.00 57.08 ? 23  C   A N3    1 
ATOM   446 C C4    . C   A 1 23 ? -1.759  -26.661 -4.842  1.00 57.44 ? 23  C   A C4    1 
ATOM   447 N N4    . C   A 1 23 ? -2.467  -26.332 -5.930  1.00 56.61 ? 23  C   A N4    1 
ATOM   448 C C5    . C   A 1 23 ? -0.350  -26.859 -4.934  1.00 56.36 ? 23  C   A C5    1 
ATOM   449 C C6    . C   A 1 23 ? 0.297   -27.212 -3.815  1.00 57.73 ? 23  C   A C6    1 
ATOM   450 P P     . G   B 1 3  ? -12.943 -23.312 -5.078  1.00 93.00 ? 26  G   B P     1 
ATOM   451 O OP1   . G   B 1 3  ? -12.831 -24.575 -5.933  1.00 89.35 ? 26  G   B OP1   1 
ATOM   452 O OP2   . G   B 1 3  ? -12.055 -22.183 -5.572  1.00 92.24 ? 26  G   B OP2   1 
ATOM   453 O "O5'" . G   B 1 3  ? -12.358 -23.651 -3.588  1.00 92.81 ? 26  G   B "O5'" 1 
ATOM   454 C "C5'" . G   B 1 3  ? -13.172 -24.304 -2.585  1.00 89.33 ? 26  G   B "C5'" 1 
ATOM   455 C "C4'" . G   B 1 3  ? -12.299 -24.866 -1.480  1.00 85.83 ? 26  G   B "C4'" 1 
ATOM   456 O "O4'" . G   B 1 3  ? -11.539 -25.997 -1.982  1.00 84.52 ? 26  G   B "O4'" 1 
ATOM   457 C "C3'" . G   B 1 3  ? -11.259 -23.910 -0.924  1.00 84.49 ? 26  G   B "C3'" 1 
ATOM   458 O "O3'" . G   B 1 3  ? -11.801 -23.157 0.143   1.00 84.50 ? 26  G   B "O3'" 1 
ATOM   459 C "C2'" . G   B 1 3  ? -10.160 -24.841 -0.415  1.00 83.71 ? 26  G   B "C2'" 1 
ATOM   460 O "O2'" . G   B 1 3  ? -10.334 -25.277 0.917   1.00 80.72 ? 26  G   B "O2'" 1 
ATOM   461 C "C1'" . G   B 1 3  ? -10.245 -26.006 -1.400  1.00 82.88 ? 26  G   B "C1'" 1 
ATOM   462 N N9    . G   B 1 3  ? -9.255  -25.957 -2.475  1.00 81.40 ? 26  G   B N9    1 
ATOM   463 C C8    . G   B 1 3  ? -9.490  -25.690 -3.803  1.00 81.21 ? 26  G   B C8    1 
ATOM   464 N N7    . G   B 1 3  ? -8.414  -25.766 -4.539  1.00 80.62 ? 26  G   B N7    1 
ATOM   465 C C5    . G   B 1 3  ? -7.404  -26.087 -3.642  1.00 79.52 ? 26  G   B C5    1 
ATOM   466 C C6    . G   B 1 3  ? -6.016  -26.300 -3.857  1.00 79.44 ? 26  G   B C6    1 
ATOM   467 O O6    . G   B 1 3  ? -5.379  -26.246 -4.922  1.00 79.32 ? 26  G   B O6    1 
ATOM   468 N N1    . G   B 1 3  ? -5.358  -26.601 -2.668  1.00 77.49 ? 26  G   B N1    1 
ATOM   469 C C2    . G   B 1 3  ? -5.951  -26.687 -1.439  1.00 76.61 ? 26  G   B C2    1 
ATOM   470 N N2    . G   B 1 3  ? -5.143  -26.993 -0.417  1.00 76.55 ? 26  G   B N2    1 
ATOM   471 N N3    . G   B 1 3  ? -7.240  -26.489 -1.224  1.00 77.84 ? 26  G   B N3    1 
ATOM   472 C C4    . G   B 1 3  ? -7.903  -26.198 -2.362  1.00 79.52 ? 26  G   B C4    1 
ATOM   473 P P     . C   B 1 4  ? -11.020 -21.856 0.661   1.00 85.15 ? 27  C   B P     1 
ATOM   474 O OP1   . C   B 1 4  ? -11.805 -21.233 1.766   1.00 83.69 ? 27  C   B OP1   1 
ATOM   475 O OP2   . C   B 1 4  ? -10.688 -21.064 -0.552  1.00 84.84 ? 27  C   B OP2   1 
ATOM   476 O "O5'" . C   B 1 4  ? -9.676  -22.434 1.286   1.00 81.38 ? 27  C   B "O5'" 1 
ATOM   477 C "C5'" . C   B 1 4  ? -9.635  -22.863 2.636   1.00 76.46 ? 27  C   B "C5'" 1 
ATOM   478 C "C4'" . C   B 1 4  ? -8.208  -23.084 3.064   1.00 73.84 ? 27  C   B "C4'" 1 
ATOM   479 O "O4'" . C   B 1 4  ? -7.615  -24.122 2.230   1.00 72.36 ? 27  C   B "O4'" 1 
ATOM   480 C "C3'" . C   B 1 4  ? -7.261  -21.913 2.872   1.00 72.12 ? 27  C   B "C3'" 1 
ATOM   481 O "O3'" . C   B 1 4  ? -7.344  -20.947 3.904   1.00 71.78 ? 27  C   B "O3'" 1 
ATOM   482 C "C2'" . C   B 1 4  ? -5.920  -22.620 2.901   1.00 71.33 ? 27  C   B "C2'" 1 
ATOM   483 O "O2'" . C   B 1 4  ? -5.587  -23.013 4.218   1.00 69.02 ? 27  C   B "O2'" 1 
ATOM   484 C "C1'" . C   B 1 4  ? -6.234  -23.841 2.036   1.00 69.85 ? 27  C   B "C1'" 1 
ATOM   485 N N1    . C   B 1 4  ? -6.023  -23.598 0.603   1.00 67.26 ? 27  C   B N1    1 
ATOM   486 C C2    . C   B 1 4  ? -4.731  -23.733 0.073   1.00 66.36 ? 27  C   B C2    1 
ATOM   487 O O2    . C   B 1 4  ? -3.788  -23.997 0.842   1.00 65.36 ? 27  C   B O2    1 
ATOM   488 N N3    . C   B 1 4  ? -4.544  -23.561 -1.259  1.00 64.23 ? 27  C   B N3    1 
ATOM   489 C C4    . C   B 1 4  ? -5.581  -23.248 -2.044  1.00 63.70 ? 27  C   B C4    1 
ATOM   490 N N4    . C   B 1 4  ? -5.356  -23.104 -3.353  1.00 61.14 ? 27  C   B N4    1 
ATOM   491 C C5    . C   B 1 4  ? -6.895  -23.074 -1.524  1.00 64.64 ? 27  C   B C5    1 
ATOM   492 C C6    . C   B 1 4  ? -7.070  -23.260 -0.208  1.00 65.70 ? 27  C   B C6    1 
ATOM   493 P P     . G   B 1 5  ? -6.939  -19.421 3.582   1.00 72.81 ? 28  G   B P     1 
ATOM   494 O OP1   . G   B 1 5  ? -7.244  -18.584 4.774   1.00 70.79 ? 28  G   B OP1   1 
ATOM   495 O OP2   . G   B 1 5  ? -7.537  -19.080 2.265   1.00 72.22 ? 28  G   B OP2   1 
ATOM   496 O "O5'" . G   B 1 5  ? -5.358  -19.463 3.380   1.00 69.13 ? 28  G   B "O5'" 1 
ATOM   497 C "C5'" . G   B 1 5  ? -4.491  -19.845 4.443   1.00 63.72 ? 28  G   B "C5'" 1 
ATOM   498 C "C4'" . G   B 1 5  ? -3.089  -20.036 3.921   1.00 59.97 ? 28  G   B "C4'" 1 
ATOM   499 O "O4'" . G   B 1 5  ? -3.073  -21.124 2.953   1.00 58.40 ? 28  G   B "O4'" 1 
ATOM   500 C "C3'" . G   B 1 5  ? -2.518  -18.877 3.127   1.00 58.60 ? 28  G   B "C3'" 1 
ATOM   501 O "O3'" . G   B 1 5  ? -2.011  -17.853 3.963   1.00 58.71 ? 28  G   B "O3'" 1 
ATOM   502 C "C2'" . G   B 1 5  ? -1.396  -19.569 2.377   1.00 56.81 ? 28  G   B "C2'" 1 
ATOM   503 O "O2'" . G   B 1 5  ? -0.308  -19.857 3.229   1.00 56.46 ? 28  G   B "O2'" 1 
ATOM   504 C "C1'" . G   B 1 5  ? -2.094  -20.860 1.960   1.00 55.21 ? 28  G   B "C1'" 1 
ATOM   505 N N9    . G   B 1 5  ? -2.770  -20.731 0.677   1.00 53.20 ? 28  G   B N9    1 
ATOM   506 C C8    . G   B 1 5  ? -4.124  -20.704 0.454   1.00 54.08 ? 28  G   B C8    1 
ATOM   507 N N7    . G   B 1 5  ? -4.434  -20.579 -0.810  1.00 54.07 ? 28  G   B N7    1 
ATOM   508 C C5    . G   B 1 5  ? -3.209  -20.513 -1.461  1.00 53.35 ? 28  G   B C5    1 
ATOM   509 C C6    . G   B 1 5  ? -2.903  -20.368 -2.842  1.00 52.40 ? 28  G   B C6    1 
ATOM   510 O O6    . G   B 1 5  ? -3.678  -20.244 -3.799  1.00 51.42 ? 28  G   B O6    1 
ATOM   511 N N1    . G   B 1 5  ? -1.534  -20.372 -3.060  1.00 52.11 ? 28  G   B N1    1 
ATOM   512 C C2    . G   B 1 5  ? -0.576  -20.486 -2.084  1.00 52.52 ? 28  G   B C2    1 
ATOM   513 N N2    . G   B 1 5  ? 0.700   -20.476 -2.500  1.00 52.38 ? 28  G   B N2    1 
ATOM   514 N N3    . G   B 1 5  ? -0.845  -20.605 -0.798  1.00 52.61 ? 28  G   B N3    1 
ATOM   515 C C4    . G   B 1 5  ? -2.172  -20.614 -0.558  1.00 53.27 ? 28  G   B C4    1 
ATOM   516 P P     . U   B 1 6  ? -1.839  -16.364 3.375   1.00 58.83 ? 29  U   B P     1 
ATOM   517 O OP1   . U   B 1 6  ? -1.530  -15.466 4.520   1.00 58.40 ? 29  U   B OP1   1 
ATOM   518 O OP2   . U   B 1 6  ? -3.014  -16.074 2.510   1.00 57.25 ? 29  U   B OP2   1 
ATOM   519 O "O5'" . U   B 1 6  ? -0.549  -16.455 2.446   1.00 59.10 ? 29  U   B "O5'" 1 
ATOM   520 C "C5'" . U   B 1 6  ? 0.746   -16.682 2.998   1.00 58.44 ? 29  U   B "C5'" 1 
ATOM   521 C "C4'" . U   B 1 6  ? 1.783   -16.753 1.896   1.00 58.09 ? 29  U   B "C4'" 1 
ATOM   522 O "O4'" . U   B 1 6  ? 1.452   -17.818 0.964   1.00 59.11 ? 29  U   B "O4'" 1 
ATOM   523 C "C3'" . U   B 1 6  ? 1.881   -15.554 0.975   1.00 58.52 ? 29  U   B "C3'" 1 
ATOM   524 O "O3'" . U   B 1 6  ? 2.530   -14.452 1.594   1.00 59.86 ? 29  U   B "O3'" 1 
ATOM   525 C "C2'" . U   B 1 6  ? 2.662   -16.153 -0.186  1.00 58.85 ? 29  U   B "C2'" 1 
ATOM   526 O "O2'" . U   B 1 6  ? 4.034   -16.377 0.070   1.00 60.02 ? 29  U   B "O2'" 1 
ATOM   527 C "C1'" . U   B 1 6  ? 1.960   -17.499 -0.324  1.00 58.38 ? 29  U   B "C1'" 1 
ATOM   528 N N1    . U   B 1 6  ? 0.840   -17.398 -1.266  1.00 58.73 ? 29  U   B N1    1 
ATOM   529 C C2    . U   B 1 6  ? 1.155   -17.435 -2.599  1.00 58.91 ? 29  U   B C2    1 
ATOM   530 O O2    . U   B 1 6  ? 2.288   -17.583 -2.993  1.00 61.30 ? 29  U   B O2    1 
ATOM   531 N N3    . U   B 1 6  ? 0.097   -17.295 -3.453  1.00 59.10 ? 29  U   B N3    1 
ATOM   532 C C4    . U   B 1 6  ? -1.221  -17.134 -3.114  1.00 60.95 ? 29  U   B C4    1 
ATOM   533 O O4    . U   B 1 6  ? -2.067  -17.003 -4.008  1.00 64.04 ? 29  U   B O4    1 
ATOM   534 C C5    . U   B 1 6  ? -1.474  -17.124 -1.705  1.00 59.54 ? 29  U   B C5    1 
ATOM   535 C C6    . U   B 1 6  ? -0.455  -17.255 -0.850  1.00 58.18 ? 29  U   B C6    1 
ATOM   536 P P     . C   B 1 7  ? 1.904   -12.976 1.441   1.00 61.34 ? 30  C   B P     1 
ATOM   537 O OP1   . C   B 1 7  ? 2.649   -12.123 2.397   1.00 61.59 ? 30  C   B OP1   1 
ATOM   538 O OP2   . C   B 1 7  ? 0.418   -13.045 1.506   1.00 57.96 ? 30  C   B OP2   1 
ATOM   539 O "O5'" . C   B 1 7  ? 2.285   -12.529 -0.040  1.00 60.77 ? 30  C   B "O5'" 1 
ATOM   540 C "C5'" . C   B 1 7  ? 3.626   -12.587 -0.501  1.00 58.80 ? 30  C   B "C5'" 1 
ATOM   541 C "C4'" . C   B 1 7  ? 3.654   -12.550 -2.007  1.00 58.25 ? 30  C   B "C4'" 1 
ATOM   542 O "O4'" . C   B 1 7  ? 2.918   -13.688 -2.531  1.00 59.17 ? 30  C   B "O4'" 1 
ATOM   543 C "C3'" . C   B 1 7  ? 2.942   -11.379 -2.659  1.00 58.16 ? 30  C   B "C3'" 1 
ATOM   544 O "O3'" . C   B 1 7  ? 3.735   -10.202 -2.634  1.00 56.79 ? 30  C   B "O3'" 1 
ATOM   545 C "C2'" . C   B 1 7  ? 2.755   -11.895 -4.078  1.00 58.18 ? 30  C   B "C2'" 1 
ATOM   546 O "O2'" . C   B 1 7  ? 3.918   -11.794 -4.867  1.00 60.09 ? 30  C   B "O2'" 1 
ATOM   547 C "C1'" . C   B 1 7  ? 2.412   -13.363 -3.819  1.00 58.43 ? 30  C   B "C1'" 1 
ATOM   548 N N1    . C   B 1 7  ? 0.955   -13.557 -3.829  1.00 57.01 ? 30  C   B N1    1 
ATOM   549 C C2    . C   B 1 7  ? 0.308   -13.486 -5.048  1.00 56.72 ? 30  C   B C2    1 
ATOM   550 O O2    . C   B 1 7  ? 0.987   -13.306 -6.056  1.00 55.43 ? 30  C   B O2    1 
ATOM   551 N N3    . C   B 1 7  ? -1.036  -13.610 -5.100  1.00 58.89 ? 30  C   B N3    1 
ATOM   552 C C4    . C   B 1 7  ? -1.729  -13.804 -3.978  1.00 58.74 ? 30  C   B C4    1 
ATOM   553 N N4    . C   B 1 7  ? -3.061  -13.903 -4.076  1.00 58.24 ? 30  C   B N4    1 
ATOM   554 C C5    . C   B 1 7  ? -1.087  -13.901 -2.706  1.00 56.37 ? 30  C   B C5    1 
ATOM   555 C C6    . C   B 1 7  ? 0.247   -13.777 -2.680  1.00 56.34 ? 30  C   B C6    1 
ATOM   556 P P     . G   B 1 8  ? 3.025   -8.763  -2.740  1.00 55.69 ? 31  G   B P     1 
ATOM   557 O OP1   . G   B 1 8  ? 4.139   -7.795  -2.698  1.00 58.04 ? 31  G   B OP1   1 
ATOM   558 O OP2   . G   B 1 8  ? 1.914   -8.648  -1.753  1.00 52.73 ? 31  G   B OP2   1 
ATOM   559 O "O5'" . G   B 1 8  ? 2.397   -8.742  -4.207  1.00 53.62 ? 31  G   B "O5'" 1 
ATOM   560 C "C5'" . G   B 1 8  ? 3.229   -8.832  -5.357  1.00 50.25 ? 31  G   B "C5'" 1 
ATOM   561 C "C4'" . G   B 1 8  ? 2.395   -8.747  -6.613  1.00 50.56 ? 31  G   B "C4'" 1 
ATOM   562 O "O4'" . G   B 1 8  ? 1.522   -9.903  -6.724  1.00 49.81 ? 31  G   B "O4'" 1 
ATOM   563 C "C3'" . G   B 1 8  ? 1.451   -7.562  -6.732  1.00 49.27 ? 31  G   B "C3'" 1 
ATOM   564 O "O3'" . G   B 1 8  ? 2.148   -6.447  -7.239  1.00 49.42 ? 31  G   B "O3'" 1 
ATOM   565 C "C2'" . G   B 1 8  ? 0.466   -8.061  -7.778  1.00 49.96 ? 31  G   B "C2'" 1 
ATOM   566 O "O2'" . G   B 1 8  ? 0.949   -7.941  -9.103  1.00 48.10 ? 31  G   B "O2'" 1 
ATOM   567 C "C1'" . G   B 1 8  ? 0.313   -9.525  -7.363  1.00 48.77 ? 31  G   B "C1'" 1 
ATOM   568 N N9    . G   B 1 8  ? -0.770  -9.709  -6.408  1.00 47.68 ? 31  G   B N9    1 
ATOM   569 C C8    . G   B 1 8  ? -0.659  -9.892  -5.051  1.00 48.58 ? 31  G   B C8    1 
ATOM   570 N N7    . G   B 1 8  ? -1.808  -10.056 -4.460  1.00 46.92 ? 31  G   B N7    1 
ATOM   571 C C5    . G   B 1 8  ? -2.733  -9.968  -5.485  1.00 47.33 ? 31  G   B C5    1 
ATOM   572 C C6    . G   B 1 8  ? -4.139  -10.090 -5.459  1.00 47.07 ? 31  G   B C6    1 
ATOM   573 O O6    . G   B 1 8  ? -4.867  -10.324 -4.493  1.00 48.98 ? 31  G   B O6    1 
ATOM   574 N N1    . G   B 1 8  ? -4.690  -9.928  -6.723  1.00 47.31 ? 31  G   B N1    1 
ATOM   575 C C2    . G   B 1 8  ? -3.973  -9.692  -7.872  1.00 48.79 ? 31  G   B C2    1 
ATOM   576 N N2    . G   B 1 8  ? -4.678  -9.562  -8.994  1.00 52.54 ? 31  G   B N2    1 
ATOM   577 N N3    . G   B 1 8  ? -2.657  -9.591  -7.916  1.00 48.21 ? 31  G   B N3    1 
ATOM   578 C C4    . G   B 1 8  ? -2.106  -9.739  -6.693  1.00 48.17 ? 31  G   B C4    1 
ATOM   579 P P     . U   B 1 9  ? 1.689   -4.972  -6.828  1.00 51.04 ? 32  U   B P     1 
ATOM   580 O OP1   . U   B 1 9  ? 2.736   -4.072  -7.378  1.00 48.99 ? 32  U   B OP1   1 
ATOM   581 O OP2   . U   B 1 9  ? 1.402   -4.961  -5.372  1.00 51.34 ? 32  U   B OP2   1 
ATOM   582 O "O5'" . U   B 1 9  ? 0.341   -4.742  -7.647  1.00 49.40 ? 32  U   B "O5'" 1 
ATOM   583 C "C5'" . U   B 1 9  ? 0.382   -4.606  -9.068  1.00 49.11 ? 32  U   B "C5'" 1 
ATOM   584 C "C4'" . U   B 1 9  ? -1.010  -4.456  -9.637  1.00 49.03 ? 32  U   B "C4'" 1 
ATOM   585 O "O4'" . U   B 1 9  ? -1.788  -5.651  -9.388  1.00 49.93 ? 32  U   B "O4'" 1 
ATOM   586 C "C3'" . U   B 1 9  ? -1.855  -3.332  -9.076  1.00 50.63 ? 32  U   B "C3'" 1 
ATOM   587 O "O3'" . U   B 1 9  ? -1.567  -2.126  -9.746  1.00 51.43 ? 32  U   B "O3'" 1 
ATOM   588 C "C2'" . U   B 1 9  ? -3.264  -3.807  -9.386  1.00 50.33 ? 32  U   B "C2'" 1 
ATOM   589 O "O2'" . U   B 1 9  ? -3.665  -3.583  -10.726 1.00 51.20 ? 32  U   B "O2'" 1 
ATOM   590 C "C1'" . U   B 1 9  ? -3.130  -5.300  -9.101  1.00 50.31 ? 32  U   B "C1'" 1 
ATOM   591 N N1    . U   B 1 9  ? -3.410  -5.670  -7.706  1.00 49.93 ? 32  U   B N1    1 
ATOM   592 C C2    . U   B 1 9  ? -4.722  -5.677  -7.298  1.00 50.82 ? 32  U   B C2    1 
ATOM   593 O O2    . U   B 1 9  ? -5.636  -5.316  -8.018  1.00 51.20 ? 32  U   B O2    1 
ATOM   594 N N3    . U   B 1 9  ? -4.927  -6.105  -6.010  1.00 52.01 ? 32  U   B N3    1 
ATOM   595 C C4    . U   B 1 9  ? -3.963  -6.500  -5.100  1.00 52.56 ? 32  U   B C4    1 
ATOM   596 O O4    . U   B 1 9  ? -4.305  -6.900  -3.985  1.00 53.30 ? 32  U   B O4    1 
ATOM   597 C C5    . U   B 1 9  ? -2.623  -6.424  -5.587  1.00 51.29 ? 32  U   B C5    1 
ATOM   598 C C6    . U   B 1 9  ? -2.398  -6.021  -6.842  1.00 50.04 ? 32  U   B C6    1 
ATOM   599 P P     . U   B 1 10 ? -1.444  -0.778  -8.902  1.00 54.22 ? 33  U   B P     1 
ATOM   600 O OP1   . U   B 1 10 ? -0.806  0.179   -9.839  1.00 56.41 ? 33  U   B OP1   1 
ATOM   601 O OP2   . U   B 1 10 ? -0.819  -1.056  -7.583  1.00 51.92 ? 33  U   B OP2   1 
ATOM   602 O "O5'" . U   B 1 10 ? -2.954  -0.348  -8.649  1.00 53.96 ? 33  U   B "O5'" 1 
ATOM   603 C "C5'" . U   B 1 10 ? -3.829  -0.102  -9.741  1.00 52.72 ? 33  U   B "C5'" 1 
ATOM   604 C "C4'" . U   B 1 10 ? -5.233  0.098   -9.240  1.00 52.27 ? 33  U   B "C4'" 1 
ATOM   605 O "O4'" . U   B 1 10 ? -5.792  -1.166  -8.793  1.00 51.32 ? 33  U   B "O4'" 1 
ATOM   606 C "C3'" . U   B 1 10 ? -5.348  0.979   -8.019  1.00 53.00 ? 33  U   B "C3'" 1 
ATOM   607 O "O3'" . U   B 1 10 ? -5.284  2.342   -8.377  1.00 57.26 ? 33  U   B "O3'" 1 
ATOM   608 C "C2'" . U   B 1 10 ? -6.704  0.565   -7.480  1.00 52.20 ? 33  U   B "C2'" 1 
ATOM   609 O "O2'" . U   B 1 10 ? -7.787  1.093   -8.220  1.00 53.14 ? 33  U   B "O2'" 1 
ATOM   610 C "C1'" . U   B 1 10 ? -6.632  -0.947  -7.676  1.00 48.61 ? 33  U   B "C1'" 1 
ATOM   611 N N1    . U   B 1 10 ? -6.053  -1.663  -6.534  1.00 46.19 ? 33  U   B N1    1 
ATOM   612 C C2    . U   B 1 10 ? -6.907  -2.028  -5.517  1.00 44.89 ? 33  U   B C2    1 
ATOM   613 O O2    . U   B 1 10 ? -8.093  -1.752  -5.519  1.00 45.99 ? 33  U   B O2    1 
ATOM   614 N N3    . U   B 1 10 ? -6.326  -2.739  -4.503  1.00 42.65 ? 33  U   B N3    1 
ATOM   615 C C4    . U   B 1 10 ? -5.011  -3.131  -4.408  1.00 42.64 ? 33  U   B C4    1 
ATOM   616 O O4    . U   B 1 10 ? -4.682  -3.912  -3.510  1.00 42.77 ? 33  U   B O4    1 
ATOM   617 C C5    . U   B 1 10 ? -4.180  -2.690  -5.484  1.00 42.35 ? 33  U   B C5    1 
ATOM   618 C C6    . U   B 1 10 ? -4.716  -1.982  -6.486  1.00 44.43 ? 33  U   B C6    1 
ATOM   619 P P     . C   B 1 11 ? -4.641  3.393   -7.350  1.00 59.65 ? 34  C   B P     1 
ATOM   620 O OP1   . C   B 1 11 ? -4.484  4.671   -8.088  1.00 61.99 ? 34  C   B OP1   1 
ATOM   621 O OP2   . C   B 1 11 ? -3.466  2.764   -6.696  1.00 59.55 ? 34  C   B OP2   1 
ATOM   622 O "O5'" . C   B 1 11 ? -5.780  3.599   -6.263  1.00 59.25 ? 34  C   B "O5'" 1 
ATOM   623 C "C5'" . C   B 1 11 ? -7.084  4.001   -6.650  1.00 58.47 ? 34  C   B "C5'" 1 
ATOM   624 C "C4'" . C   B 1 11 ? -8.057  3.684   -5.549  1.00 59.29 ? 34  C   B "C4'" 1 
ATOM   625 O "O4'" . C   B 1 11 ? -8.162  2.243   -5.388  1.00 59.35 ? 34  C   B "O4'" 1 
ATOM   626 C "C3'" . C   B 1 11 ? -7.615  4.155   -4.181  1.00 59.00 ? 34  C   B "C3'" 1 
ATOM   627 O "O3'" . C   B 1 11 ? -7.900  5.536   -4.026  1.00 61.42 ? 34  C   B "O3'" 1 
ATOM   628 C "C2'" . C   B 1 11 ? -8.444  3.262   -3.266  1.00 58.64 ? 34  C   B "C2'" 1 
ATOM   629 O "O2'" . C   B 1 11 ? -9.778  3.694   -3.115  1.00 59.57 ? 34  C   B "O2'" 1 
ATOM   630 C "C1'" . C   B 1 11 ? -8.402  1.932   -4.025  1.00 57.66 ? 34  C   B "C1'" 1 
ATOM   631 N N1    . C   B 1 11 ? -7.321  1.054   -3.547  1.00 55.84 ? 34  C   B N1    1 
ATOM   632 C C2    . C   B 1 11 ? -7.539  0.285   -2.411  1.00 54.09 ? 34  C   B C2    1 
ATOM   633 O O2    . C   B 1 11 ? -8.653  0.300   -1.892  1.00 53.77 ? 34  C   B O2    1 
ATOM   634 N N3    . C   B 1 11 ? -6.537  -0.462  -1.912  1.00 55.09 ? 34  C   B N3    1 
ATOM   635 C C4    . C   B 1 11 ? -5.352  -0.473  -2.521  1.00 55.87 ? 34  C   B C4    1 
ATOM   636 N N4    . C   B 1 11 ? -4.374  -1.205  -1.976  1.00 55.77 ? 34  C   B N4    1 
ATOM   637 C C5    . C   B 1 11 ? -5.110  0.269   -3.714  1.00 54.81 ? 34  C   B C5    1 
ATOM   638 C C6    . C   B 1 11 ? -6.114  1.012   -4.188  1.00 55.14 ? 34  C   B C6    1 
ATOM   639 P P     . C   B 1 12 ? -7.005  6.427   -3.030  1.00 62.87 ? 35  C   B P     1 
ATOM   640 O OP1   . C   B 1 12 ? -7.388  7.845   -3.258  1.00 63.04 ? 35  C   B OP1   1 
ATOM   641 O OP2   . C   B 1 12 ? -5.591  6.014   -3.193  1.00 65.07 ? 35  C   B OP2   1 
ATOM   642 O "O5'" . C   B 1 12 ? -7.495  5.989   -1.578  1.00 57.43 ? 35  C   B "O5'" 1 
ATOM   643 C "C5'" . C   B 1 12 ? -8.847  6.183   -1.194  1.00 54.55 ? 35  C   B "C5'" 1 
ATOM   644 C "C4'" . C   B 1 12 ? -9.183  5.332   -0.004  1.00 53.69 ? 35  C   B "C4'" 1 
ATOM   645 O "O4'" . C   B 1 12 ? -8.920  3.941   -0.306  1.00 54.79 ? 35  C   B "O4'" 1 
ATOM   646 C "C3'" . C   B 1 12 ? -8.336  5.545   1.230   1.00 52.93 ? 35  C   B "C3'" 1 
ATOM   647 O "O3'" . C   B 1 12 ? -8.765  6.695   1.936   1.00 55.99 ? 35  C   B "O3'" 1 
ATOM   648 C "C2'" . C   B 1 12 ? -8.652  4.288   2.018   1.00 52.35 ? 35  C   B "C2'" 1 
ATOM   649 O "O2'" . C   B 1 12 ? -9.917  4.348   2.636   1.00 53.47 ? 35  C   B "O2'" 1 
ATOM   650 C "C1'" . C   B 1 12 ? -8.671  3.246   0.905   1.00 52.46 ? 35  C   B "C1'" 1 
ATOM   651 N N1    . C   B 1 12 ? -7.385  2.556   0.793   1.00 52.40 ? 35  C   B N1    1 
ATOM   652 C C2    . C   B 1 12 ? -7.050  1.621   1.771   1.00 51.31 ? 35  C   B C2    1 
ATOM   653 O O2    . C   B 1 12 ? -7.850  1.404   2.684   1.00 50.19 ? 35  C   B O2    1 
ATOM   654 N N3    . C   B 1 12 ? -5.868  0.982   1.699   1.00 51.93 ? 35  C   B N3    1 
ATOM   655 C C4    . C   B 1 12 ? -5.030  1.248   0.693   1.00 53.53 ? 35  C   B C4    1 
ATOM   656 N N4    . C   B 1 12 ? -3.863  0.598   0.662   1.00 54.25 ? 35  C   B N4    1 
ATOM   657 C C5    . C   B 1 12 ? -5.350  2.195   -0.325  1.00 52.17 ? 35  C   B C5    1 
ATOM   658 C C6    . C   B 1 12 ? -6.527  2.820   -0.238  1.00 51.56 ? 35  C   B C6    1 
ATOM   659 P P     . G   B 1 13 ? -7.697  7.547   2.784   1.00 56.24 ? 36  G   B P     1 
ATOM   660 O OP1   . G   B 1 13 ? -8.372  8.818   3.141   1.00 59.16 ? 36  G   B OP1   1 
ATOM   661 O OP2   . G   B 1 13 ? -6.398  7.586   2.054   1.00 56.60 ? 36  G   B OP2   1 
ATOM   662 O "O5'" . G   B 1 13 ? -7.493  6.696   4.112   1.00 55.58 ? 36  G   B "O5'" 1 
ATOM   663 C "C5'" . G   B 1 13 ? -8.539  6.575   5.064   1.00 54.87 ? 36  G   B "C5'" 1 
ATOM   664 C "C4'" . G   B 1 13 ? -8.148  5.583   6.128   1.00 56.26 ? 36  G   B "C4'" 1 
ATOM   665 O "O4'" . G   B 1 13 ? -7.852  4.316   5.480   1.00 55.05 ? 36  G   B "O4'" 1 
ATOM   666 C "C3'" . G   B 1 13 ? -6.858  5.876   6.887   1.00 56.22 ? 36  G   B "C3'" 1 
ATOM   667 O "O3'" . G   B 1 13 ? -7.028  6.856   7.912   1.00 58.35 ? 36  G   B "O3'" 1 
ATOM   668 C "C2'" . G   B 1 13 ? -6.519  4.500   7.442   1.00 54.69 ? 36  G   B "C2'" 1 
ATOM   669 O "O2'" . G   B 1 13 ? -7.280  4.159   8.582   1.00 50.51 ? 36  G   B "O2'" 1 
ATOM   670 C "C1'" . G   B 1 13 ? -6.909  3.602   6.260   1.00 54.90 ? 36  G   B "C1'" 1 
ATOM   671 N N9    . G   B 1 13 ? -5.778  3.251   5.408   1.00 54.38 ? 36  G   B N9    1 
ATOM   672 C C8    . G   B 1 13 ? -5.520  3.684   4.126   1.00 53.61 ? 36  G   B C8    1 
ATOM   673 N N7    . G   B 1 13 ? -4.423  3.177   3.628   1.00 52.58 ? 36  G   B N7    1 
ATOM   674 C C5    . G   B 1 13 ? -3.931  2.361   4.642   1.00 50.98 ? 36  G   B C5    1 
ATOM   675 C C6    . G   B 1 13 ? -2.771  1.547   4.689   1.00 50.12 ? 36  G   B C6    1 
ATOM   676 O O6    . G   B 1 13 ? -1.931  1.353   3.805   1.00 50.28 ? 36  G   B O6    1 
ATOM   677 N N1    . G   B 1 13 ? -2.640  0.915   5.921   1.00 51.42 ? 36  G   B N1    1 
ATOM   678 C C2    . G   B 1 13 ? -3.518  1.040   6.974   1.00 52.34 ? 36  G   B C2    1 
ATOM   679 N N2    . G   B 1 13 ? -3.214  0.366   8.097   1.00 50.23 ? 36  G   B N2    1 
ATOM   680 N N3    . G   B 1 13 ? -4.613  1.777   6.931   1.00 51.29 ? 36  G   B N3    1 
ATOM   681 C C4    . G   B 1 13 ? -4.753  2.406   5.748   1.00 52.07 ? 36  G   B C4    1 
ATOM   682 P P     . G   B 1 14 ? -5.875  7.960   8.169   1.00 59.66 ? 37  G   B P     1 
ATOM   683 O OP1   . G   B 1 14 ? -6.452  8.970   9.098   1.00 58.98 ? 37  G   B OP1   1 
ATOM   684 O OP2   . G   B 1 14 ? -5.285  8.406   6.876   1.00 55.72 ? 37  G   B OP2   1 
ATOM   685 O "O5'" . G   B 1 14 ? -4.749  7.157   8.955   1.00 57.21 ? 37  G   B "O5'" 1 
ATOM   686 C "C5'" . G   B 1 14 ? -5.058  6.496   10.169  1.00 56.20 ? 37  G   B "C5'" 1 
ATOM   687 C "C4'" . G   B 1 14 ? -4.013  5.449   10.477  1.00 56.79 ? 37  G   B "C4'" 1 
ATOM   688 O "O4'" . G   B 1 14 ? -3.959  4.445   9.431   1.00 56.29 ? 37  G   B "O4'" 1 
ATOM   689 C "C3'" . G   B 1 14 ? -2.565  5.894   10.547  1.00 55.81 ? 37  G   B "C3'" 1 
ATOM   690 O "O3'" . G   B 1 14 ? -2.310  6.609   11.748  1.00 56.59 ? 37  G   B "O3'" 1 
ATOM   691 C "C2'" . G   B 1 14 ? -1.863  4.545   10.526  1.00 54.85 ? 37  G   B "C2'" 1 
ATOM   692 O "O2'" . G   B 1 14 ? -1.955  3.850   11.751  1.00 53.90 ? 37  G   B "O2'" 1 
ATOM   693 C "C1'" . G   B 1 14 ? -2.690  3.810   9.470   1.00 53.81 ? 37  G   B "C1'" 1 
ATOM   694 N N9    . G   B 1 14 ? -2.081  3.902   8.149   1.00 52.50 ? 37  G   B N9    1 
ATOM   695 C C8    . G   B 1 14 ? -2.476  4.690   7.095   1.00 51.09 ? 37  G   B C8    1 
ATOM   696 N N7    . G   B 1 14 ? -1.716  4.552   6.041   1.00 49.87 ? 37  G   B N7    1 
ATOM   697 C C5    . G   B 1 14 ? -0.768  3.611   6.425   1.00 49.60 ? 37  G   B C5    1 
ATOM   698 C C6    . G   B 1 14 ? 0.313   3.052   5.706   1.00 48.67 ? 37  G   B C6    1 
ATOM   699 O O6    . G   B 1 14 ? 0.649   3.257   4.540   1.00 49.41 ? 37  G   B O6    1 
ATOM   700 N N1    . G   B 1 14 ? 1.037   2.163   6.486   1.00 50.06 ? 37  G   B N1    1 
ATOM   701 C C2    . G   B 1 14 ? 0.756   1.842   7.789   1.00 50.76 ? 37  G   B C2    1 
ATOM   702 N N2    . G   B 1 14 ? 1.599   0.983   8.383   1.00 51.28 ? 37  G   B N2    1 
ATOM   703 N N3    . G   B 1 14 ? -0.266  2.333   8.462   1.00 49.97 ? 37  G   B N3    1 
ATOM   704 C C4    . G   B 1 14 ? -0.978  3.208   7.725   1.00 50.63 ? 37  G   B C4    1 
ATOM   705 P P     . A   B 1 15 ? -1.090  7.652   11.814  1.00 55.71 ? 38  A   B P     1 
ATOM   706 O OP1   . A   B 1 15 ? -1.184  8.274   13.156  1.00 57.28 ? 38  A   B OP1   1 
ATOM   707 O OP2   . A   B 1 15 ? -1.065  8.518   10.598  1.00 53.00 ? 38  A   B OP2   1 
ATOM   708 O "O5'" . A   B 1 15 ? 0.206   6.729   11.811  1.00 55.52 ? 38  A   B "O5'" 1 
ATOM   709 C "C5'" . A   B 1 15 ? 0.498   5.881   12.912  1.00 54.31 ? 38  A   B "C5'" 1 
ATOM   710 C "C4'" . A   B 1 15 ? 1.690   5.024   12.593  1.00 55.73 ? 38  A   B "C4'" 1 
ATOM   711 O "O4'" . A   B 1 15 ? 1.410   4.274   11.381  1.00 57.07 ? 38  A   B "O4'" 1 
ATOM   712 C "C3'" . A   B 1 15 ? 2.960   5.766   12.217  1.00 56.67 ? 38  A   B "C3'" 1 
ATOM   713 O "O3'" . A   B 1 15 ? 3.640   6.254   13.370  1.00 56.24 ? 38  A   B "O3'" 1 
ATOM   714 C "C2'" . A   B 1 15 ? 3.739   4.669   11.501  1.00 57.09 ? 38  A   B "C2'" 1 
ATOM   715 O "O2'" . A   B 1 15 ? 4.300   3.717   12.382  1.00 60.17 ? 38  A   B "O2'" 1 
ATOM   716 C "C1'" . A   B 1 15 ? 2.625   3.987   10.708  1.00 55.40 ? 38  A   B "C1'" 1 
ATOM   717 N N9    . A   B 1 15 ? 2.528   4.471   9.334   1.00 53.74 ? 38  A   B N9    1 
ATOM   718 C C8    . A   B 1 15 ? 1.618   5.345   8.796   1.00 53.47 ? 38  A   B C8    1 
ATOM   719 N N7    . A   B 1 15 ? 1.820   5.600   7.524   1.00 53.08 ? 38  A   B N7    1 
ATOM   720 C C5    . A   B 1 15 ? 2.934   4.836   7.202   1.00 52.14 ? 38  A   B C5    1 
ATOM   721 C C6    . A   B 1 15 ? 3.652   4.657   6.000   1.00 52.48 ? 38  A   B C6    1 
ATOM   722 N N6    . A   B 1 15 ? 3.339   5.259   4.846   1.00 52.19 ? 38  A   B N6    1 
ATOM   723 N N1    . A   B 1 15 ? 4.717   3.821   6.023   1.00 50.07 ? 38  A   B N1    1 
ATOM   724 C C2    . A   B 1 15 ? 5.021   3.207   7.171   1.00 50.14 ? 38  A   B C2    1 
ATOM   725 N N3    . A   B 1 15 ? 4.418   3.286   8.361   1.00 51.35 ? 38  A   B N3    1 
ATOM   726 C C4    . A   B 1 15 ? 3.373   4.130   8.307   1.00 52.70 ? 38  A   B C4    1 
ATOM   727 P P     . A   B 1 16 ? 4.583   7.561   13.252  1.00 55.67 ? 39  A   B P     1 
ATOM   728 O OP1   . A   B 1 16 ? 4.947   7.940   14.642  1.00 54.02 ? 39  A   B OP1   1 
ATOM   729 O OP2   . A   B 1 16 ? 3.946   8.573   12.367  1.00 50.83 ? 39  A   B OP2   1 
ATOM   730 O "O5'" . A   B 1 16 ? 5.888   6.999   12.540  1.00 52.35 ? 39  A   B "O5'" 1 
ATOM   731 C "C5'" . A   B 1 16 ? 6.658   5.982   13.156  1.00 50.57 ? 39  A   B "C5'" 1 
ATOM   732 C "C4'" . A   B 1 16 ? 7.726   5.505   12.215  1.00 50.66 ? 39  A   B "C4'" 1 
ATOM   733 O "O4'" . A   B 1 16 ? 7.110   4.855   11.082  1.00 50.02 ? 39  A   B "O4'" 1 
ATOM   734 C "C3'" . A   B 1 16 ? 8.566   6.604   11.595  1.00 52.12 ? 39  A   B "C3'" 1 
ATOM   735 O "O3'" . A   B 1 16 ? 9.642   6.901   12.461  1.00 55.41 ? 39  A   B "O3'" 1 
ATOM   736 C "C2'" . A   B 1 16 ? 9.098   5.923   10.347  1.00 51.45 ? 39  A   B "C2'" 1 
ATOM   737 O "O2'" . A   B 1 16 ? 10.242  5.144   10.616  1.00 52.65 ? 39  A   B "O2'" 1 
ATOM   738 C "C1'" . A   B 1 16 ? 7.899   5.068   9.929   1.00 49.17 ? 39  A   B "C1'" 1 
ATOM   739 N N9    . A   B 1 16 ? 7.079   5.777   8.956   1.00 47.86 ? 39  A   B N9    1 
ATOM   740 C C8    . A   B 1 16 ? 6.013   6.613   9.193   1.00 47.38 ? 39  A   B C8    1 
ATOM   741 N N7    . A   B 1 16 ? 5.522   7.157   8.106   1.00 47.26 ? 39  A   B N7    1 
ATOM   742 C C5    . A   B 1 16 ? 6.315   6.638   7.086   1.00 46.66 ? 39  A   B C5    1 
ATOM   743 C C6    . A   B 1 16 ? 6.333   6.848   5.699   1.00 47.44 ? 39  A   B C6    1 
ATOM   744 N N6    . A   B 1 16 ? 5.515   7.700   5.068   1.00 49.12 ? 39  A   B N6    1 
ATOM   745 N N1    . A   B 1 16 ? 7.242   6.163   4.970   1.00 46.68 ? 39  A   B N1    1 
ATOM   746 C C2    . A   B 1 16 ? 8.083   5.348   5.604   1.00 44.52 ? 39  A   B C2    1 
ATOM   747 N N3    . A   B 1 16 ? 8.181   5.085   6.899   1.00 45.58 ? 39  A   B N3    1 
ATOM   748 C C4    . A   B 1 16 ? 7.258   5.770   7.594   1.00 46.64 ? 39  A   B C4    1 
ATOM   749 P P     . A   B 1 17 ? 10.137  8.414   12.632  1.00 57.33 ? 40  A   B P     1 
ATOM   750 O OP1   . A   B 1 17 ? 9.872   8.857   14.021  1.00 55.46 ? 40  A   B OP1   1 
ATOM   751 O OP2   . A   B 1 17 ? 9.618   9.215   11.503  1.00 58.05 ? 40  A   B OP2   1 
ATOM   752 O "O5'" . A   B 1 17 ? 11.711  8.271   12.463  1.00 58.91 ? 40  A   B "O5'" 1 
ATOM   753 C "C5'" . A   B 1 17 ? 12.345  8.692   11.266  1.00 59.13 ? 40  A   B "C5'" 1 
ATOM   754 C "C4'" . A   B 1 17 ? 13.309  9.802   11.573  1.00 58.21 ? 40  A   B "C4'" 1 
ATOM   755 O "O4'" . A   B 1 17 ? 14.504  9.262   12.176  1.00 57.12 ? 40  A   B "O4'" 1 
ATOM   756 C "C3'" . A   B 1 17 ? 13.818  10.570  10.376  1.00 57.46 ? 40  A   B "C3'" 1 
ATOM   757 O "O3'" . A   B 1 17 ? 12.861  11.585  10.144  1.00 56.58 ? 40  A   B "O3'" 1 
ATOM   758 C "C2'" . A   B 1 17 ? 15.099  11.190  10.922  1.00 57.10 ? 40  A   B "C2'" 1 
ATOM   759 O "O2'" . A   B 1 17 ? 14.817  12.366  11.656  1.00 55.90 ? 40  A   B "O2'" 1 
ATOM   760 C "C1'" . A   B 1 17 ? 15.598  10.095  11.872  1.00 55.57 ? 40  A   B "C1'" 1 
ATOM   761 N N9    . A   B 1 17 ? 16.671  9.237   11.371  1.00 54.17 ? 40  A   B N9    1 
ATOM   762 C C8    . A   B 1 17 ? 16.552  8.109   10.595  1.00 53.31 ? 40  A   B C8    1 
ATOM   763 N N7    . A   B 1 17 ? 17.686  7.475   10.409  1.00 52.01 ? 40  A   B N7    1 
ATOM   764 C C5    . A   B 1 17 ? 18.616  8.251   11.094  1.00 51.93 ? 40  A   B C5    1 
ATOM   765 C C6    . A   B 1 17 ? 19.997  8.106   11.308  1.00 51.60 ? 40  A   B C6    1 
ATOM   766 N N6    . A   B 1 17 ? 20.711  7.071   10.855  1.00 53.41 ? 40  A   B N6    1 
ATOM   767 N N1    . A   B 1 17 ? 20.629  9.070   12.019  1.00 50.89 ? 40  A   B N1    1 
ATOM   768 C C2    . A   B 1 17 ? 19.915  10.099  12.474  1.00 49.17 ? 40  A   B C2    1 
ATOM   769 N N3    . A   B 1 17 ? 18.614  10.340  12.348  1.00 50.35 ? 40  A   B N3    1 
ATOM   770 C C4    . A   B 1 17 ? 18.012  9.362   11.649  1.00 51.87 ? 40  A   B C4    1 
ATOM   771 P P     . A   B 1 18 ? 12.436  11.950  8.650   1.00 58.43 ? 41  A   B P     1 
ATOM   772 O OP1   . A   B 1 18 ? 11.218  12.790  8.766   1.00 57.20 ? 41  A   B OP1   1 
ATOM   773 O OP2   . A   B 1 18 ? 12.420  10.719  7.809   1.00 55.17 ? 41  A   B OP2   1 
ATOM   774 O "O5'" . A   B 1 18 ? 13.618  12.880  8.136   1.00 56.26 ? 41  A   B "O5'" 1 
ATOM   775 C "C5'" . A   B 1 18 ? 13.873  14.136  8.739   1.00 51.94 ? 41  A   B "C5'" 1 
ATOM   776 C "C4'" . A   B 1 18 ? 15.260  14.579  8.385   1.00 52.29 ? 41  A   B "C4'" 1 
ATOM   777 O "O4'" . A   B 1 18 ? 16.192  13.639  8.977   1.00 52.39 ? 41  A   B "O4'" 1 
ATOM   778 C "C3'" . A   B 1 18 ? 15.551  14.551  6.890   1.00 52.73 ? 41  A   B "C3'" 1 
ATOM   779 O "O3'" . A   B 1 18 ? 15.279  15.824  6.311   1.00 51.85 ? 41  A   B "O3'" 1 
ATOM   780 C "C2'" . A   B 1 18 ? 17.049  14.257  6.844   1.00 53.23 ? 41  A   B "C2'" 1 
ATOM   781 O "O2'" . A   B 1 18 ? 17.866  15.412  6.908   1.00 53.52 ? 41  A   B "O2'" 1 
ATOM   782 C "C1'" . A   B 1 18 ? 17.242  13.362  8.071   1.00 52.25 ? 41  A   B "C1'" 1 
ATOM   783 N N9    . A   B 1 18 ? 17.197  11.943  7.735   1.00 51.57 ? 41  A   B N9    1 
ATOM   784 C C8    . A   B 1 18 ? 16.198  11.277  7.070   1.00 53.30 ? 41  A   B C8    1 
ATOM   785 N N7    . A   B 1 18 ? 16.449  10.008  6.873   1.00 54.18 ? 41  A   B N7    1 
ATOM   786 C C5    . A   B 1 18 ? 17.693  9.820   7.462   1.00 52.67 ? 41  A   B C5    1 
ATOM   787 C C6    . A   B 1 18 ? 18.514  8.687   7.596   1.00 51.63 ? 41  A   B C6    1 
ATOM   788 N N6    . A   B 1 18 ? 18.193  7.482   7.134   1.00 52.28 ? 41  A   B N6    1 
ATOM   789 N N1    . A   B 1 18 ? 19.692  8.839   8.230   1.00 52.03 ? 41  A   B N1    1 
ATOM   790 C C2    . A   B 1 18 ? 20.016  10.052  8.701   1.00 52.21 ? 41  A   B C2    1 
ATOM   791 N N3    . A   B 1 18 ? 19.326  11.189  8.643   1.00 53.37 ? 41  A   B N3    1 
ATOM   792 C C4    . A   B 1 18 ? 18.161  11.003  8.000   1.00 51.92 ? 41  A   B C4    1 
ATOM   793 P P     . G   B 1 19 ? 13.937  16.050  5.454   1.00 51.83 ? 42  G   B P     1 
ATOM   794 O OP1   . G   B 1 19 ? 13.812  17.518  5.215   1.00 48.29 ? 42  G   B OP1   1 
ATOM   795 O OP2   . G   B 1 19 ? 12.838  15.326  6.135   1.00 49.04 ? 42  G   B OP2   1 
ATOM   796 O "O5'" . G   B 1 19 ? 14.238  15.327  4.066   1.00 51.85 ? 42  G   B "O5'" 1 
ATOM   797 C "C5'" . G   B 1 19 ? 15.527  15.398  3.472   1.00 52.92 ? 42  G   B "C5'" 1 
ATOM   798 C "C4'" . G   B 1 19 ? 15.432  15.113  1.996   1.00 54.92 ? 42  G   B "C4'" 1 
ATOM   799 O "O4'" . G   B 1 19 ? 14.977  13.744  1.783   1.00 53.62 ? 42  G   B "O4'" 1 
ATOM   800 C "C3'" . G   B 1 19 ? 14.452  15.992  1.234   1.00 56.36 ? 42  G   B "C3'" 1 
ATOM   801 O "O3'" . G   B 1 19 ? 15.123  17.128  0.711   1.00 58.26 ? 42  G   B "O3'" 1 
ATOM   802 C "C2'" . G   B 1 19 ? 14.043  15.088  0.085   1.00 55.58 ? 42  G   B "C2'" 1 
ATOM   803 O "O2'" . G   B 1 19 ? 15.022  15.114  -0.930  1.00 57.81 ? 42  G   B "O2'" 1 
ATOM   804 C "C1'" . G   B 1 19 ? 13.982  13.725  0.778   1.00 54.21 ? 42  G   B "C1'" 1 
ATOM   805 N N9    . G   B 1 19 ? 12.696  13.506  1.428   1.00 53.62 ? 42  G   B N9    1 
ATOM   806 C C8    . G   B 1 19 ? 12.476  13.337  2.768   1.00 54.85 ? 42  G   B C8    1 
ATOM   807 N N7    . G   B 1 19 ? 11.210  13.248  3.072   1.00 55.27 ? 42  G   B N7    1 
ATOM   808 C C5    . G   B 1 19 ? 10.557  13.346  1.855   1.00 55.12 ? 42  G   B C5    1 
ATOM   809 C C6    . G   B 1 19 ? 9.175   13.349  1.563   1.00 57.39 ? 42  G   B C6    1 
ATOM   810 O O6    . G   B 1 19 ? 8.222   13.278  2.348   1.00 61.11 ? 42  G   B O6    1 
ATOM   811 N N1    . G   B 1 19 ? 8.941   13.468  0.197   1.00 56.94 ? 42  G   B N1    1 
ATOM   812 C C2    . G   B 1 19 ? 9.915   13.579  -0.760  1.00 57.10 ? 42  G   B C2    1 
ATOM   813 N N2    . G   B 1 19 ? 9.484   13.681  -2.027  1.00 57.96 ? 42  G   B N2    1 
ATOM   814 N N3    . G   B 1 19 ? 11.214  13.591  -0.495  1.00 55.87 ? 42  G   B N3    1 
ATOM   815 C C4    . G   B 1 19 ? 11.459  13.475  0.825   1.00 54.66 ? 42  G   B C4    1 
ATOM   816 P P     . U   B 1 20 ? 14.270  18.388  0.200   1.00 61.91 ? 43  U   B P     1 
ATOM   817 O OP1   . U   B 1 20 ? 15.181  19.247  -0.594  1.00 64.34 ? 43  U   B OP1   1 
ATOM   818 O OP2   . U   B 1 20 ? 13.517  18.972  1.332   1.00 60.98 ? 43  U   B OP2   1 
ATOM   819 O "O5'" . U   B 1 20 ? 13.231  17.760  -0.822  1.00 61.70 ? 43  U   B "O5'" 1 
ATOM   820 C "C5'" . U   B 1 20 ? 13.631  17.413  -2.138  1.00 59.91 ? 43  U   B "C5'" 1 
ATOM   821 C "C4'" . U   B 1 20 ? 12.441  17.451  -3.054  1.00 59.50 ? 43  U   B "C4'" 1 
ATOM   822 O "O4'" . U   B 1 20 ? 11.507  16.406  -2.677  1.00 56.91 ? 43  U   B "O4'" 1 
ATOM   823 C "C3'" . U   B 1 20 ? 11.626  18.736  -3.006  1.00 59.97 ? 43  U   B "C3'" 1 
ATOM   824 O "O3'" . U   B 1 20 ? 12.207  19.704  -3.882  1.00 62.17 ? 43  U   B "O3'" 1 
ATOM   825 C "C2'" . U   B 1 20 ? 10.262  18.258  -3.497  1.00 58.67 ? 43  U   B "C2'" 1 
ATOM   826 O "O2'" . U   B 1 20 ? 10.171  18.176  -4.909  1.00 59.26 ? 43  U   B "O2'" 1 
ATOM   827 C "C1'" . U   B 1 20 ? 10.183  16.860  -2.876  1.00 56.31 ? 43  U   B "C1'" 1 
ATOM   828 N N1    . U   B 1 20 ? 9.510   16.849  -1.577  1.00 54.71 ? 43  U   B N1    1 
ATOM   829 C C2    . U   B 1 20 ? 8.140   16.972  -1.564  1.00 55.98 ? 43  U   B C2    1 
ATOM   830 O O2    . U   B 1 20 ? 7.479   17.049  -2.588  1.00 57.97 ? 43  U   B O2    1 
ATOM   831 N N3    . U   B 1 20 ? 7.570   16.991  -0.310  1.00 53.89 ? 43  U   B N3    1 
ATOM   832 C C4    . U   B 1 20 ? 8.229   16.877  0.902   1.00 53.48 ? 43  U   B C4    1 
ATOM   833 O O4    . U   B 1 20 ? 7.583   16.869  1.947   1.00 52.88 ? 43  U   B O4    1 
ATOM   834 C C5    . U   B 1 20 ? 9.644   16.737  0.797   1.00 54.11 ? 43  U   B C5    1 
ATOM   835 C C6    . U   B 1 20 ? 10.223  16.731  -0.411  1.00 55.91 ? 43  U   B C6    1 
ATOM   836 P P     . C   B 1 21 ? 11.931  21.277  -3.657  1.00 63.06 ? 44  C   B P     1 
ATOM   837 O OP1   . C   B 1 21 ? 12.712  21.978  -4.710  1.00 64.17 ? 44  C   B OP1   1 
ATOM   838 O OP2   . C   B 1 21 ? 12.139  21.642  -2.233  1.00 61.43 ? 44  C   B OP2   1 
ATOM   839 O "O5'" . C   B 1 21 ? 10.392  21.454  -4.016  1.00 62.53 ? 44  C   B "O5'" 1 
ATOM   840 C "C5'" . C   B 1 21 ? 9.957   21.349  -5.363  1.00 66.35 ? 44  C   B "C5'" 1 
ATOM   841 C "C4'" . C   B 1 21 ? 8.453   21.407  -5.433  1.00 68.77 ? 44  C   B "C4'" 1 
ATOM   842 O "O4'" . C   B 1 21 ? 7.882   20.261  -4.749  1.00 68.93 ? 44  C   B "O4'" 1 
ATOM   843 C "C3'" . C   B 1 21 ? 7.812   22.599  -4.749  1.00 69.89 ? 44  C   B "C3'" 1 
ATOM   844 O "O3'" . C   B 1 21 ? 7.814   23.721  -5.610  1.00 71.55 ? 44  C   B "O3'" 1 
ATOM   845 C "C2'" . C   B 1 21 ? 6.395   22.097  -4.506  1.00 70.18 ? 44  C   B "C2'" 1 
ATOM   846 O "O2'" . C   B 1 21 ? 5.554   22.193  -5.635  1.00 72.00 ? 44  C   B "O2'" 1 
ATOM   847 C "C1'" . C   B 1 21 ? 6.650   20.631  -4.157  1.00 68.77 ? 44  C   B "C1'" 1 
ATOM   848 N N1    . C   B 1 21 ? 6.767   20.449  -2.715  1.00 67.09 ? 44  C   B N1    1 
ATOM   849 C C2    . C   B 1 21 ? 5.602   20.352  -1.964  1.00 68.36 ? 44  C   B C2    1 
ATOM   850 O O2    . C   B 1 21 ? 4.510   20.404  -2.548  1.00 68.01 ? 44  C   B O2    1 
ATOM   851 N N3    . C   B 1 21 ? 5.690   20.202  -0.625  1.00 69.66 ? 44  C   B N3    1 
ATOM   852 C C4    . C   B 1 21 ? 6.890   20.135  -0.042  1.00 69.35 ? 44  C   B C4    1 
ATOM   853 N N4    . C   B 1 21 ? 6.934   19.977  1.287   1.00 69.41 ? 44  C   B N4    1 
ATOM   854 C C5    . C   B 1 21 ? 8.098   20.225  -0.793  1.00 67.42 ? 44  C   B C5    1 
ATOM   855 C C6    . C   B 1 21 ? 7.989   20.382  -2.113  1.00 65.90 ? 44  C   B C6    1 
ATOM   856 P P     . G   B 1 22 ? 7.625   25.189  -4.992  1.00 73.58 ? 45  G   B P     1 
ATOM   857 O OP1   . G   B 1 22 ? 7.748   26.150  -6.121  1.00 74.18 ? 45  G   B OP1   1 
ATOM   858 O OP2   . G   B 1 22 ? 8.519   25.322  -3.812  1.00 73.65 ? 45  G   B OP2   1 
ATOM   859 O "O5'" . G   B 1 22 ? 6.118   25.204  -4.483  1.00 70.49 ? 45  G   B "O5'" 1 
ATOM   860 C "C5'" . G   B 1 22 ? 5.046   25.259  -5.409  1.00 69.48 ? 45  G   B "C5'" 1 
ATOM   861 C "C4'" . G   B 1 22 ? 3.734   25.242  -4.678  1.00 69.40 ? 45  G   B "C4'" 1 
ATOM   862 O "O4'" . G   B 1 22 ? 3.625   23.996  -3.944  1.00 69.35 ? 45  G   B "O4'" 1 
ATOM   863 C "C3'" . G   B 1 22 ? 3.584   26.303  -3.603  1.00 69.49 ? 45  G   B "C3'" 1 
ATOM   864 O "O3'" . G   B 1 22 ? 3.171   27.545  -4.145  1.00 70.66 ? 45  G   B "O3'" 1 
ATOM   865 C "C2'" . G   B 1 22 ? 2.515   25.694  -2.710  1.00 69.26 ? 45  G   B "C2'" 1 
ATOM   866 O "O2'" . G   B 1 22 ? 1.193   25.899  -3.159  1.00 69.53 ? 45  G   B "O2'" 1 
ATOM   867 C "C1'" . G   B 1 22 ? 2.906   24.214  -2.745  1.00 68.97 ? 45  G   B "C1'" 1 
ATOM   868 N N9    . G   B 1 22 ? 3.773   23.903  -1.616  1.00 67.64 ? 45  G   B N9    1 
ATOM   869 C C8    . G   B 1 22 ? 5.134   23.693  -1.623  1.00 66.63 ? 45  G   B C8    1 
ATOM   870 N N7    . G   B 1 22 ? 5.625   23.508  -0.427  1.00 66.07 ? 45  G   B N7    1 
ATOM   871 C C5    . G   B 1 22 ? 4.519   23.581  0.412   1.00 66.56 ? 45  G   B C5    1 
ATOM   872 C C6    . G   B 1 22 ? 4.419   23.467  1.824   1.00 66.74 ? 45  G   B C6    1 
ATOM   873 O O6    . G   B 1 22 ? 5.320   23.285  2.655   1.00 67.81 ? 45  G   B O6    1 
ATOM   874 N N1    . G   B 1 22 ? 3.102   23.599  2.254   1.00 66.05 ? 45  G   B N1    1 
ATOM   875 C C2    . G   B 1 22 ? 2.023   23.819  1.436   1.00 65.28 ? 45  G   B C2    1 
ATOM   876 N N2    . G   B 1 22 ? 0.829   23.916  2.040   1.00 64.82 ? 45  G   B N2    1 
ATOM   877 N N3    . G   B 1 22 ? 2.104   23.935  0.127   1.00 64.63 ? 45  G   B N3    1 
ATOM   878 C C4    . G   B 1 22 ? 3.371   23.806  -0.313  1.00 66.05 ? 45  G   B C4    1 
ATOM   879 P P     . C   B 1 23 ? 3.451   28.898  -3.326  1.00 71.65 ? 46  C   B P     1 
ATOM   880 O OP1   . C   B 1 23 ? 2.976   30.034  -4.159  1.00 74.07 ? 46  C   B OP1   1 
ATOM   881 O OP2   . C   B 1 23 ? 4.866   28.869  -2.863  1.00 69.69 ? 46  C   B OP2   1 
ATOM   882 O "O5'" . C   B 1 23 ? 2.480   28.792  -2.065  1.00 71.36 ? 46  C   B "O5'" 1 
ATOM   883 C "C5'" . C   B 1 23 ? 1.066   28.925  -2.203  1.00 69.83 ? 46  C   B "C5'" 1 
ATOM   884 C "C4'" . C   B 1 23 ? 0.401   28.881  -0.841  1.00 71.55 ? 46  C   B "C4'" 1 
ATOM   885 O "O4'" . C   B 1 23 ? 0.681   27.605  -0.201  1.00 70.73 ? 46  C   B "O4'" 1 
ATOM   886 C "C3'" . C   B 1 23 ? 0.897   29.895  0.183   1.00 72.62 ? 46  C   B "C3'" 1 
ATOM   887 O "O3'" . C   B 1 23 ? 0.564   31.281  0.046   1.00 75.55 ? 46  C   B "O3'" 1 
ATOM   888 C "C2'" . C   B 1 23 ? 0.459   29.263  1.494   1.00 71.88 ? 46  C   B "C2'" 1 
ATOM   889 O "O2'" . C   B 1 23 ? -0.898  29.498  1.816   1.00 73.02 ? 46  C   B "O2'" 1 
ATOM   890 C "C1'" . C   B 1 23 ? 0.729   27.781  1.211   1.00 70.16 ? 46  C   B "C1'" 1 
ATOM   891 N N1    . C   B 1 23 ? 2.062   27.382  1.692   1.00 67.34 ? 46  C   B N1    1 
ATOM   892 C C2    . C   B 1 23 ? 2.199   26.946  3.017   1.00 66.70 ? 46  C   B C2    1 
ATOM   893 O O2    . C   B 1 23 ? 1.188   26.877  3.732   1.00 67.65 ? 46  C   B O2    1 
ATOM   894 N N3    . C   B 1 23 ? 3.425   26.612  3.481   1.00 64.88 ? 46  C   B N3    1 
ATOM   895 C C4    . C   B 1 23 ? 4.486   26.696  2.677   1.00 64.70 ? 46  C   B C4    1 
ATOM   896 N N4    . C   B 1 23 ? 5.677   26.365  3.177   1.00 63.49 ? 46  C   B N4    1 
ATOM   897 C C5    . C   B 1 23 ? 4.373   27.123  1.321   1.00 64.85 ? 46  C   B C5    1 
ATOM   898 C C6    . C   B 1 23 ? 3.155   27.451  0.875   1.00 66.01 ? 46  C   B C6    1 
HETATM 899 C C11   . GET C 2 .  ? 7.898   10.720  6.020   1.00 47.60 ? 101 GET A C11   1 
HETATM 900 O O11   . GET C 2 .  ? 8.458   11.948  6.497   1.00 46.96 ? 101 GET A O11   1 
HETATM 901 C C21   . GET C 2 .  ? 7.524   9.817   7.271   1.00 47.86 ? 101 GET A C21   1 
HETATM 902 N N21   . GET C 2 .  ? 6.529   10.477  8.149   1.00 47.11 ? 101 GET A N21   1 
HETATM 903 C C31   . GET C 2 .  ? 8.808   9.496   8.077   1.00 47.29 ? 101 GET A C31   1 
HETATM 904 O O31   . GET C 2 .  ? 8.491   8.677   9.205   1.00 46.93 ? 101 GET A O31   1 
HETATM 905 C C41   . GET C 2 .  ? 9.811   8.797   7.142   1.00 47.18 ? 101 GET A C41   1 
HETATM 906 O O41   . GET C 2 .  ? 10.999  8.491   7.873   1.00 47.58 ? 101 GET A O41   1 
HETATM 907 C C51   . GET C 2 .  ? 10.131  9.732   5.913   1.00 47.48 ? 101 GET A C51   1 
HETATM 908 O O51   . GET C 2 .  ? 8.896   10.062  5.170   1.00 47.96 ? 101 GET A O51   1 
HETATM 909 C C61   . GET C 2 .  ? 11.127  9.063   4.933   1.00 47.56 ? 101 GET A C61   1 
HETATM 910 O O61   . GET C 2 .  ? 11.394  9.943   3.839   1.00 47.61 ? 101 GET A O61   1 
HETATM 911 C C71   . GET C 2 .  ? 10.566  7.761   4.383   1.00 43.20 ? 101 GET A C71   1 
HETATM 912 C C12   . GET C 2 .  ? 7.831   16.062  5.498   1.00 50.41 ? 101 GET A C12   1 
HETATM 913 N N12   . GET C 2 .  ? 7.729   17.303  4.726   1.00 50.89 ? 101 GET A N12   1 
HETATM 914 C C22   . GET C 2 .  ? 9.227   15.448  5.201   1.00 47.96 ? 101 GET A C22   1 
HETATM 915 C C32   . GET C 2 .  ? 9.363   14.143  6.031   1.00 47.36 ? 101 GET A C32   1 
HETATM 916 N N32   . GET C 2 .  ? 10.677  13.528  5.785   1.00 45.68 ? 101 GET A N32   1 
HETATM 917 C C42   . GET C 2 .  ? 8.248   13.129  5.658   1.00 48.69 ? 101 GET A C42   1 
HETATM 918 C C52   . GET C 2 .  ? 6.855   13.784  5.921   1.00 50.91 ? 101 GET A C52   1 
HETATM 919 O O52   . GET C 2 .  ? 5.826   12.851  5.566   1.00 51.33 ? 101 GET A O52   1 
HETATM 920 C C62   . GET C 2 .  ? 6.678   15.061  5.065   1.00 51.62 ? 101 GET A C62   1 
HETATM 921 O O62   . GET C 2 .  ? 5.373   15.611  5.374   1.00 52.70 ? 101 GET A O62   1 
HETATM 922 C C13   . GET C 2 .  ? 4.643   16.181  4.262   1.00 55.15 ? 101 GET A C13   1 
HETATM 923 C C23   . GET C 2 .  ? 3.983   17.503  4.803   1.00 56.73 ? 101 GET A C23   1 
HETATM 924 O O23   . GET C 2 .  ? 4.991   18.400  5.242   1.00 59.12 ? 101 GET A O23   1 
HETATM 925 C C33   . GET C 2 .  ? 2.999   17.140  5.979   1.00 57.06 ? 101 GET A C33   1 
HETATM 926 N N33   . GET C 2 .  ? 2.355   18.370  6.532   1.00 57.89 ? 101 GET A N33   1 
HETATM 927 C C93   . GET C 2 .  ? 3.038   18.744  7.789   1.00 56.37 ? 101 GET A C93   1 
HETATM 928 C C43   . GET C 2 .  ? 1.916   16.161  5.433   1.00 57.97 ? 101 GET A C43   1 
HETATM 929 O O43   . GET C 2 .  ? 1.195   16.813  4.389   1.00 58.92 ? 101 GET A O43   1 
HETATM 930 C C83   . GET C 2 .  ? 0.923   15.751  6.518   1.00 57.77 ? 101 GET A C83   1 
HETATM 931 C C53   . GET C 2 .  ? 2.618   14.888  4.860   1.00 56.47 ? 101 GET A C53   1 
HETATM 932 O O53   . GET C 2 .  ? 3.591   15.250  3.808   1.00 54.52 ? 101 GET A O53   1 
HETATM 933 C C11   . GET D 2 .  ? -8.350  -11.074 -5.422  1.00 43.86 ? 101 GET B C11   1 
HETATM 934 O O11   . GET D 2 .  ? -8.851  -12.353 -5.880  1.00 44.96 ? 101 GET B O11   1 
HETATM 935 C C21   . GET D 2 .  ? -9.523  -10.312 -4.674  1.00 43.16 ? 101 GET B C21   1 
HETATM 936 N N21   . GET D 2 .  ? -9.981  -11.077 -3.501  1.00 43.93 ? 101 GET B N21   1 
HETATM 937 C C31   . GET D 2 .  ? -10.710 -10.086 -5.676  1.00 42.11 ? 101 GET B C31   1 
HETATM 938 O O31   . GET D 2 .  ? -11.799 -9.390  -5.037  1.00 35.45 ? 101 GET B O31   1 
HETATM 939 C C41   . GET D 2 .  ? -10.176 -9.286  -6.885  1.00 41.43 ? 101 GET B C41   1 
HETATM 940 O O41   . GET D 2 .  ? -11.250 -9.070  -7.824  1.00 41.13 ? 101 GET B O41   1 
HETATM 941 C C51   . GET D 2 .  ? -8.983  -10.069 -7.569  1.00 40.34 ? 101 GET B C51   1 
HETATM 942 O O51   . GET D 2 .  ? -7.898  -10.308 -6.590  1.00 43.47 ? 101 GET B O51   1 
HETATM 943 C C61   . GET D 2 .  ? -8.385  -9.270  -8.761  1.00 40.55 ? 101 GET B C61   1 
HETATM 944 O O61   . GET D 2 .  ? -7.335  -10.012 -9.385  1.00 38.99 ? 101 GET B O61   1 
HETATM 945 C C71   . GET D 2 .  ? -7.794  -7.946  -8.281  1.00 36.82 ? 101 GET B C71   1 
HETATM 946 C C12   . GET D 2 .  ? -7.321  -16.364 -5.892  1.00 49.02 ? 101 GET B C12   1 
HETATM 947 N N12   . GET D 2 .  ? -6.432  -17.512 -6.060  1.00 48.58 ? 101 GET B N12   1 
HETATM 948 C C22   . GET D 2 .  ? -7.437  -15.634 -7.281  1.00 47.01 ? 101 GET B C22   1 
HETATM 949 C C32   . GET D 2 .  ? -8.405  -14.419 -7.094  1.00 46.24 ? 101 GET B C32   1 
HETATM 950 N N32   . GET D 2 .  ? -8.548  -13.696 -8.366  1.00 45.56 ? 101 GET B N32   1 
HETATM 951 C C42   . GET D 2 .  ? -7.875  -13.437 -6.000  1.00 45.88 ? 101 GET B C42   1 
HETATM 952 C C52   . GET D 2 .  ? -7.724  -14.204 -4.658  1.00 47.56 ? 101 GET B C52   1 
HETATM 953 O O52   . GET D 2 .  ? -7.233  -13.301 -3.671  1.00 49.49 ? 101 GET B O52   1 
HETATM 954 C C62   . GET D 2 .  ? -6.724  -15.378 -4.797  1.00 47.97 ? 101 GET B C62   1 
HETATM 955 O O62   . GET D 2 .  ? -6.649  -16.027 -3.526  1.00 46.62 ? 101 GET B O62   1 
HETATM 956 C C13   . GET D 2 .  ? -5.327  -16.388 -3.079  1.00 47.59 ? 101 GET B C13   1 
HETATM 957 C C23   . GET D 2 .  ? -5.507  -17.779 -2.379  1.00 49.04 ? 101 GET B C23   1 
HETATM 958 O O23   . GET D 2 .  ? -5.954  -18.740 -3.328  1.00 50.01 ? 101 GET B O23   1 
HETATM 959 C C33   . GET D 2 .  ? -6.547  -17.609 -1.201  1.00 49.51 ? 101 GET B C33   1 
HETATM 960 N N33   . GET D 2 .  ? -6.780  -18.900 -0.509  1.00 52.11 ? 101 GET B N33   1 
HETATM 961 C C93   . GET D 2 .  ? -8.123  -19.377 -0.886  1.00 51.88 ? 101 GET B C93   1 
HETATM 962 C C43   . GET D 2 .  ? -6.011  -16.545 -0.187  1.00 50.15 ? 101 GET B C43   1 
HETATM 963 O O43   . GET D 2 .  ? -4.778  -16.997 0.370   1.00 49.89 ? 101 GET B O43   1 
HETATM 964 C C83   . GET D 2 .  ? -6.975  -16.309 0.977   1.00 49.43 ? 101 GET B C83   1 
HETATM 965 C C53   . GET D 2 .  ? -5.778  -15.209 -0.956  1.00 49.64 ? 101 GET B C53   1 
HETATM 966 O O53   . GET D 2 .  ? -4.854  -15.406 -2.099  1.00 48.59 ? 101 GET B O53   1 
HETATM 967 O O     . HOH E 3 .  ? -10.915 -4.692  -10.329 1.00 45.13 ? 201 HOH A O     1 
HETATM 968 O O     . HOH E 3 .  ? -11.493 -3.461  -6.693  1.00 38.70 ? 202 HOH A O     1 
HETATM 969 O O     . HOH E 3 .  ? -1.024  9.426   1.292   1.00 44.97 ? 203 HOH A O     1 
HETATM 970 O O     . HOH E 3 .  ? -19.345 -10.306 3.307   1.00 54.94 ? 204 HOH A O     1 
HETATM 971 O O     . HOH E 3 .  ? 0.047   5.933   -3.248  1.00 56.73 ? 205 HOH A O     1 
HETATM 972 O O     . HOH E 3 .  ? 8.106   24.255  4.617   1.00 63.63 ? 206 HOH A O     1 
HETATM 973 O O     . HOH F 3 .  ? -9.510  -7.006  -11.676 1.00 36.14 ? 201 HOH B O     1 
HETATM 974 O O     . HOH F 3 .  ? -3.477  -8.179  -1.406  1.00 56.00 ? 202 HOH B O     1 
HETATM 975 O O     . HOH F 3 .  ? -2.360  -4.206  -2.237  1.00 43.14 ? 203 HOH B O     1 
HETATM 976 O O     . HOH F 3 .  ? -1.629  3.859   2.336   1.00 55.95 ? 204 HOH B O     1 
HETATM 977 O O     . HOH F 3 .  ? -1.863  -9.179  -11.005 1.00 74.41 ? 205 HOH B O     1 
# 
